data_5T0B
#
_entry.id   5T0B
#
_cell.length_a   185.522
_cell.length_b   98.927
_cell.length_c   133.664
_cell.angle_alpha   90.00
_cell.angle_beta   126.63
_cell.angle_gamma   90.00
#
_symmetry.space_group_name_H-M   'C 1 2 1'
#
loop_
_entity.id
_entity.type
_entity.pdbx_description
1 polymer Hemagglutinin
2 polymer 'Hemagglutinin HA2 chain'
3 branched 'N-acetyl-alpha-neuraminic acid-(2-6)-beta-D-galactopyranose-(1-4)-2-acetamido-2-deoxy-beta-D-glucopyranose'
4 non-polymer 2-acetamido-2-deoxy-beta-D-glucopyranose
5 water water
#
loop_
_entity_poly.entity_id
_entity_poly.type
_entity_poly.pdbx_seq_one_letter_code
_entity_poly.pdbx_strand_id
1 'polypeptide(L)'
;ADPGDKICIGYHANNSTTQVDTLLEKNVTVTHSVELLENQKEKRFCKIMNKAPLDLKDCTIEGWILGNPKCDLLLGDQSW
SYIVERPNAQNGICYPGVLNELEELKAFIGSGERVERFEMFPKSTWAGVDTSRGVTNACPSYTIDSSFYRNLVWIVKTDS
ATYPVIKGTYNNTGTQPILYFWGVHHPLDTTVQDNLYGSGDKYVRMGTESMNFAKSPEIAARPAVNDQRSRIDYYWSVLR
PGETLNVESNGNLIAPWYAYKFVSTNKKGAVFKSDLPIENCDATCQTITGVLRTNKTFQNVSPLWIGECPKYVKSESLRL
ATGLRNVPQIATR
;
A,C,E
2 'polypeptide(L)'
;GIFGAIAGFIEGGWTGMIDGWYGYHHENSQGSGYAADRESTQKAIDGITNKVNSIINKMNTQFEAVDHEFSNLERRIGNL
NKRMEDGFLDVWTYNAELLVLLENERTLDLHDANVKNLYEKVKSQLRDNANDLGNGCFEFWHKCDNECMESVKNGTYDYP
KYQKESKLNRQGIEGRLVPR
;
B,D,F
#
loop_
_chem_comp.id
_chem_comp.type
_chem_comp.name
_chem_comp.formula
GAL D-saccharide, beta linking beta-D-galactopyranose 'C6 H12 O6'
NAG D-saccharide, beta linking 2-acetamido-2-deoxy-beta-D-glucopyranose 'C8 H15 N O6'
SIA D-saccharide, alpha linking 'N-acetyl-alpha-neuraminic acid' 'C11 H19 N O9'
#
# COMPACT_ATOMS: atom_id res chain seq x y z
N PRO A 3 55.30 9.94 -40.79
CA PRO A 3 53.99 9.85 -40.12
C PRO A 3 53.71 11.08 -39.24
N GLY A 4 52.49 11.60 -39.29
CA GLY A 4 52.13 12.81 -38.58
C GLY A 4 51.68 12.59 -37.13
N ASP A 5 52.05 13.51 -36.23
CA ASP A 5 51.70 13.40 -34.81
C ASP A 5 50.18 13.35 -34.59
N LYS A 6 49.70 12.47 -33.70
CA LYS A 6 48.24 12.20 -33.50
C LYS A 6 47.90 12.49 -32.04
N ILE A 7 46.72 13.03 -31.81
CA ILE A 7 46.08 12.90 -30.49
C ILE A 7 44.62 12.50 -30.71
N CYS A 8 44.18 11.50 -29.92
CA CYS A 8 42.84 10.90 -30.04
C CYS A 8 42.11 11.02 -28.71
N ILE A 9 40.79 11.13 -28.78
CA ILE A 9 39.97 11.18 -27.59
C ILE A 9 39.17 9.89 -27.51
N GLY A 10 39.08 9.30 -26.32
CA GLY A 10 38.46 7.99 -26.18
C GLY A 10 38.09 7.62 -24.75
N TYR A 11 37.79 6.34 -24.52
CA TYR A 11 37.27 5.91 -23.24
C TYR A 11 37.82 4.58 -22.81
N HIS A 12 37.71 4.34 -21.50
CA HIS A 12 38.14 3.12 -20.87
C HIS A 12 37.35 1.90 -21.34
N ALA A 13 38.06 0.79 -21.50
CA ALA A 13 37.45 -0.52 -21.68
C ALA A 13 38.24 -1.48 -20.80
N ASN A 14 37.66 -2.61 -20.46
CA ASN A 14 38.33 -3.61 -19.63
C ASN A 14 37.80 -5.03 -19.95
N ASN A 15 38.20 -6.02 -19.16
CA ASN A 15 37.78 -7.41 -19.43
C ASN A 15 36.43 -7.76 -18.80
N SER A 16 35.76 -6.79 -18.18
CA SER A 16 34.47 -7.09 -17.56
C SER A 16 33.50 -7.74 -18.55
N THR A 17 32.84 -8.80 -18.11
CA THR A 17 31.75 -9.42 -18.85
C THR A 17 30.39 -9.19 -18.15
N THR A 18 30.38 -8.37 -17.10
CA THR A 18 29.16 -8.12 -16.33
C THR A 18 28.21 -7.21 -17.11
N GLN A 19 26.93 -7.61 -17.18
CA GLN A 19 25.94 -6.87 -17.94
C GLN A 19 24.87 -6.19 -17.10
N VAL A 20 24.21 -5.19 -17.68
CA VAL A 20 23.03 -4.57 -17.10
C VAL A 20 21.94 -4.45 -18.15
N ASP A 21 20.73 -4.13 -17.70
CA ASP A 21 19.64 -3.79 -18.60
C ASP A 21 19.30 -2.31 -18.44
N THR A 22 18.84 -1.68 -19.51
CA THR A 22 18.27 -0.34 -19.45
C THR A 22 16.90 -0.36 -20.08
N LEU A 23 16.19 0.77 -20.01
CA LEU A 23 14.89 0.89 -20.67
C LEU A 23 14.99 0.60 -22.20
N LEU A 24 16.12 0.98 -22.83
CA LEU A 24 16.27 0.92 -24.29
C LEU A 24 16.93 -0.39 -24.75
N GLU A 25 17.64 -1.06 -23.85
CA GLU A 25 18.52 -2.16 -24.26
C GLU A 25 18.83 -3.16 -23.15
N LYS A 26 18.71 -4.45 -23.47
CA LYS A 26 19.01 -5.51 -22.51
C LYS A 26 20.45 -5.95 -22.70
N ASN A 27 21.06 -6.53 -21.66
CA ASN A 27 22.39 -7.13 -21.78
C ASN A 27 23.50 -6.22 -22.29
N VAL A 28 23.61 -5.07 -21.68
CA VAL A 28 24.72 -4.17 -21.97
C VAL A 28 25.89 -4.48 -21.07
N THR A 29 27.01 -4.92 -21.63
CA THR A 29 28.24 -5.11 -20.85
C THR A 29 28.84 -3.78 -20.44
N VAL A 30 29.15 -3.61 -19.16
CA VAL A 30 29.66 -2.33 -18.69
C VAL A 30 30.94 -2.54 -17.89
N THR A 31 31.72 -1.48 -17.77
CA THR A 31 33.06 -1.60 -17.21
C THR A 31 33.02 -1.70 -15.69
N HIS A 32 32.06 -1.00 -15.07
CA HIS A 32 31.84 -1.03 -13.61
C HIS A 32 30.35 -1.03 -13.30
N SER A 33 29.97 -1.77 -12.25
CA SER A 33 28.57 -1.85 -11.85
C SER A 33 28.49 -2.28 -10.36
N VAL A 34 27.33 -2.06 -9.75
CA VAL A 34 27.07 -2.47 -8.36
C VAL A 34 25.82 -3.37 -8.32
N GLU A 35 25.92 -4.56 -7.73
CA GLU A 35 24.72 -5.34 -7.44
C GLU A 35 24.08 -4.82 -6.15
N LEU A 36 22.83 -4.39 -6.22
CA LEU A 36 22.15 -3.78 -5.08
C LEU A 36 21.35 -4.79 -4.24
N LEU A 37 21.18 -5.99 -4.78
CA LEU A 37 20.31 -7.01 -4.17
C LEU A 37 21.09 -8.21 -3.67
N GLU A 38 20.70 -8.65 -2.48
CA GLU A 38 21.31 -9.80 -1.81
C GLU A 38 20.39 -11.02 -1.93
N ASN A 39 20.91 -12.12 -2.45
CA ASN A 39 20.15 -13.37 -2.53
C ASN A 39 20.72 -14.51 -1.67
N GLN A 40 21.73 -14.19 -0.85
CA GLN A 40 22.40 -15.19 -0.04
C GLN A 40 22.02 -15.07 1.44
N LYS A 41 21.94 -16.22 2.11
CA LYS A 41 21.50 -16.31 3.50
C LYS A 41 22.24 -17.47 4.19
N GLU A 42 22.36 -17.38 5.52
CA GLU A 42 22.83 -18.51 6.32
C GLU A 42 21.59 -19.22 6.85
N LYS A 43 21.45 -20.50 6.57
CA LYS A 43 20.24 -21.20 6.91
C LYS A 43 20.23 -21.65 8.38
N ARG A 44 20.02 -20.67 9.26
CA ARG A 44 20.06 -20.91 10.69
C ARG A 44 19.52 -19.71 11.46
N PHE A 45 19.24 -19.90 12.74
CA PHE A 45 18.83 -18.80 13.60
C PHE A 45 19.97 -18.38 14.52
N CYS A 46 20.20 -17.07 14.65
CA CYS A 46 21.30 -16.53 15.46
C CYS A 46 20.75 -15.58 16.52
N LYS A 47 21.63 -15.12 17.41
CA LYS A 47 21.28 -14.16 18.46
C LYS A 47 21.14 -12.78 17.87
N ILE A 48 20.22 -11.98 18.41
CA ILE A 48 19.94 -10.71 17.76
C ILE A 48 20.40 -9.46 18.51
N MET A 49 20.05 -9.28 19.77
CA MET A 49 20.67 -8.14 20.46
C MET A 49 21.66 -8.71 21.47
N ASN A 50 22.44 -9.67 20.98
CA ASN A 50 23.24 -10.54 21.83
C ASN A 50 22.31 -11.36 22.72
N LYS A 51 21.09 -11.54 22.23
CA LYS A 51 20.05 -12.28 22.94
C LYS A 51 19.64 -13.49 22.16
N ALA A 52 19.70 -14.63 22.83
CA ALA A 52 19.30 -15.89 22.22
C ALA A 52 17.79 -15.93 22.07
N PRO A 53 17.33 -16.56 20.97
CA PRO A 53 15.90 -16.83 20.78
C PRO A 53 15.47 -18.00 21.65
N LEU A 54 14.17 -18.10 21.85
CA LEU A 54 13.60 -19.17 22.63
C LEU A 54 13.27 -20.34 21.70
N ASP A 55 13.95 -21.48 21.89
CA ASP A 55 13.65 -22.70 21.14
C ASP A 55 12.57 -23.50 21.87
N LEU A 56 11.40 -23.63 21.27
CA LEU A 56 10.31 -24.32 21.94
C LEU A 56 10.39 -25.84 21.73
N LYS A 57 11.20 -26.27 20.76
CA LYS A 57 11.52 -27.69 20.55
C LYS A 57 10.33 -28.58 20.22
N ASP A 58 9.98 -29.53 21.09
CA ASP A 58 8.85 -30.40 20.78
C ASP A 58 7.56 -29.85 21.40
N CYS A 59 7.58 -28.61 21.89
CA CYS A 59 6.38 -27.95 22.42
C CYS A 59 5.87 -26.82 21.55
N THR A 60 4.55 -26.67 21.48
CA THR A 60 3.94 -25.52 20.83
C THR A 60 3.87 -24.34 21.78
N ILE A 61 3.53 -23.15 21.26
CA ILE A 61 3.31 -22.02 22.15
C ILE A 61 2.27 -22.35 23.24
N GLU A 62 1.18 -23.02 22.88
CA GLU A 62 0.18 -23.43 23.89
C GLU A 62 0.81 -24.33 24.97
N GLY A 63 1.47 -25.40 24.55
CA GLY A 63 2.09 -26.37 25.43
C GLY A 63 3.02 -25.70 26.41
N TRP A 64 3.81 -24.77 25.89
CA TRP A 64 4.73 -23.96 26.69
C TRP A 64 4.03 -23.15 27.80
N ILE A 65 3.19 -22.16 27.46
CA ILE A 65 2.72 -21.25 28.51
C ILE A 65 1.62 -21.79 29.39
N LEU A 66 0.99 -22.90 29.00
CA LEU A 66 0.01 -23.63 29.84
C LEU A 66 0.74 -24.55 30.82
N GLY A 67 2.00 -24.85 30.50
CA GLY A 67 2.79 -25.78 31.28
C GLY A 67 2.40 -27.23 31.05
N ASN A 68 2.13 -27.63 29.80
CA ASN A 68 2.08 -29.05 29.42
C ASN A 68 3.18 -29.80 30.19
N PRO A 69 2.83 -30.88 30.92
CA PRO A 69 3.83 -31.56 31.75
C PRO A 69 5.08 -31.99 30.95
N LYS A 70 4.90 -32.43 29.71
CA LYS A 70 6.04 -32.81 28.86
C LYS A 70 6.91 -31.62 28.41
N CYS A 71 6.54 -30.41 28.82
CA CYS A 71 7.28 -29.23 28.43
C CYS A 71 8.11 -28.65 29.57
N ASP A 72 8.46 -29.45 30.58
CA ASP A 72 9.15 -28.89 31.75
C ASP A 72 10.55 -28.35 31.47
N LEU A 73 11.06 -28.63 30.28
CA LEU A 73 12.36 -28.12 29.89
C LEU A 73 12.31 -26.60 29.84
N LEU A 74 11.18 -26.08 29.36
CA LEU A 74 10.96 -24.66 29.22
C LEU A 74 10.37 -23.99 30.47
N LEU A 75 10.06 -24.78 31.49
CA LEU A 75 9.47 -24.25 32.71
C LEU A 75 10.32 -23.21 33.39
N GLY A 76 9.67 -22.20 33.94
CA GLY A 76 10.39 -21.15 34.63
C GLY A 76 10.54 -19.86 33.86
N ASP A 77 11.47 -19.03 34.30
CA ASP A 77 11.74 -17.76 33.68
C ASP A 77 12.35 -17.93 32.31
N GLN A 78 11.98 -17.05 31.39
CA GLN A 78 12.51 -17.09 30.04
C GLN A 78 12.73 -15.69 29.49
N SER A 79 13.81 -15.51 28.75
CA SER A 79 14.12 -14.26 28.09
C SER A 79 14.49 -14.58 26.64
N TRP A 80 14.08 -13.76 25.68
CA TRP A 80 14.29 -14.05 24.26
C TRP A 80 14.17 -12.81 23.39
N SER A 81 14.84 -12.87 22.25
CA SER A 81 14.82 -11.82 21.23
C SER A 81 13.76 -12.15 20.18
N TYR A 82 13.53 -13.45 20.00
CA TYR A 82 12.41 -13.96 19.22
C TYR A 82 12.14 -15.40 19.59
N ILE A 83 11.00 -15.92 19.15
CA ILE A 83 10.62 -17.29 19.42
C ILE A 83 10.65 -18.19 18.17
N VAL A 84 11.23 -19.39 18.29
CA VAL A 84 11.16 -20.36 17.19
C VAL A 84 10.28 -21.57 17.54
N GLU A 85 9.24 -21.79 16.75
CA GLU A 85 8.32 -22.90 17.00
C GLU A 85 8.43 -23.93 15.88
N ARG A 86 8.71 -25.19 16.25
CA ARG A 86 8.92 -26.24 15.25
C ARG A 86 7.60 -26.71 14.67
N PRO A 87 7.53 -26.84 13.34
CA PRO A 87 6.29 -27.18 12.62
C PRO A 87 5.67 -28.52 13.04
N ASN A 88 6.44 -29.39 13.69
CA ASN A 88 5.84 -30.66 14.06
C ASN A 88 5.92 -30.98 15.56
N ALA A 89 6.08 -29.94 16.37
CA ALA A 89 6.01 -30.09 17.83
C ALA A 89 4.75 -30.86 18.20
N GLN A 90 4.86 -31.78 19.16
CA GLN A 90 3.77 -32.71 19.47
C GLN A 90 2.95 -32.28 20.70
N ASN A 91 3.63 -31.61 21.63
CA ASN A 91 3.06 -31.28 22.93
C ASN A 91 2.43 -29.92 22.97
N GLY A 92 1.12 -29.90 22.78
CA GLY A 92 0.39 -28.66 22.85
C GLY A 92 -0.69 -28.75 23.91
N ILE A 93 -1.92 -28.64 23.47
CA ILE A 93 -3.06 -28.82 24.35
C ILE A 93 -3.31 -30.30 24.41
N CYS A 94 -3.14 -30.89 25.60
CA CYS A 94 -3.20 -32.35 25.73
C CYS A 94 -4.60 -32.84 26.14
N TYR A 95 -5.27 -32.09 27.01
CA TYR A 95 -6.68 -32.34 27.27
C TYR A 95 -7.49 -31.55 26.27
N PRO A 96 -8.31 -32.23 25.45
CA PRO A 96 -8.91 -31.56 24.29
C PRO A 96 -9.82 -30.39 24.66
N GLY A 97 -9.84 -29.39 23.78
CA GLY A 97 -10.57 -28.17 24.02
C GLY A 97 -9.93 -27.01 23.31
N VAL A 98 -10.58 -25.86 23.34
CA VAL A 98 -10.14 -24.64 22.66
C VAL A 98 -9.43 -23.64 23.58
N LEU A 99 -8.28 -23.12 23.16
CA LEU A 99 -7.69 -21.97 23.84
C LEU A 99 -8.29 -20.70 23.24
N ASN A 100 -9.23 -20.06 23.94
CA ASN A 100 -9.99 -18.96 23.35
C ASN A 100 -9.12 -17.73 23.05
N GLU A 101 -9.47 -17.04 21.95
CA GLU A 101 -8.69 -15.93 21.40
C GLU A 101 -7.21 -16.31 21.29
N LEU A 102 -6.95 -17.38 20.55
CA LEU A 102 -5.61 -17.95 20.46
C LEU A 102 -4.69 -17.04 19.66
N GLU A 103 -5.23 -16.47 18.59
CA GLU A 103 -4.38 -15.75 17.65
C GLU A 103 -3.90 -14.50 18.33
N GLU A 104 -4.80 -13.93 19.11
CA GLU A 104 -4.48 -12.71 19.77
C GLU A 104 -3.54 -12.97 20.99
N LEU A 105 -3.56 -14.16 21.56
CA LEU A 105 -2.57 -14.55 22.57
C LEU A 105 -1.18 -14.76 21.93
N LYS A 106 -1.13 -15.43 20.80
CA LYS A 106 0.14 -15.66 20.11
C LYS A 106 0.73 -14.26 19.75
N ALA A 107 -0.11 -13.34 19.28
CA ALA A 107 0.32 -11.96 19.00
C ALA A 107 0.83 -11.24 20.26
N PHE A 108 0.17 -11.44 21.41
CA PHE A 108 0.62 -10.84 22.65
C PHE A 108 1.97 -11.41 23.11
N ILE A 109 2.12 -12.74 23.03
CA ILE A 109 3.39 -13.36 23.45
C ILE A 109 4.59 -12.92 22.56
N GLY A 110 4.41 -12.87 21.25
CA GLY A 110 5.38 -12.16 20.42
C GLY A 110 5.11 -10.75 20.88
N SER A 111 6.11 -9.87 20.89
CA SER A 111 6.03 -8.50 21.51
C SER A 111 6.34 -8.54 23.00
N GLY A 112 6.68 -9.72 23.51
CA GLY A 112 7.20 -9.86 24.86
C GLY A 112 8.67 -10.20 24.71
N GLU A 113 9.51 -9.78 25.63
CA GLU A 113 10.92 -10.17 25.61
C GLU A 113 11.34 -11.05 26.80
N ARG A 114 10.44 -11.21 27.77
CA ARG A 114 10.76 -11.96 28.98
C ARG A 114 9.53 -12.23 29.87
N VAL A 115 9.50 -13.41 30.50
CA VAL A 115 8.48 -13.75 31.49
C VAL A 115 9.09 -14.31 32.77
N GLU A 116 8.48 -13.99 33.91
CA GLU A 116 8.85 -14.60 35.20
C GLU A 116 7.70 -15.44 35.72
N ARG A 117 7.94 -16.74 35.88
CA ARG A 117 6.90 -17.63 36.36
C ARG A 117 6.80 -17.46 37.88
N PHE A 118 5.59 -17.59 38.41
CA PHE A 118 5.38 -17.45 39.84
C PHE A 118 4.03 -18.01 40.22
N GLU A 119 3.93 -18.44 41.47
CA GLU A 119 2.68 -18.94 41.97
C GLU A 119 1.73 -17.79 42.21
N MET A 120 0.61 -17.79 41.49
CA MET A 120 -0.35 -16.69 41.62
C MET A 120 -1.43 -17.05 42.65
N PHE A 121 -2.04 -18.22 42.49
CA PHE A 121 -3.00 -18.73 43.46
C PHE A 121 -2.52 -20.05 44.08
N PRO A 122 -2.15 -20.01 45.38
CA PRO A 122 -1.73 -21.23 46.08
C PRO A 122 -2.88 -22.20 46.17
N LYS A 123 -2.61 -23.50 46.23
CA LYS A 123 -3.68 -24.48 46.30
C LYS A 123 -4.61 -24.27 47.50
N SER A 124 -4.07 -23.65 48.55
CA SER A 124 -4.79 -23.35 49.77
C SER A 124 -5.94 -22.36 49.57
N THR A 125 -5.86 -21.59 48.48
CA THR A 125 -6.78 -20.49 48.20
C THR A 125 -8.21 -21.00 48.16
N TRP A 126 -8.37 -22.19 47.62
CA TRP A 126 -9.70 -22.76 47.44
C TRP A 126 -10.01 -23.64 48.63
N ALA A 127 -11.18 -23.42 49.21
CA ALA A 127 -11.55 -24.01 50.49
C ALA A 127 -12.68 -25.03 50.32
N GLY A 128 -12.52 -26.19 50.95
CA GLY A 128 -13.56 -27.19 50.91
C GLY A 128 -13.59 -28.02 49.65
N VAL A 129 -12.50 -28.00 48.89
CA VAL A 129 -12.43 -28.76 47.66
C VAL A 129 -11.11 -29.53 47.56
N ASP A 130 -11.08 -30.55 46.71
CA ASP A 130 -9.87 -31.37 46.58
C ASP A 130 -8.98 -30.84 45.45
N THR A 131 -7.80 -30.37 45.82
CA THR A 131 -6.80 -29.96 44.86
C THR A 131 -6.08 -31.07 44.08
N SER A 132 -5.92 -32.23 44.69
CA SER A 132 -4.88 -33.16 44.25
C SER A 132 -5.34 -34.34 43.41
N ARG A 133 -6.62 -34.43 43.10
CA ARG A 133 -7.14 -35.49 42.24
C ARG A 133 -7.17 -35.01 40.75
N GLY A 134 -6.77 -33.76 40.52
CA GLY A 134 -6.93 -33.13 39.20
C GLY A 134 -5.86 -33.47 38.19
N VAL A 135 -5.97 -34.69 37.67
CA VAL A 135 -5.01 -35.28 36.76
C VAL A 135 -5.65 -36.14 35.65
N THR A 136 -4.96 -36.34 34.52
CA THR A 136 -5.56 -37.11 33.42
C THR A 136 -4.59 -37.94 32.59
N ASN A 137 -5.13 -38.98 31.97
CA ASN A 137 -4.44 -39.85 31.02
C ASN A 137 -4.04 -39.11 29.74
N ALA A 138 -4.81 -38.07 29.42
CA ALA A 138 -4.53 -37.22 28.28
C ALA A 138 -3.21 -36.45 28.44
N CYS A 139 -2.94 -35.94 29.64
CA CYS A 139 -1.71 -35.19 29.94
C CYS A 139 -0.54 -35.88 30.66
N PRO A 140 0.07 -36.90 30.05
CA PRO A 140 1.19 -37.46 30.79
C PRO A 140 2.39 -36.55 30.86
N SER A 141 3.11 -36.62 31.96
CA SER A 141 4.48 -36.14 31.98
C SER A 141 5.32 -37.24 31.33
N TYR A 142 6.62 -37.03 31.24
CA TYR A 142 7.48 -38.09 30.70
C TYR A 142 7.61 -39.17 31.77
N THR A 143 7.78 -38.76 33.01
CA THR A 143 7.82 -39.67 34.15
C THR A 143 6.48 -40.33 34.56
N ILE A 144 5.38 -39.59 34.59
CA ILE A 144 4.14 -40.08 35.21
C ILE A 144 3.01 -40.15 34.18
N ASP A 145 2.28 -41.26 34.15
CA ASP A 145 1.23 -41.47 33.14
C ASP A 145 0.07 -40.50 33.20
N SER A 146 -0.31 -40.15 34.41
CA SER A 146 -1.41 -39.24 34.59
C SER A 146 -0.92 -37.99 35.30
N SER A 147 -1.14 -36.83 34.68
CA SER A 147 -0.61 -35.55 35.16
C SER A 147 -1.50 -34.42 34.64
N PHE A 148 -1.10 -33.18 34.88
CA PHE A 148 -1.86 -32.02 34.40
C PHE A 148 -0.93 -30.85 34.16
N TYR A 149 -1.43 -29.83 33.47
CA TYR A 149 -0.65 -28.62 33.19
C TYR A 149 -0.05 -28.03 34.45
N ARG A 150 1.20 -27.57 34.38
CA ARG A 150 1.88 -27.03 35.54
C ARG A 150 1.27 -25.71 36.03
N ASN A 151 0.49 -25.04 35.18
CA ASN A 151 0.02 -23.69 35.52
C ASN A 151 -1.45 -23.61 35.93
N LEU A 152 -2.09 -24.77 36.01
CA LEU A 152 -3.52 -24.84 36.29
C LEU A 152 -3.78 -25.92 37.36
N VAL A 153 -4.82 -25.71 38.16
CA VAL A 153 -5.29 -26.77 39.06
C VAL A 153 -6.68 -27.18 38.64
N TRP A 154 -6.84 -28.47 38.34
CA TRP A 154 -8.14 -29.04 38.08
C TRP A 154 -8.82 -29.38 39.41
N ILE A 155 -9.68 -28.49 39.89
CA ILE A 155 -10.32 -28.67 41.19
C ILE A 155 -11.52 -29.61 41.13
N VAL A 156 -11.60 -30.48 42.13
CA VAL A 156 -12.65 -31.48 42.23
C VAL A 156 -13.32 -31.42 43.61
N LYS A 157 -14.61 -31.73 43.65
CA LYS A 157 -15.34 -31.87 44.90
C LYS A 157 -14.70 -32.94 45.78
N THR A 158 -14.71 -32.74 47.09
CA THR A 158 -14.18 -33.74 48.03
C THR A 158 -15.18 -34.88 48.26
N ASP A 159 -14.89 -35.77 49.21
CA ASP A 159 -15.78 -36.90 49.50
C ASP A 159 -17.15 -36.38 49.93
N SER A 160 -17.15 -35.24 50.62
CA SER A 160 -18.38 -34.53 50.91
C SER A 160 -19.11 -34.19 49.62
N ALA A 161 -20.42 -34.35 49.64
CA ALA A 161 -21.23 -34.27 48.42
C ALA A 161 -21.07 -32.92 47.77
N THR A 162 -20.92 -31.87 48.57
CA THR A 162 -21.00 -30.50 48.06
C THR A 162 -19.66 -29.90 47.61
N TYR A 163 -19.64 -29.41 46.38
CA TYR A 163 -18.63 -28.48 45.92
C TYR A 163 -19.09 -27.11 46.41
N PRO A 164 -18.36 -26.51 47.37
CA PRO A 164 -18.75 -25.21 47.92
C PRO A 164 -18.46 -24.05 46.99
N VAL A 165 -18.91 -22.84 47.36
CA VAL A 165 -18.45 -21.65 46.66
C VAL A 165 -17.02 -21.40 47.07
N ILE A 166 -16.16 -21.15 46.08
CA ILE A 166 -14.77 -20.87 46.36
C ILE A 166 -14.44 -19.53 45.73
N LYS A 167 -13.55 -18.82 46.39
CA LYS A 167 -13.23 -17.46 46.01
C LYS A 167 -11.74 -17.32 46.06
N GLY A 168 -11.22 -16.44 45.22
CA GLY A 168 -9.79 -16.19 45.20
C GLY A 168 -9.55 -14.77 44.76
N THR A 169 -8.58 -14.13 45.39
CA THR A 169 -8.23 -12.77 45.04
C THR A 169 -6.74 -12.71 44.82
N TYR A 170 -6.34 -11.90 43.85
CA TYR A 170 -4.93 -11.59 43.63
C TYR A 170 -4.84 -10.15 43.21
N ASN A 171 -4.04 -9.38 43.96
CA ASN A 171 -3.87 -7.96 43.70
C ASN A 171 -2.50 -7.68 43.14
N ASN A 172 -2.43 -7.01 41.99
CA ASN A 172 -1.14 -6.76 41.36
C ASN A 172 -0.56 -5.43 41.87
N THR A 173 0.38 -5.53 42.81
CA THR A 173 1.05 -4.37 43.35
C THR A 173 2.39 -4.13 42.63
N GLY A 174 2.64 -4.99 41.63
CA GLY A 174 3.83 -4.95 40.80
C GLY A 174 3.82 -3.87 39.73
N THR A 175 4.96 -3.70 39.09
CA THR A 175 5.11 -2.76 37.98
C THR A 175 4.84 -3.42 36.62
N GLN A 176 4.53 -4.72 36.62
CA GLN A 176 4.40 -5.46 35.37
C GLN A 176 3.08 -6.16 35.22
N PRO A 177 2.60 -6.24 33.97
CA PRO A 177 1.36 -6.95 33.74
C PRO A 177 1.61 -8.43 34.00
N ILE A 178 0.59 -9.13 34.45
CA ILE A 178 0.64 -10.56 34.66
C ILE A 178 -0.20 -11.28 33.61
N LEU A 179 0.44 -12.17 32.85
CA LEU A 179 -0.27 -13.03 31.92
C LEU A 179 -0.71 -14.29 32.66
N TYR A 180 -2.00 -14.62 32.69
CA TYR A 180 -2.46 -15.80 33.43
C TYR A 180 -3.56 -16.56 32.70
N PHE A 181 -3.80 -17.80 33.12
CA PHE A 181 -4.71 -18.70 32.43
C PHE A 181 -5.68 -19.37 33.38
N TRP A 182 -6.84 -19.74 32.87
CA TRP A 182 -7.79 -20.54 33.64
C TRP A 182 -8.59 -21.37 32.66
N GLY A 183 -9.56 -22.12 33.15
CA GLY A 183 -10.39 -22.91 32.28
C GLY A 183 -11.76 -23.27 32.83
N VAL A 184 -12.62 -23.79 31.96
CA VAL A 184 -13.91 -24.31 32.35
C VAL A 184 -14.10 -25.70 31.77
N HIS A 185 -14.31 -26.68 32.63
CA HIS A 185 -14.41 -28.07 32.20
C HIS A 185 -15.84 -28.43 31.80
N HIS A 186 -15.96 -29.06 30.64
CA HIS A 186 -17.23 -29.53 30.08
C HIS A 186 -17.31 -31.05 30.02
N PRO A 187 -17.89 -31.69 31.06
CA PRO A 187 -18.04 -33.15 31.03
C PRO A 187 -18.86 -33.65 29.86
N LEU A 188 -18.54 -34.86 29.41
CA LEU A 188 -19.31 -35.58 28.40
C LEU A 188 -20.69 -35.91 28.94
N ASP A 189 -20.74 -36.15 30.26
CA ASP A 189 -21.88 -36.70 31.01
C ASP A 189 -22.42 -35.86 32.16
N THR A 190 -23.73 -35.98 32.41
CA THR A 190 -24.29 -35.44 33.64
C THR A 190 -23.85 -36.34 34.79
N THR A 191 -23.47 -37.56 34.44
CA THR A 191 -22.94 -38.52 35.40
C THR A 191 -21.56 -38.11 35.88
N VAL A 192 -20.68 -37.78 34.92
CA VAL A 192 -19.34 -37.31 35.24
C VAL A 192 -19.44 -35.94 35.93
N GLN A 193 -20.37 -35.11 35.45
CA GLN A 193 -20.66 -33.85 36.13
C GLN A 193 -21.03 -34.09 37.60
N ASP A 194 -21.98 -34.99 37.85
CA ASP A 194 -22.37 -35.25 39.25
C ASP A 194 -21.18 -35.77 40.04
N ASN A 195 -20.46 -36.69 39.42
CA ASN A 195 -19.35 -37.36 40.07
C ASN A 195 -18.26 -36.39 40.53
N LEU A 196 -17.86 -35.46 39.64
CA LEU A 196 -16.74 -34.54 39.88
C LEU A 196 -17.09 -33.27 40.67
N TYR A 197 -18.26 -32.71 40.43
CA TYR A 197 -18.61 -31.45 41.07
C TYR A 197 -19.91 -31.67 41.84
N GLY A 198 -20.56 -30.59 42.27
CA GLY A 198 -21.78 -30.78 43.02
C GLY A 198 -22.91 -31.29 42.15
N SER A 199 -24.13 -31.12 42.63
CA SER A 199 -25.33 -31.26 41.81
C SER A 199 -25.77 -29.82 41.50
N GLY A 200 -26.72 -29.65 40.60
CA GLY A 200 -27.25 -28.33 40.31
C GLY A 200 -26.40 -27.37 39.49
N ASP A 201 -26.91 -26.16 39.30
CA ASP A 201 -26.36 -25.18 38.35
C ASP A 201 -24.96 -24.70 38.75
N LYS A 202 -23.98 -24.77 37.86
CA LYS A 202 -22.62 -24.34 38.19
C LYS A 202 -22.16 -23.14 37.36
N TYR A 203 -21.17 -22.40 37.88
CA TYR A 203 -20.67 -21.18 37.23
C TYR A 203 -19.21 -20.91 37.55
N VAL A 204 -18.57 -20.15 36.66
CA VAL A 204 -17.25 -19.61 36.87
C VAL A 204 -17.31 -18.13 36.60
N ARG A 205 -17.09 -17.32 37.62
CA ARG A 205 -17.18 -15.89 37.46
C ARG A 205 -15.84 -15.28 37.88
N MET A 206 -15.40 -14.30 37.11
CA MET A 206 -14.12 -13.67 37.38
C MET A 206 -14.23 -12.22 36.99
N GLY A 207 -13.62 -11.34 37.78
CA GLY A 207 -13.68 -9.94 37.48
C GLY A 207 -12.43 -9.20 37.92
N THR A 208 -12.15 -8.12 37.22
CA THR A 208 -11.12 -7.16 37.59
C THR A 208 -11.79 -5.80 37.52
N GLU A 209 -11.02 -4.73 37.66
CA GLU A 209 -11.58 -3.38 37.56
C GLU A 209 -11.96 -3.00 36.13
N SER A 210 -11.53 -3.82 35.17
CA SER A 210 -11.75 -3.52 33.75
C SER A 210 -12.26 -4.73 32.96
N MET A 211 -12.35 -5.89 33.59
CA MET A 211 -12.79 -7.12 32.93
C MET A 211 -13.82 -7.91 33.73
N ASN A 212 -14.82 -8.46 33.03
CA ASN A 212 -15.70 -9.46 33.60
C ASN A 212 -15.69 -10.75 32.81
N PHE A 213 -15.93 -11.86 33.49
CA PHE A 213 -16.04 -13.14 32.84
C PHE A 213 -17.05 -14.00 33.56
N ALA A 214 -17.92 -14.65 32.79
CA ALA A 214 -18.89 -15.62 33.34
C ALA A 214 -19.13 -16.74 32.35
N LYS A 215 -18.96 -18.00 32.79
CA LYS A 215 -19.26 -19.17 31.94
C LYS A 215 -19.81 -20.30 32.78
N SER A 216 -20.80 -21.00 32.25
CA SER A 216 -21.32 -22.21 32.88
C SER A 216 -21.04 -23.44 32.00
N PRO A 217 -21.01 -24.64 32.59
CA PRO A 217 -20.66 -25.83 31.80
C PRO A 217 -21.68 -26.16 30.71
N GLU A 218 -21.16 -26.71 29.62
CA GLU A 218 -21.95 -27.06 28.44
C GLU A 218 -21.75 -28.56 28.24
N ILE A 219 -22.65 -29.33 28.82
CA ILE A 219 -22.50 -30.78 28.97
C ILE A 219 -22.94 -31.56 27.73
N ALA A 220 -21.99 -32.25 27.10
CA ALA A 220 -22.27 -33.05 25.92
C ALA A 220 -21.08 -33.92 25.53
N ALA A 221 -21.38 -35.06 24.93
CA ALA A 221 -20.37 -35.97 24.44
C ALA A 221 -19.76 -35.48 23.10
N ARG A 222 -18.46 -35.23 23.11
CA ARG A 222 -17.75 -34.84 21.90
C ARG A 222 -16.93 -36.00 21.36
N PRO A 223 -16.58 -35.98 20.06
CA PRO A 223 -15.74 -37.04 19.49
C PRO A 223 -14.46 -37.23 20.30
N ALA A 224 -14.03 -38.46 20.50
CA ALA A 224 -12.92 -38.71 21.41
C ALA A 224 -11.63 -38.12 20.86
N VAL A 225 -10.92 -37.36 21.68
CA VAL A 225 -9.59 -36.89 21.36
C VAL A 225 -8.71 -37.18 22.57
N ASN A 226 -7.57 -37.83 22.37
CA ASN A 226 -6.68 -38.20 23.47
C ASN A 226 -7.47 -39.04 24.48
N ASP A 227 -8.38 -39.86 23.94
CA ASP A 227 -9.28 -40.70 24.71
C ASP A 227 -10.23 -39.87 25.58
N GLN A 228 -10.56 -38.67 25.13
CA GLN A 228 -11.49 -37.83 25.87
C GLN A 228 -12.66 -37.34 25.01
N ARG A 229 -13.87 -37.54 25.53
CA ARG A 229 -15.09 -37.02 24.92
C ARG A 229 -15.53 -35.76 25.64
N SER A 230 -14.87 -35.44 26.75
CA SER A 230 -15.12 -34.18 27.47
C SER A 230 -14.21 -33.13 26.86
N ARG A 231 -14.41 -31.86 27.26
CA ARG A 231 -13.56 -30.76 26.80
C ARG A 231 -13.31 -29.76 27.92
N ILE A 232 -12.22 -29.04 27.76
CA ILE A 232 -11.91 -27.88 28.57
C ILE A 232 -11.82 -26.63 27.68
N ASP A 233 -12.59 -25.60 28.03
CA ASP A 233 -12.43 -24.26 27.47
C ASP A 233 -11.31 -23.56 28.21
N TYR A 234 -10.23 -23.24 27.50
CA TYR A 234 -9.13 -22.55 28.15
C TYR A 234 -9.25 -21.05 27.87
N TYR A 235 -8.83 -20.22 28.83
CA TYR A 235 -8.85 -18.77 28.65
C TYR A 235 -7.55 -18.12 29.12
N TRP A 236 -7.29 -16.91 28.63
CA TRP A 236 -6.13 -16.14 29.04
C TRP A 236 -6.53 -14.68 29.24
N SER A 237 -5.72 -13.95 30.00
CA SER A 237 -5.96 -12.52 30.23
C SER A 237 -4.72 -11.89 30.81
N VAL A 238 -4.71 -10.56 30.85
CA VAL A 238 -3.57 -9.82 31.35
C VAL A 238 -4.00 -8.83 32.44
N LEU A 239 -3.54 -9.12 33.65
CA LEU A 239 -3.85 -8.32 34.84
C LEU A 239 -2.85 -7.19 34.93
N ARG A 240 -3.31 -5.98 34.62
CA ARG A 240 -2.46 -4.80 34.53
C ARG A 240 -1.90 -4.39 35.88
N PRO A 241 -0.80 -3.61 35.88
CA PRO A 241 -0.27 -3.12 37.17
C PRO A 241 -1.34 -2.34 37.92
N GLY A 242 -1.55 -2.68 39.18
CA GLY A 242 -2.49 -1.93 39.99
C GLY A 242 -3.85 -2.59 40.02
N GLU A 243 -4.05 -3.57 39.14
CA GLU A 243 -5.35 -4.25 39.05
C GLU A 243 -5.49 -5.45 39.98
N THR A 244 -6.73 -5.76 40.35
CA THR A 244 -7.06 -6.89 41.22
C THR A 244 -7.97 -7.90 40.51
N LEU A 245 -7.67 -9.19 40.65
CA LEU A 245 -8.53 -10.24 40.10
C LEU A 245 -9.35 -10.98 41.17
N ASN A 246 -10.66 -11.09 40.97
CA ASN A 246 -11.51 -11.89 41.85
C ASN A 246 -12.01 -13.11 41.10
N VAL A 247 -11.84 -14.27 41.71
CA VAL A 247 -12.30 -15.54 41.14
C VAL A 247 -13.39 -16.13 42.01
N GLU A 248 -14.47 -16.58 41.42
CA GLU A 248 -15.50 -17.20 42.23
C GLU A 248 -16.09 -18.34 41.46
N SER A 249 -16.24 -19.49 42.10
CA SER A 249 -16.79 -20.63 41.41
C SER A 249 -17.60 -21.63 42.23
N ASN A 250 -18.65 -22.10 41.58
CA ASN A 250 -19.60 -23.13 41.99
C ASN A 250 -19.13 -24.57 41.71
N GLY A 251 -18.30 -24.71 40.68
CA GLY A 251 -17.85 -25.99 40.17
C GLY A 251 -17.27 -25.77 38.77
N ASN A 252 -16.63 -26.82 38.25
CA ASN A 252 -16.10 -26.85 36.87
C ASN A 252 -14.96 -25.86 36.59
N LEU A 253 -14.37 -25.33 37.64
CA LEU A 253 -13.25 -24.42 37.49
C LEU A 253 -11.93 -25.18 37.29
N ILE A 254 -11.19 -24.84 36.23
CA ILE A 254 -9.77 -25.20 36.17
C ILE A 254 -9.07 -23.92 36.57
N ALA A 255 -8.51 -23.92 37.77
CA ALA A 255 -8.10 -22.67 38.40
C ALA A 255 -6.72 -22.25 37.96
N PRO A 256 -6.45 -20.93 37.95
CA PRO A 256 -5.10 -20.41 37.75
C PRO A 256 -4.22 -20.81 38.91
N TRP A 257 -3.03 -21.34 38.65
CA TRP A 257 -2.10 -21.75 39.68
C TRP A 257 -0.83 -20.90 39.58
N TYR A 258 -0.03 -21.15 38.54
CA TYR A 258 1.13 -20.30 38.27
C TYR A 258 0.81 -19.37 37.11
N ALA A 259 1.47 -18.21 37.08
CA ALA A 259 1.23 -17.20 36.06
C ALA A 259 2.54 -16.50 35.73
N TYR A 260 2.48 -15.50 34.85
CA TYR A 260 3.70 -14.88 34.37
C TYR A 260 3.70 -13.37 34.49
N LYS A 261 4.70 -12.86 35.18
CA LYS A 261 5.00 -11.45 35.08
C LYS A 261 5.62 -11.22 33.72
N PHE A 262 5.05 -10.27 33.00
CA PHE A 262 5.31 -10.13 31.58
C PHE A 262 6.03 -8.83 31.28
N VAL A 263 7.15 -8.89 30.58
CA VAL A 263 7.74 -7.63 30.15
C VAL A 263 7.64 -7.51 28.64
N SER A 264 6.99 -6.44 28.22
CA SER A 264 6.81 -6.18 26.81
C SER A 264 8.07 -5.61 26.23
N THR A 265 8.24 -5.74 24.91
CA THR A 265 9.53 -5.40 24.37
C THR A 265 9.46 -4.16 23.51
N ASN A 266 10.60 -3.52 23.45
CA ASN A 266 10.86 -2.37 22.60
C ASN A 266 11.24 -2.74 21.15
N LYS A 267 11.70 -3.97 20.92
CA LYS A 267 11.83 -4.55 19.57
C LYS A 267 10.50 -5.04 19.00
N LYS A 268 10.54 -5.46 17.72
CA LYS A 268 9.33 -5.87 16.96
C LYS A 268 8.21 -6.67 17.71
N GLY A 269 8.43 -7.80 18.39
CA GLY A 269 9.37 -8.89 18.09
C GLY A 269 8.71 -9.97 17.22
N ALA A 270 9.26 -11.17 17.17
CA ALA A 270 8.81 -12.18 16.19
C ALA A 270 8.58 -13.62 16.71
N VAL A 271 7.63 -14.32 16.09
CA VAL A 271 7.47 -15.77 16.25
C VAL A 271 7.70 -16.48 14.91
N PHE A 272 8.82 -17.21 14.77
CA PHE A 272 9.10 -17.93 13.53
C PHE A 272 8.72 -19.41 13.60
N LYS A 273 7.88 -19.87 12.68
CA LYS A 273 7.57 -21.29 12.56
C LYS A 273 8.52 -21.90 11.56
N SER A 274 9.47 -22.70 12.04
CA SER A 274 10.55 -23.20 11.18
C SER A 274 11.36 -24.32 11.82
N ASP A 275 12.01 -25.13 10.99
CA ASP A 275 12.87 -26.20 11.50
C ASP A 275 14.38 -25.95 11.37
N LEU A 276 14.79 -24.72 11.07
CA LEU A 276 16.21 -24.39 10.96
C LEU A 276 16.92 -24.47 12.32
N PRO A 277 18.20 -24.87 12.32
CA PRO A 277 19.00 -24.92 13.55
C PRO A 277 19.23 -23.55 14.21
N ILE A 278 19.23 -23.51 15.53
CA ILE A 278 19.66 -22.35 16.30
C ILE A 278 21.08 -22.60 16.74
N GLU A 279 21.99 -21.67 16.44
CA GLU A 279 23.40 -21.87 16.76
C GLU A 279 23.99 -20.70 17.56
N ASN A 280 25.18 -20.91 18.11
CA ASN A 280 25.83 -19.91 18.94
C ASN A 280 26.48 -18.86 18.03
N CYS A 281 25.65 -18.08 17.36
CA CYS A 281 26.14 -17.07 16.42
C CYS A 281 25.41 -15.75 16.65
N ASP A 282 25.99 -14.65 16.15
CA ASP A 282 25.35 -13.36 16.25
C ASP A 282 24.90 -12.86 14.88
N ALA A 283 23.77 -12.16 14.87
CA ALA A 283 23.25 -11.57 13.65
C ALA A 283 22.66 -10.17 13.86
N THR A 284 22.64 -9.39 12.77
CA THR A 284 22.02 -8.07 12.72
C THR A 284 20.65 -8.19 12.04
N CYS A 285 20.56 -9.12 11.11
CA CYS A 285 19.36 -9.33 10.30
C CYS A 285 18.98 -10.80 10.34
N GLN A 286 17.84 -11.11 10.95
CA GLN A 286 17.38 -12.49 10.97
C GLN A 286 16.04 -12.65 10.24
N THR A 287 16.05 -13.33 9.10
CA THR A 287 14.80 -13.68 8.43
C THR A 287 14.35 -15.07 8.86
N ILE A 288 13.11 -15.42 8.51
CA ILE A 288 12.55 -16.70 8.91
C ILE A 288 13.24 -17.86 8.18
N THR A 289 13.81 -17.58 7.00
CA THR A 289 14.57 -18.62 6.31
C THR A 289 16.09 -18.44 6.45
N GLY A 290 16.54 -17.48 7.25
CA GLY A 290 17.96 -17.39 7.50
C GLY A 290 18.53 -16.01 7.79
N VAL A 291 19.80 -16.00 8.20
CA VAL A 291 20.53 -14.77 8.45
C VAL A 291 20.96 -14.11 7.15
N LEU A 292 20.74 -12.80 7.04
CA LEU A 292 21.44 -12.04 6.01
C LEU A 292 22.59 -11.31 6.66
N ARG A 293 23.76 -11.43 6.04
CA ARG A 293 24.96 -10.77 6.50
C ARG A 293 25.45 -9.93 5.34
N THR A 294 24.95 -8.70 5.20
CA THR A 294 25.16 -7.98 3.94
C THR A 294 25.13 -6.46 4.08
N ASN A 295 25.68 -5.80 3.05
CA ASN A 295 25.64 -4.36 2.91
C ASN A 295 24.58 -3.92 1.91
N LYS A 296 24.04 -4.86 1.14
CA LYS A 296 23.17 -4.49 0.02
C LYS A 296 21.88 -3.82 0.49
N THR A 297 21.22 -3.18 -0.45
CA THR A 297 20.04 -2.37 -0.20
C THR A 297 18.73 -3.15 -0.22
N PHE A 298 18.74 -4.21 -1.02
CA PHE A 298 17.56 -5.02 -1.30
C PHE A 298 17.92 -6.45 -1.00
N GLN A 299 16.91 -7.27 -0.76
CA GLN A 299 17.11 -8.70 -0.64
C GLN A 299 15.87 -9.40 -1.18
N ASN A 300 16.06 -10.60 -1.70
CA ASN A 300 14.95 -11.44 -2.16
C ASN A 300 14.73 -12.70 -1.32
N VAL A 301 15.36 -12.77 -0.16
CA VAL A 301 15.20 -13.93 0.74
C VAL A 301 13.87 -14.15 1.47
N SER A 302 13.35 -13.11 2.14
CA SER A 302 12.05 -13.20 2.81
C SER A 302 11.58 -11.82 3.25
N PRO A 303 10.25 -11.62 3.29
CA PRO A 303 9.57 -10.46 3.86
C PRO A 303 9.45 -10.51 5.38
N LEU A 304 9.68 -11.67 5.97
CA LEU A 304 9.51 -11.84 7.42
C LEU A 304 10.83 -11.83 8.15
N TRP A 305 11.01 -10.85 9.02
CA TRP A 305 12.28 -10.74 9.72
C TRP A 305 12.20 -9.93 10.99
N ILE A 306 13.25 -10.05 11.78
CA ILE A 306 13.47 -9.22 12.94
C ILE A 306 14.88 -8.66 12.84
N GLY A 307 15.09 -7.46 13.38
CA GLY A 307 16.33 -6.73 13.23
C GLY A 307 16.35 -5.80 12.01
N GLU A 308 17.52 -5.30 11.65
CA GLU A 308 17.64 -4.38 10.52
C GLU A 308 18.00 -5.13 9.24
N CYS A 309 17.05 -5.20 8.33
CA CYS A 309 17.22 -5.94 7.11
C CYS A 309 17.04 -5.04 5.89
N PRO A 310 17.64 -5.43 4.76
CA PRO A 310 17.33 -4.67 3.55
C PRO A 310 15.88 -4.93 3.10
N LYS A 311 15.41 -4.05 2.23
CA LYS A 311 14.06 -4.12 1.71
C LYS A 311 13.89 -5.38 0.88
N TYR A 312 12.75 -6.04 1.05
CA TYR A 312 12.40 -7.25 0.33
C TYR A 312 11.74 -6.92 -1.00
N VAL A 313 12.23 -7.53 -2.07
CA VAL A 313 11.62 -7.41 -3.39
C VAL A 313 11.65 -8.74 -4.09
N LYS A 314 10.82 -8.89 -5.10
CA LYS A 314 10.75 -10.15 -5.81
C LYS A 314 11.88 -10.30 -6.83
N SER A 315 12.63 -9.23 -7.07
CA SER A 315 13.65 -9.22 -8.11
C SER A 315 14.69 -10.30 -7.97
N GLU A 316 15.25 -10.75 -9.09
CA GLU A 316 16.39 -11.66 -9.13
C GLU A 316 17.74 -10.94 -8.96
N SER A 317 17.82 -9.74 -9.52
CA SER A 317 19.05 -8.93 -9.54
C SER A 317 18.70 -7.47 -9.76
N LEU A 318 19.43 -6.57 -9.11
CA LEU A 318 19.22 -5.14 -9.29
C LEU A 318 20.60 -4.51 -9.48
N ARG A 319 21.18 -4.71 -10.65
CA ARG A 319 22.52 -4.21 -10.90
C ARG A 319 22.52 -2.84 -11.58
N LEU A 320 23.16 -1.87 -10.94
CA LEU A 320 23.25 -0.51 -11.47
C LEU A 320 24.55 -0.34 -12.19
N ALA A 321 24.48 0.14 -13.43
CA ALA A 321 25.68 0.61 -14.12
C ALA A 321 26.29 1.81 -13.37
N THR A 322 27.62 1.80 -13.18
CA THR A 322 28.34 2.96 -12.66
C THR A 322 29.40 3.40 -13.69
N GLY A 323 30.00 2.40 -14.33
CA GLY A 323 30.90 2.58 -15.45
C GLY A 323 30.15 2.75 -16.77
N LEU A 324 30.91 2.77 -17.86
CA LEU A 324 30.36 2.95 -19.19
C LEU A 324 30.23 1.66 -20.01
N ARG A 325 29.62 1.78 -21.17
CA ARG A 325 29.50 0.62 -22.05
C ARG A 325 30.90 0.10 -22.39
N ASN A 326 31.11 -1.20 -22.24
CA ASN A 326 32.44 -1.77 -22.35
C ASN A 326 32.69 -2.31 -23.75
N VAL A 327 33.59 -1.66 -24.48
CA VAL A 327 33.81 -1.99 -25.89
C VAL A 327 35.28 -2.28 -26.10
N PRO A 328 35.76 -3.40 -25.51
CA PRO A 328 37.20 -3.68 -25.60
C PRO A 328 37.60 -4.05 -27.03
N GLN A 329 38.87 -3.87 -27.34
CA GLN A 329 39.42 -4.24 -28.64
C GLN A 329 39.32 -5.73 -28.90
N ILE A 330 38.85 -6.09 -30.09
CA ILE A 330 38.91 -7.50 -30.50
C ILE A 330 40.35 -7.87 -30.78
N ALA A 331 40.82 -8.93 -30.15
CA ALA A 331 42.19 -9.35 -30.39
C ALA A 331 42.09 -10.71 -31.02
N THR A 332 43.17 -11.14 -31.64
CA THR A 332 43.07 -12.39 -32.35
C THR A 332 44.38 -13.16 -32.22
N GLY B 1 24.90 5.91 -29.06
CA GLY B 1 24.40 6.19 -27.69
C GLY B 1 23.68 7.51 -27.85
N ILE B 2 23.07 8.14 -26.84
CA ILE B 2 22.34 9.38 -27.18
C ILE B 2 23.27 10.52 -27.72
N PHE B 3 24.47 10.66 -27.16
CA PHE B 3 25.37 11.70 -27.64
C PHE B 3 26.25 11.21 -28.81
N GLY B 4 26.20 9.92 -29.12
CA GLY B 4 26.79 9.38 -30.36
C GLY B 4 28.29 9.15 -30.40
N ALA B 5 28.95 9.23 -29.25
CA ALA B 5 30.38 9.08 -29.16
C ALA B 5 30.78 7.66 -28.81
N ILE B 6 30.34 7.17 -27.65
CA ILE B 6 30.65 5.81 -27.23
C ILE B 6 29.92 4.83 -28.14
N ALA B 7 30.67 3.86 -28.65
CA ALA B 7 30.16 2.89 -29.63
C ALA B 7 29.52 3.63 -30.80
N GLY B 8 30.14 4.74 -31.19
CA GLY B 8 29.56 5.65 -32.17
C GLY B 8 30.65 6.17 -33.06
N PHE B 9 30.87 7.48 -33.11
CA PHE B 9 31.93 8.01 -33.99
C PHE B 9 33.31 7.65 -33.43
N ILE B 10 33.35 7.30 -32.14
CA ILE B 10 34.53 6.64 -31.57
C ILE B 10 34.16 5.17 -31.32
N GLU B 11 34.62 4.28 -32.20
CA GLU B 11 34.14 2.91 -32.31
C GLU B 11 34.35 2.05 -31.08
N GLY B 12 35.54 2.14 -30.48
CA GLY B 12 35.91 1.22 -29.42
C GLY B 12 36.50 1.88 -28.19
N GLY B 13 36.54 1.14 -27.08
CA GLY B 13 37.21 1.62 -25.88
C GLY B 13 38.71 1.26 -25.83
N TRP B 14 39.45 1.81 -24.86
CA TRP B 14 40.88 1.50 -24.69
C TRP B 14 41.16 0.72 -23.41
N THR B 15 41.52 -0.55 -23.54
CA THR B 15 41.96 -1.34 -22.37
C THR B 15 43.30 -0.83 -21.85
N GLY B 16 44.02 -0.10 -22.69
CA GLY B 16 45.33 0.41 -22.30
C GLY B 16 45.23 1.67 -21.45
N MET B 17 44.07 2.32 -21.45
CA MET B 17 43.89 3.49 -20.61
C MET B 17 43.30 3.12 -19.25
N ILE B 18 44.18 2.91 -18.28
CA ILE B 18 43.86 2.21 -17.02
C ILE B 18 43.54 3.13 -15.85
N ASP B 19 43.81 4.42 -15.99
CA ASP B 19 43.74 5.35 -14.86
C ASP B 19 42.55 6.31 -14.89
N GLY B 20 41.59 6.09 -15.78
CA GLY B 20 40.43 6.96 -15.84
C GLY B 20 39.38 6.38 -16.75
N TRP B 21 38.15 6.89 -16.66
CA TRP B 21 37.08 6.61 -17.62
C TRP B 21 37.23 7.23 -19.03
N TYR B 22 37.69 8.49 -19.07
CA TYR B 22 37.84 9.24 -20.31
C TYR B 22 39.24 9.81 -20.42
N GLY B 23 39.77 9.84 -21.63
CA GLY B 23 41.18 10.09 -21.82
C GLY B 23 41.64 10.43 -23.21
N TYR B 24 42.95 10.59 -23.30
CA TYR B 24 43.62 10.81 -24.57
C TYR B 24 44.59 9.73 -24.94
N HIS B 25 44.64 9.43 -26.23
CA HIS B 25 45.73 8.68 -26.80
C HIS B 25 46.57 9.57 -27.71
N HIS B 26 47.89 9.52 -27.59
CA HIS B 26 48.71 10.42 -28.39
C HIS B 26 49.84 9.64 -29.06
N GLU B 27 50.33 10.17 -30.18
CA GLU B 27 51.54 9.66 -30.79
C GLU B 27 52.34 10.80 -31.45
N ASN B 28 53.60 10.89 -31.08
CA ASN B 28 54.54 11.85 -31.64
C ASN B 28 55.95 11.25 -31.76
N SER B 29 56.89 12.01 -32.32
CA SER B 29 58.24 11.49 -32.55
C SER B 29 58.83 10.99 -31.23
N GLN B 30 58.52 11.70 -30.15
CA GLN B 30 58.93 11.30 -28.80
C GLN B 30 58.40 9.92 -28.39
N GLY B 31 57.13 9.65 -28.64
CA GLY B 31 56.58 8.37 -28.25
C GLY B 31 55.06 8.32 -28.33
N SER B 32 54.47 7.31 -27.70
CA SER B 32 53.02 7.14 -27.68
C SER B 32 52.53 6.64 -26.31
N GLY B 33 51.26 6.91 -25.98
CA GLY B 33 50.69 6.40 -24.75
C GLY B 33 49.24 6.80 -24.54
N TYR B 34 48.71 6.39 -23.39
CA TYR B 34 47.37 6.73 -22.95
C TYR B 34 47.48 7.59 -21.71
N ALA B 35 46.50 8.47 -21.49
CA ALA B 35 46.41 9.20 -20.23
C ALA B 35 44.97 9.66 -20.02
N ALA B 36 44.45 9.39 -18.83
CA ALA B 36 43.09 9.77 -18.48
C ALA B 36 42.98 11.26 -18.39
N ASP B 37 41.83 11.78 -18.78
CA ASP B 37 41.52 13.14 -18.40
C ASP B 37 41.01 13.10 -16.93
N ARG B 38 41.86 13.57 -16.02
CA ARG B 38 41.62 13.50 -14.58
C ARG B 38 40.38 14.27 -14.16
N GLU B 39 40.26 15.49 -14.66
CA GLU B 39 39.18 16.36 -14.24
C GLU B 39 37.79 15.82 -14.60
N SER B 40 37.57 15.36 -15.84
CA SER B 40 36.25 14.91 -16.23
C SER B 40 35.93 13.55 -15.60
N THR B 41 36.95 12.71 -15.47
CA THR B 41 36.80 11.41 -14.82
C THR B 41 36.38 11.57 -13.37
N GLN B 42 37.02 12.48 -12.65
CA GLN B 42 36.72 12.63 -11.23
C GLN B 42 35.35 13.27 -10.98
N LYS B 43 34.95 14.19 -11.84
CA LYS B 43 33.61 14.76 -11.76
C LYS B 43 32.55 13.71 -12.03
N ALA B 44 32.81 12.80 -12.98
CA ALA B 44 31.84 11.74 -13.26
C ALA B 44 31.75 10.75 -12.09
N ILE B 45 32.90 10.37 -11.54
CA ILE B 45 32.95 9.51 -10.37
C ILE B 45 32.15 10.11 -9.19
N ASP B 46 32.38 11.39 -8.89
CA ASP B 46 31.61 12.05 -7.82
C ASP B 46 30.09 12.01 -8.11
N GLY B 47 29.71 12.37 -9.34
CA GLY B 47 28.32 12.44 -9.72
C GLY B 47 27.67 11.07 -9.61
N ILE B 48 28.35 10.05 -10.13
CA ILE B 48 27.81 8.68 -10.12
C ILE B 48 27.76 8.12 -8.69
N THR B 49 28.77 8.43 -7.89
CA THR B 49 28.76 7.98 -6.49
C THR B 49 27.57 8.64 -5.75
N ASN B 50 27.36 9.94 -5.97
CA ASN B 50 26.19 10.63 -5.39
C ASN B 50 24.89 9.95 -5.82
N LYS B 51 24.78 9.58 -7.10
CA LYS B 51 23.58 8.92 -7.57
C LYS B 51 23.38 7.62 -6.82
N VAL B 52 24.45 6.82 -6.73
CA VAL B 52 24.29 5.53 -6.07
C VAL B 52 23.84 5.72 -4.60
N ASN B 53 24.45 6.66 -3.89
CA ASN B 53 24.15 6.89 -2.47
C ASN B 53 22.77 7.50 -2.28
N SER B 54 22.34 8.33 -3.22
CA SER B 54 20.99 8.88 -3.17
C SER B 54 19.96 7.76 -3.33
N ILE B 55 20.21 6.83 -4.24
CA ILE B 55 19.27 5.74 -4.47
C ILE B 55 19.20 4.87 -3.21
N ILE B 56 20.36 4.54 -2.67
CA ILE B 56 20.45 3.73 -1.49
C ILE B 56 19.74 4.43 -0.34
N ASN B 57 19.96 5.73 -0.21
CA ASN B 57 19.31 6.48 0.87
C ASN B 57 17.80 6.54 0.75
N LYS B 58 17.28 6.77 -0.46
CA LYS B 58 15.84 6.88 -0.64
C LYS B 58 15.15 5.52 -0.47
N MET B 59 15.91 4.47 -0.67
CA MET B 59 15.39 3.10 -0.57
C MET B 59 15.60 2.48 0.80
N ASN B 60 15.95 3.30 1.79
CA ASN B 60 16.40 2.76 3.06
C ASN B 60 15.28 2.64 4.10
N THR B 61 14.03 2.50 3.65
CA THR B 61 12.92 2.12 4.55
C THR B 61 12.42 0.75 4.17
N GLN B 62 11.81 0.05 5.13
CA GLN B 62 11.32 -1.29 4.82
C GLN B 62 9.86 -1.46 5.19
N PHE B 63 9.10 -2.12 4.31
CA PHE B 63 7.78 -2.53 4.69
C PHE B 63 8.00 -3.74 5.57
N GLU B 64 7.14 -3.94 6.54
CA GLU B 64 7.34 -5.06 7.43
C GLU B 64 6.15 -6.00 7.39
N ALA B 65 6.37 -7.21 6.91
CA ALA B 65 5.34 -8.23 6.96
C ALA B 65 5.34 -8.85 8.37
N VAL B 66 4.24 -9.47 8.76
CA VAL B 66 4.19 -9.98 10.13
C VAL B 66 3.67 -11.41 10.18
N ASP B 67 3.99 -12.09 11.28
CA ASP B 67 3.80 -13.52 11.45
C ASP B 67 2.43 -13.91 12.00
N HIS B 68 1.48 -12.98 12.06
CA HIS B 68 0.24 -13.20 12.79
C HIS B 68 -0.62 -14.31 12.22
N GLU B 69 -1.22 -15.09 13.13
CA GLU B 69 -2.12 -16.17 12.76
C GLU B 69 -3.54 -15.64 12.71
N PHE B 70 -4.34 -16.26 11.85
CA PHE B 70 -5.78 -15.98 11.71
C PHE B 70 -6.62 -17.27 11.81
N SER B 71 -7.80 -17.18 12.41
CA SER B 71 -8.63 -18.37 12.67
C SER B 71 -9.59 -18.62 11.50
N ASN B 72 -10.36 -19.71 11.58
CA ASN B 72 -11.29 -20.06 10.50
C ASN B 72 -12.52 -19.13 10.42
N LEU B 73 -12.66 -18.18 11.34
CA LEU B 73 -13.64 -17.10 11.14
C LEU B 73 -12.96 -15.77 10.83
N GLU B 74 -11.71 -15.83 10.39
CA GLU B 74 -10.98 -14.61 10.04
C GLU B 74 -10.45 -14.63 8.59
N ARG B 75 -11.19 -15.27 7.70
CA ARG B 75 -10.80 -15.34 6.29
C ARG B 75 -10.64 -13.96 5.64
N ARG B 76 -11.59 -13.07 5.90
CA ARG B 76 -11.56 -11.74 5.29
C ARG B 76 -10.36 -10.93 5.77
N ILE B 77 -10.13 -10.84 7.09
CA ILE B 77 -9.01 -10.04 7.58
C ILE B 77 -7.66 -10.73 7.30
N GLY B 78 -7.63 -12.07 7.30
CA GLY B 78 -6.45 -12.80 6.87
C GLY B 78 -6.09 -12.47 5.41
N ASN B 79 -7.09 -12.43 4.55
CA ASN B 79 -6.86 -12.08 3.16
C ASN B 79 -6.52 -10.59 2.98
N LEU B 80 -7.08 -9.74 3.85
CA LEU B 80 -6.81 -8.32 3.83
C LEU B 80 -5.31 -8.15 4.14
N ASN B 81 -4.80 -8.85 5.15
CA ASN B 81 -3.40 -8.77 5.47
C ASN B 81 -2.55 -9.19 4.28
N LYS B 82 -2.94 -10.29 3.65
CA LYS B 82 -2.21 -10.86 2.52
C LYS B 82 -2.16 -9.90 1.32
N ARG B 83 -3.30 -9.34 0.95
CA ARG B 83 -3.39 -8.46 -0.19
C ARG B 83 -2.65 -7.15 0.07
N MET B 84 -2.62 -6.74 1.34
CA MET B 84 -1.92 -5.55 1.75
C MET B 84 -0.41 -5.76 1.64
N GLU B 85 0.12 -6.83 2.23
CA GLU B 85 1.55 -7.06 2.22
C GLU B 85 2.12 -7.29 0.81
N ASP B 86 1.39 -8.07 0.01
CA ASP B 86 1.69 -8.34 -1.40
C ASP B 86 1.59 -7.06 -2.21
N GLY B 87 0.64 -6.21 -1.85
CA GLY B 87 0.44 -4.94 -2.52
C GLY B 87 1.68 -4.06 -2.37
N PHE B 88 2.18 -3.91 -1.15
CA PHE B 88 3.41 -3.15 -0.94
C PHE B 88 4.65 -3.84 -1.55
N LEU B 89 4.69 -5.17 -1.50
CA LEU B 89 5.74 -5.92 -2.19
C LEU B 89 5.78 -5.60 -3.69
N ASP B 90 4.62 -5.57 -4.32
CA ASP B 90 4.56 -5.33 -5.75
C ASP B 90 4.94 -3.88 -6.10
N VAL B 91 4.51 -2.94 -5.28
CA VAL B 91 4.87 -1.53 -5.45
C VAL B 91 6.38 -1.34 -5.35
N TRP B 92 7.00 -1.90 -4.31
CA TRP B 92 8.45 -1.71 -4.16
C TRP B 92 9.30 -2.47 -5.16
N THR B 93 8.85 -3.66 -5.56
CA THR B 93 9.51 -4.38 -6.63
C THR B 93 9.47 -3.54 -7.93
N TYR B 94 8.30 -2.99 -8.23
CA TYR B 94 8.13 -2.12 -9.36
C TYR B 94 9.06 -0.88 -9.27
N ASN B 95 9.04 -0.21 -8.14
CA ASN B 95 9.89 0.99 -7.97
C ASN B 95 11.38 0.69 -8.24
N ALA B 96 11.89 -0.35 -7.60
CA ALA B 96 13.28 -0.71 -7.69
C ALA B 96 13.67 -1.12 -9.11
N GLU B 97 12.92 -2.05 -9.70
CA GLU B 97 13.25 -2.51 -11.05
C GLU B 97 13.14 -1.41 -12.12
N LEU B 98 12.10 -0.58 -12.03
CA LEU B 98 11.93 0.49 -13.00
C LEU B 98 13.01 1.55 -12.85
N LEU B 99 13.30 1.91 -11.59
CA LEU B 99 14.37 2.87 -11.29
C LEU B 99 15.72 2.39 -11.87
N VAL B 100 16.06 1.12 -11.66
CA VAL B 100 17.35 0.61 -12.16
C VAL B 100 17.46 0.65 -13.71
N LEU B 101 16.39 0.32 -14.42
CA LEU B 101 16.37 0.38 -15.89
C LEU B 101 16.57 1.81 -16.40
N LEU B 102 15.87 2.74 -15.76
CA LEU B 102 15.92 4.16 -16.13
C LEU B 102 17.29 4.80 -15.83
N GLU B 103 17.81 4.54 -14.63
CA GLU B 103 19.07 5.16 -14.25
C GLU B 103 20.24 4.57 -15.03
N ASN B 104 20.15 3.29 -15.37
CA ASN B 104 21.17 2.67 -16.21
C ASN B 104 21.23 3.28 -17.60
N GLU B 105 20.07 3.54 -18.19
CA GLU B 105 19.99 4.26 -19.44
C GLU B 105 20.66 5.63 -19.30
N ARG B 106 20.29 6.37 -18.25
CA ARG B 106 20.80 7.73 -18.08
C ARG B 106 22.29 7.77 -17.70
N THR B 107 22.76 6.78 -16.96
CA THR B 107 24.17 6.73 -16.59
C THR B 107 25.04 6.46 -17.82
N LEU B 108 24.58 5.59 -18.70
CA LEU B 108 25.33 5.33 -19.94
C LEU B 108 25.37 6.59 -20.81
N ASP B 109 24.26 7.33 -20.85
CA ASP B 109 24.20 8.58 -21.62
C ASP B 109 25.16 9.63 -21.07
N LEU B 110 25.22 9.71 -19.74
CA LEU B 110 26.13 10.67 -19.10
C LEU B 110 27.61 10.44 -19.49
N HIS B 111 28.03 9.20 -19.51
CA HIS B 111 29.37 8.85 -19.97
C HIS B 111 29.59 9.26 -21.43
N ASP B 112 28.58 9.01 -22.25
CA ASP B 112 28.63 9.31 -23.68
C ASP B 112 28.83 10.81 -23.88
N ALA B 113 28.10 11.59 -23.08
CA ALA B 113 28.21 13.04 -23.06
C ALA B 113 29.60 13.51 -22.66
N ASN B 114 30.17 12.91 -21.64
CA ASN B 114 31.47 13.36 -21.16
C ASN B 114 32.57 13.11 -22.20
N VAL B 115 32.46 11.99 -22.92
CA VAL B 115 33.39 11.70 -24.03
C VAL B 115 33.23 12.72 -25.16
N LYS B 116 32.00 12.96 -25.59
CA LYS B 116 31.72 13.92 -26.64
C LYS B 116 32.21 15.33 -26.34
N ASN B 117 32.01 15.77 -25.10
CA ASN B 117 32.42 17.09 -24.65
C ASN B 117 33.94 17.18 -24.61
N LEU B 118 34.59 16.10 -24.21
CA LEU B 118 36.05 16.06 -24.21
C LEU B 118 36.55 16.16 -25.66
N TYR B 119 35.87 15.47 -26.57
CA TYR B 119 36.25 15.53 -27.98
C TYR B 119 36.04 16.95 -28.51
N GLU B 120 34.92 17.56 -28.19
CA GLU B 120 34.62 18.90 -28.69
C GLU B 120 35.55 19.95 -28.10
N LYS B 121 36.03 19.70 -26.88
CA LYS B 121 36.97 20.60 -26.24
C LYS B 121 38.30 20.65 -27.01
N VAL B 122 38.77 19.49 -27.45
CA VAL B 122 40.04 19.41 -28.20
C VAL B 122 39.85 20.00 -29.58
N LYS B 123 38.80 19.54 -30.25
CA LYS B 123 38.48 19.98 -31.59
C LYS B 123 38.50 21.50 -31.70
N SER B 124 37.90 22.19 -30.74
CA SER B 124 37.80 23.64 -30.82
C SER B 124 39.11 24.39 -30.47
N GLN B 125 40.01 23.76 -29.73
CA GLN B 125 41.38 24.31 -29.52
C GLN B 125 42.23 24.20 -30.79
N LEU B 126 42.13 23.06 -31.45
CA LEU B 126 43.01 22.75 -32.56
C LEU B 126 42.62 23.46 -33.86
N ARG B 127 41.33 23.79 -34.00
CA ARG B 127 40.88 24.49 -35.18
C ARG B 127 41.41 23.78 -36.41
N ASP B 128 42.07 24.53 -37.31
CA ASP B 128 42.63 23.90 -38.50
C ASP B 128 44.15 23.67 -38.42
N ASN B 129 44.73 23.74 -37.22
CA ASN B 129 46.09 23.26 -37.04
C ASN B 129 46.18 21.74 -37.03
N ALA B 130 45.01 21.09 -37.09
CA ALA B 130 44.96 19.64 -37.17
C ALA B 130 43.86 19.14 -38.10
N ASN B 131 44.05 17.92 -38.58
CA ASN B 131 43.13 17.32 -39.51
C ASN B 131 42.31 16.24 -38.82
N ASP B 132 41.01 16.18 -39.07
CA ASP B 132 40.24 15.11 -38.48
C ASP B 132 40.50 13.85 -39.30
N LEU B 133 41.13 12.88 -38.65
CA LEU B 133 41.09 11.52 -39.12
C LEU B 133 39.78 11.05 -38.55
N GLY B 134 39.34 9.87 -38.89
CA GLY B 134 38.12 9.44 -38.25
C GLY B 134 38.34 8.98 -36.80
N ASN B 135 37.26 8.55 -36.17
CA ASN B 135 37.36 7.86 -34.88
C ASN B 135 37.87 8.68 -33.70
N GLY B 136 37.58 9.97 -33.72
CA GLY B 136 37.94 10.84 -32.61
C GLY B 136 39.43 11.18 -32.57
N CYS B 137 40.13 10.95 -33.68
CA CYS B 137 41.57 11.20 -33.80
C CYS B 137 41.87 12.43 -34.66
N PHE B 138 42.84 13.21 -34.20
CA PHE B 138 43.38 14.37 -34.94
C PHE B 138 44.84 14.19 -35.32
N GLU B 139 45.16 14.34 -36.60
CA GLU B 139 46.56 14.45 -36.99
C GLU B 139 47.00 15.91 -37.09
N PHE B 140 48.04 16.29 -36.35
CA PHE B 140 48.47 17.68 -36.33
C PHE B 140 49.10 18.05 -37.66
N TRP B 141 48.91 19.30 -38.07
CA TRP B 141 49.56 19.80 -39.27
C TRP B 141 50.95 20.37 -38.94
N HIS B 142 51.38 20.19 -37.69
CA HIS B 142 52.69 20.66 -37.25
C HIS B 142 53.31 19.65 -36.32
N LYS B 143 54.58 19.83 -35.97
CA LYS B 143 55.19 18.95 -34.97
C LYS B 143 54.62 19.27 -33.59
N CYS B 144 54.20 18.23 -32.89
CA CYS B 144 53.59 18.44 -31.60
C CYS B 144 54.31 17.58 -30.57
N ASP B 145 55.27 18.16 -29.85
CA ASP B 145 55.99 17.38 -28.88
C ASP B 145 55.17 17.19 -27.61
N ASN B 146 55.78 16.59 -26.59
CA ASN B 146 55.11 16.28 -25.34
C ASN B 146 54.50 17.51 -24.64
N GLU B 147 55.20 18.64 -24.69
CA GLU B 147 54.68 19.85 -24.04
C GLU B 147 53.49 20.40 -24.79
N CYS B 148 53.52 20.23 -26.12
CA CYS B 148 52.40 20.61 -26.95
C CYS B 148 51.18 19.69 -26.70
N MET B 149 51.44 18.39 -26.60
CA MET B 149 50.38 17.42 -26.28
C MET B 149 49.73 17.76 -24.94
N GLU B 150 50.56 18.00 -23.95
CA GLU B 150 50.06 18.31 -22.62
C GLU B 150 49.20 19.57 -22.66
N SER B 151 49.60 20.56 -23.45
CA SER B 151 48.86 21.81 -23.52
C SER B 151 47.46 21.58 -24.09
N VAL B 152 47.34 20.64 -25.04
CA VAL B 152 46.02 20.25 -25.56
C VAL B 152 45.19 19.64 -24.43
N LYS B 153 45.79 18.72 -23.69
CA LYS B 153 45.09 18.04 -22.60
C LYS B 153 44.76 19.04 -21.50
N ASN B 154 45.65 20.02 -21.26
CA ASN B 154 45.48 21.04 -20.24
C ASN B 154 44.43 22.09 -20.57
N GLY B 155 44.15 22.25 -21.85
CA GLY B 155 43.27 23.33 -22.28
C GLY B 155 44.07 24.59 -22.65
N THR B 156 45.39 24.48 -22.68
CA THR B 156 46.24 25.66 -22.90
C THR B 156 46.88 25.70 -24.29
N TYR B 157 46.33 24.96 -25.26
CA TYR B 157 46.96 24.87 -26.57
C TYR B 157 47.07 26.22 -27.29
N ASP B 158 48.24 26.46 -27.86
CA ASP B 158 48.54 27.76 -28.48
C ASP B 158 48.43 27.73 -29.99
N TYR B 159 47.23 27.98 -30.50
CA TYR B 159 46.99 27.95 -31.95
C TYR B 159 47.82 28.98 -32.77
N PRO B 160 47.90 30.26 -32.30
CA PRO B 160 48.73 31.21 -33.06
C PRO B 160 50.17 30.75 -33.20
N LYS B 161 50.74 30.21 -32.12
CA LYS B 161 52.11 29.71 -32.12
C LYS B 161 52.41 28.76 -33.28
N TYR B 162 51.44 27.91 -33.64
CA TYR B 162 51.66 26.90 -34.67
C TYR B 162 50.97 27.19 -36.01
N GLN B 163 50.28 28.33 -36.09
CA GLN B 163 49.42 28.55 -37.25
C GLN B 163 50.19 28.68 -38.56
N LYS B 164 51.39 29.27 -38.53
CA LYS B 164 52.20 29.40 -39.75
C LYS B 164 52.68 28.03 -40.23
N GLU B 165 53.32 27.25 -39.34
CA GLU B 165 53.81 25.92 -39.66
C GLU B 165 52.71 25.01 -40.22
N SER B 166 51.54 25.02 -39.58
CA SER B 166 50.47 24.12 -40.01
C SER B 166 49.88 24.58 -41.36
N LYS B 167 49.86 25.89 -41.60
CA LYS B 167 49.33 26.38 -42.87
C LYS B 167 50.22 25.98 -44.05
N LEU B 168 51.54 26.04 -43.88
CA LEU B 168 52.45 25.68 -44.95
C LEU B 168 52.33 24.21 -45.31
N ASN B 169 52.25 23.36 -44.29
CA ASN B 169 52.14 21.92 -44.49
C ASN B 169 50.81 21.51 -45.10
N ARG B 170 49.75 22.21 -44.69
CA ARG B 170 48.41 21.96 -45.21
C ARG B 170 48.35 22.25 -46.71
N GLN B 171 49.14 23.22 -47.16
CA GLN B 171 49.22 23.56 -48.59
C GLN B 171 49.83 22.41 -49.38
N GLY B 172 51.06 22.05 -48.99
CA GLY B 172 51.88 21.09 -49.71
C GLY B 172 51.24 19.76 -50.08
N ILE B 173 50.15 19.41 -49.41
CA ILE B 173 49.47 18.16 -49.70
C ILE B 173 48.43 18.38 -50.80
N GLY C 4 38.45 43.30 -32.00
CA GLY C 4 37.28 43.44 -32.86
C GLY C 4 35.99 43.35 -32.06
N ASP C 5 34.87 43.60 -32.73
CA ASP C 5 33.55 43.45 -32.15
C ASP C 5 33.36 42.00 -31.62
N LYS C 6 32.76 41.86 -30.41
CA LYS C 6 32.42 40.53 -29.79
C LYS C 6 30.91 40.26 -29.90
N ILE C 7 30.52 39.00 -30.11
CA ILE C 7 29.20 38.56 -29.68
C ILE C 7 29.43 37.26 -28.89
N CYS C 8 28.76 37.14 -27.74
CA CYS C 8 28.96 36.03 -26.82
C CYS C 8 27.60 35.43 -26.50
N ILE C 9 27.59 34.14 -26.14
CA ILE C 9 26.35 33.51 -25.73
C ILE C 9 26.48 33.18 -24.26
N GLY C 10 25.40 33.32 -23.50
CA GLY C 10 25.48 32.98 -22.10
C GLY C 10 24.16 32.90 -21.40
N TYR C 11 24.26 32.90 -20.08
CA TYR C 11 23.13 32.64 -19.23
C TYR C 11 23.05 33.55 -18.02
N HIS C 12 21.82 33.68 -17.52
CA HIS C 12 21.46 34.47 -16.37
C HIS C 12 22.10 34.01 -15.05
N ALA C 13 22.50 35.00 -14.23
CA ALA C 13 22.92 34.76 -12.86
C ALA C 13 22.28 35.83 -11.96
N ASN C 14 22.24 35.56 -10.66
CA ASN C 14 21.65 36.48 -9.70
C ASN C 14 22.21 36.23 -8.31
N ASN C 15 21.69 36.92 -7.30
CA ASN C 15 22.25 36.83 -5.97
C ASN C 15 21.58 35.73 -5.11
N SER C 16 20.81 34.84 -5.74
CA SER C 16 20.21 33.74 -5.00
C SER C 16 21.28 32.91 -4.28
N THR C 17 21.03 32.53 -3.04
CA THR C 17 21.89 31.59 -2.32
C THR C 17 21.09 30.33 -1.96
N THR C 18 19.93 30.17 -2.57
CA THR C 18 19.03 29.03 -2.36
C THR C 18 19.45 27.80 -3.15
N GLN C 19 19.55 26.66 -2.46
CA GLN C 19 20.13 25.45 -3.07
C GLN C 19 19.08 24.31 -3.25
N VAL C 20 19.36 23.41 -4.19
CA VAL C 20 18.57 22.19 -4.38
C VAL C 20 19.54 21.02 -4.35
N ASP C 21 19.03 19.80 -4.19
CA ASP C 21 19.84 18.61 -4.41
C ASP C 21 19.39 17.93 -5.70
N THR C 22 20.30 17.14 -6.25
CA THR C 22 20.14 16.49 -7.51
C THR C 22 20.60 15.03 -7.33
N LEU C 23 20.19 14.08 -8.18
CA LEU C 23 20.79 12.74 -8.09
C LEU C 23 22.31 12.80 -8.20
N LEU C 24 22.85 13.70 -9.05
CA LEU C 24 24.28 13.77 -9.25
C LEU C 24 25.02 14.65 -8.25
N GLU C 25 24.31 15.65 -7.72
CA GLU C 25 24.99 16.63 -6.92
C GLU C 25 24.10 17.21 -5.81
N LYS C 26 24.70 17.55 -4.69
CA LYS C 26 23.96 18.13 -3.58
C LYS C 26 24.37 19.58 -3.43
N ASN C 27 23.51 20.39 -2.81
CA ASN C 27 23.83 21.79 -2.51
C ASN C 27 24.19 22.64 -3.71
N VAL C 28 23.36 22.53 -4.73
CA VAL C 28 23.52 23.32 -5.93
C VAL C 28 22.68 24.59 -5.87
N THR C 29 23.36 25.74 -5.84
CA THR C 29 22.69 27.02 -5.87
C THR C 29 22.06 27.27 -7.25
N VAL C 30 20.78 27.64 -7.26
CA VAL C 30 20.05 27.91 -8.48
C VAL C 30 19.38 29.28 -8.46
N THR C 31 19.22 29.85 -9.66
CA THR C 31 18.67 31.20 -9.80
C THR C 31 17.22 31.32 -9.31
N HIS C 32 16.42 30.30 -9.61
CA HIS C 32 15.01 30.24 -9.25
C HIS C 32 14.63 28.84 -8.78
N SER C 33 13.73 28.76 -7.80
CA SER C 33 13.24 27.45 -7.32
C SER C 33 11.91 27.60 -6.56
N VAL C 34 11.18 26.50 -6.42
CA VAL C 34 9.94 26.47 -5.63
C VAL C 34 9.97 25.40 -4.55
N GLU C 35 9.73 25.81 -3.32
CA GLU C 35 9.52 24.86 -2.22
C GLU C 35 8.10 24.30 -2.29
N LEU C 36 7.93 22.97 -2.36
CA LEU C 36 6.59 22.41 -2.51
C LEU C 36 6.02 21.94 -1.16
N LEU C 37 6.83 21.99 -0.10
CA LEU C 37 6.40 21.44 1.21
C LEU C 37 6.14 22.52 2.28
N GLU C 38 5.06 22.32 3.03
CA GLU C 38 4.67 23.18 4.13
C GLU C 38 5.03 22.52 5.48
N ASN C 39 5.84 23.20 6.29
CA ASN C 39 6.22 22.75 7.62
C ASN C 39 5.67 23.62 8.77
N GLN C 40 4.79 24.55 8.46
CA GLN C 40 4.29 25.51 9.44
C GLN C 40 2.79 25.33 9.71
N LYS C 41 2.41 25.40 10.99
CA LYS C 41 1.03 25.24 11.41
C LYS C 41 0.58 26.25 12.50
N GLU C 42 -0.71 26.55 12.55
CA GLU C 42 -1.31 27.36 13.62
C GLU C 42 -1.77 26.42 14.73
N LYS C 43 -1.10 26.42 15.87
CA LYS C 43 -1.42 25.47 16.93
C LYS C 43 -2.77 25.74 17.62
N ARG C 44 -3.85 25.62 16.87
CA ARG C 44 -5.21 25.73 17.42
C ARG C 44 -6.19 24.95 16.56
N PHE C 45 -7.41 24.77 17.07
CA PHE C 45 -8.54 24.23 16.31
C PHE C 45 -9.44 25.36 15.83
N CYS C 46 -9.83 25.28 14.56
CA CYS C 46 -10.70 26.28 13.93
C CYS C 46 -11.99 25.69 13.40
N LYS C 47 -12.86 26.54 12.89
CA LYS C 47 -14.06 26.09 12.19
C LYS C 47 -13.67 25.50 10.84
N ILE C 48 -14.40 24.48 10.42
CA ILE C 48 -14.24 23.90 9.11
C ILE C 48 -15.58 24.04 8.40
N MET C 49 -15.59 24.65 7.21
CA MET C 49 -16.83 24.97 6.49
C MET C 49 -17.73 25.87 7.34
N ASN C 50 -17.11 26.76 8.10
CA ASN C 50 -17.82 27.69 8.99
C ASN C 50 -18.73 26.95 9.98
N LYS C 51 -18.27 25.79 10.44
CA LYS C 51 -18.94 24.95 11.42
C LYS C 51 -17.98 24.64 12.57
N ALA C 52 -18.40 24.94 13.79
CA ALA C 52 -17.54 24.75 14.96
C ALA C 52 -17.34 23.27 15.30
N PRO C 53 -16.20 22.93 15.90
CA PRO C 53 -16.05 21.57 16.43
C PRO C 53 -16.77 21.43 17.76
N LEU C 54 -17.05 20.20 18.16
CA LEU C 54 -17.60 19.94 19.49
C LEU C 54 -16.47 19.69 20.48
N ASP C 55 -16.32 20.58 21.46
CA ASP C 55 -15.38 20.39 22.55
C ASP C 55 -16.02 19.53 23.68
N LEU C 56 -15.53 18.32 23.88
CA LEU C 56 -16.08 17.47 24.94
C LEU C 56 -15.65 17.91 26.36
N LYS C 57 -14.65 18.79 26.44
CA LYS C 57 -14.20 19.40 27.71
C LYS C 57 -13.72 18.37 28.72
N ASP C 58 -14.38 18.30 29.87
CA ASP C 58 -13.99 17.37 30.92
C ASP C 58 -14.65 16.00 30.73
N CYS C 59 -15.39 15.82 29.64
CA CYS C 59 -16.09 14.57 29.38
C CYS C 59 -15.44 13.74 28.26
N THR C 60 -15.49 12.43 28.38
CA THR C 60 -15.11 11.55 27.28
C THR C 60 -16.32 11.34 26.39
N ILE C 61 -16.12 10.65 25.26
CA ILE C 61 -17.23 10.33 24.38
C ILE C 61 -18.29 9.50 25.12
N GLU C 62 -17.85 8.55 25.95
CA GLU C 62 -18.75 7.73 26.78
C GLU C 62 -19.62 8.56 27.75
N GLY C 63 -18.98 9.51 28.43
CA GLY C 63 -19.63 10.35 29.44
C GLY C 63 -20.65 11.24 28.76
N TRP C 64 -20.29 11.80 27.61
CA TRP C 64 -21.22 12.58 26.81
C TRP C 64 -22.47 11.81 26.38
N ILE C 65 -22.24 10.73 25.66
CA ILE C 65 -23.33 10.09 24.93
C ILE C 65 -24.17 9.17 25.83
N LEU C 66 -23.61 8.69 26.94
CA LEU C 66 -24.46 8.00 27.93
C LEU C 66 -25.18 9.02 28.81
N GLY C 67 -24.65 10.23 28.87
CA GLY C 67 -25.25 11.28 29.69
C GLY C 67 -24.86 11.20 31.14
N ASN C 68 -23.57 10.99 31.38
CA ASN C 68 -22.99 11.16 32.71
C ASN C 68 -23.54 12.49 33.31
N PRO C 69 -24.04 12.45 34.56
CA PRO C 69 -24.65 13.64 35.19
C PRO C 69 -23.72 14.86 35.21
N LYS C 70 -22.43 14.62 35.27
CA LYS C 70 -21.48 15.74 35.23
C LYS C 70 -21.21 16.28 33.82
N CYS C 71 -21.86 15.71 32.80
CA CYS C 71 -21.66 16.18 31.44
C CYS C 71 -22.87 16.98 30.94
N ASP C 72 -23.65 17.53 31.86
CA ASP C 72 -24.93 18.14 31.46
C ASP C 72 -24.74 19.34 30.53
N LEU C 73 -23.53 19.87 30.49
CA LEU C 73 -23.17 20.99 29.62
C LEU C 73 -23.40 20.61 28.16
N LEU C 74 -23.22 19.32 27.87
CA LEU C 74 -23.32 18.81 26.51
C LEU C 74 -24.70 18.24 26.15
N LEU C 75 -25.66 18.34 27.08
CA LEU C 75 -26.85 17.47 27.05
C LEU C 75 -27.80 17.55 25.82
N GLY C 76 -28.00 18.68 25.20
CA GLY C 76 -29.03 18.74 24.15
C GLY C 76 -28.60 18.18 22.79
N ASP C 77 -29.14 18.77 21.73
CA ASP C 77 -28.70 18.51 20.38
C ASP C 77 -27.26 19.03 20.16
N GLN C 78 -26.54 18.43 19.22
CA GLN C 78 -25.19 18.89 18.86
C GLN C 78 -24.99 18.79 17.35
N SER C 79 -24.37 19.81 16.73
CA SER C 79 -23.91 19.78 15.33
C SER C 79 -22.42 20.05 15.30
N TRP C 80 -21.63 19.23 14.60
CA TRP C 80 -20.20 19.43 14.66
C TRP C 80 -19.50 19.16 13.33
N SER C 81 -18.37 19.82 13.13
CA SER C 81 -17.58 19.58 11.93
C SER C 81 -16.54 18.52 12.23
N TYR C 82 -16.15 18.47 13.50
CA TYR C 82 -15.33 17.40 14.06
C TYR C 82 -15.44 17.46 15.59
N ILE C 83 -14.96 16.41 16.25
CA ILE C 83 -15.03 16.30 17.70
C ILE C 83 -13.65 16.47 18.34
N VAL C 84 -13.56 17.25 19.41
CA VAL C 84 -12.33 17.34 20.16
C VAL C 84 -12.47 16.71 21.54
N GLU C 85 -11.72 15.64 21.79
CA GLU C 85 -11.77 14.98 23.09
C GLU C 85 -10.47 15.26 23.85
N ARG C 86 -10.61 15.78 25.07
CA ARG C 86 -9.45 16.17 25.85
C ARG C 86 -8.87 14.95 26.54
N PRO C 87 -7.54 14.79 26.49
CA PRO C 87 -6.91 13.55 26.95
C PRO C 87 -7.18 13.27 28.42
N ASN C 88 -7.34 14.34 29.19
CA ASN C 88 -7.44 14.21 30.63
C ASN C 88 -8.89 14.25 31.14
N ALA C 89 -9.84 14.11 30.22
CA ALA C 89 -11.25 14.21 30.58
C ALA C 89 -11.55 13.14 31.62
N GLN C 90 -12.17 13.53 32.74
CA GLN C 90 -12.35 12.54 33.81
C GLN C 90 -13.78 12.02 33.92
N ASN C 91 -14.74 12.65 33.26
CA ASN C 91 -16.12 12.16 33.32
C ASN C 91 -16.50 11.22 32.17
N GLY C 92 -16.61 9.93 32.49
CA GLY C 92 -16.93 8.92 31.49
C GLY C 92 -17.98 7.97 32.03
N ILE C 93 -17.60 6.71 32.15
CA ILE C 93 -18.48 5.69 32.69
C ILE C 93 -18.31 5.76 34.18
N CYS C 94 -19.33 6.28 34.86
CA CYS C 94 -19.22 6.53 36.29
C CYS C 94 -19.53 5.25 37.11
N TYR C 95 -20.65 4.58 36.81
CA TYR C 95 -20.92 3.28 37.42
C TYR C 95 -20.16 2.18 36.64
N PRO C 96 -19.24 1.48 37.31
CA PRO C 96 -18.28 0.62 36.62
C PRO C 96 -18.89 -0.53 35.80
N GLY C 97 -18.21 -0.86 34.71
CA GLY C 97 -18.66 -1.94 33.83
C GLY C 97 -18.22 -1.59 32.43
N VAL C 98 -18.48 -2.50 31.48
CA VAL C 98 -18.00 -2.37 30.10
C VAL C 98 -19.04 -1.76 29.17
N LEU C 99 -18.64 -0.79 28.36
CA LEU C 99 -19.47 -0.39 27.24
C LEU C 99 -19.09 -1.32 26.06
N ASN C 100 -19.98 -2.26 25.76
CA ASN C 100 -19.65 -3.27 24.79
C ASN C 100 -19.54 -2.70 23.37
N GLU C 101 -18.57 -3.23 22.60
CA GLU C 101 -18.20 -2.71 21.28
C GLU C 101 -17.93 -1.19 21.29
N LEU C 102 -17.10 -0.79 22.24
CA LEU C 102 -16.73 0.61 22.46
C LEU C 102 -16.17 1.24 21.19
N GLU C 103 -15.25 0.52 20.55
CA GLU C 103 -14.47 1.08 19.45
C GLU C 103 -15.34 1.35 18.23
N GLU C 104 -16.28 0.44 17.94
CA GLU C 104 -17.24 0.62 16.84
C GLU C 104 -18.22 1.75 17.16
N LEU C 105 -18.63 1.87 18.42
CA LEU C 105 -19.39 3.03 18.86
C LEU C 105 -18.65 4.35 18.54
N LYS C 106 -17.37 4.42 18.93
CA LYS C 106 -16.58 5.63 18.73
C LYS C 106 -16.44 5.89 17.18
N ALA C 107 -16.26 4.83 16.38
CA ALA C 107 -16.16 5.04 14.93
C ALA C 107 -17.52 5.46 14.36
N PHE C 108 -18.63 4.91 14.87
CA PHE C 108 -19.94 5.31 14.39
C PHE C 108 -20.22 6.79 14.72
N ILE C 109 -19.88 7.19 15.95
CA ILE C 109 -20.14 8.57 16.38
C ILE C 109 -19.30 9.54 15.53
N GLY C 110 -18.03 9.23 15.31
CA GLY C 110 -17.17 10.08 14.47
C GLY C 110 -17.63 10.28 13.03
N SER C 111 -18.38 9.30 12.52
CA SER C 111 -19.01 9.35 11.19
C SER C 111 -20.17 10.35 11.09
N GLY C 112 -20.72 10.75 12.24
CA GLY C 112 -21.80 11.71 12.29
C GLY C 112 -21.44 13.17 12.16
N GLU C 113 -22.44 14.00 11.86
CA GLU C 113 -22.29 15.46 11.94
C GLU C 113 -23.30 16.12 12.88
N ARG C 114 -24.35 15.40 13.24
CA ARG C 114 -25.37 15.92 14.16
C ARG C 114 -26.10 14.81 14.95
N VAL C 115 -26.60 15.13 16.14
CA VAL C 115 -27.50 14.22 16.85
C VAL C 115 -28.61 15.06 17.47
N GLU C 116 -29.81 14.52 17.56
CA GLU C 116 -30.90 15.20 18.24
C GLU C 116 -31.42 14.28 19.35
N ARG C 117 -31.31 14.75 20.58
CA ARG C 117 -31.70 13.96 21.74
C ARG C 117 -33.23 13.98 21.88
N PHE C 118 -33.83 12.84 22.17
CA PHE C 118 -35.28 12.78 22.32
C PHE C 118 -35.63 11.67 23.28
N GLU C 119 -36.78 11.78 23.94
CA GLU C 119 -37.21 10.76 24.89
C GLU C 119 -37.74 9.56 24.13
N MET C 120 -37.01 8.47 24.16
CA MET C 120 -37.41 7.29 23.40
C MET C 120 -38.44 6.48 24.16
N PHE C 121 -38.11 6.13 25.40
CA PHE C 121 -39.01 5.40 26.30
C PHE C 121 -39.31 6.21 27.56
N PRO C 122 -40.50 6.82 27.63
CA PRO C 122 -40.90 7.54 28.85
C PRO C 122 -40.98 6.57 30.02
N LYS C 123 -40.76 7.06 31.23
CA LYS C 123 -40.72 6.19 32.41
C LYS C 123 -42.03 5.41 32.61
N SER C 124 -43.14 5.97 32.12
CA SER C 124 -44.44 5.31 32.21
C SER C 124 -44.58 4.07 31.34
N THR C 125 -43.59 3.79 30.51
CA THR C 125 -43.56 2.61 29.67
C THR C 125 -43.62 1.37 30.53
N TRP C 126 -42.88 1.38 31.64
CA TRP C 126 -42.66 0.19 32.41
C TRP C 126 -43.68 0.13 33.56
N ALA C 127 -44.67 -0.73 33.38
CA ALA C 127 -45.76 -0.84 34.34
C ALA C 127 -45.33 -1.53 35.60
N GLY C 128 -45.74 -0.97 36.74
CA GLY C 128 -45.69 -1.69 38.00
C GLY C 128 -44.32 -1.85 38.60
N VAL C 129 -43.41 -0.97 38.21
CA VAL C 129 -42.05 -0.95 38.76
C VAL C 129 -41.71 0.44 39.23
N ASP C 130 -40.60 0.57 39.97
CA ASP C 130 -40.20 1.87 40.49
C ASP C 130 -39.20 2.54 39.52
N THR C 131 -39.60 3.69 39.00
CA THR C 131 -38.85 4.40 37.96
C THR C 131 -38.02 5.55 38.53
N SER C 132 -38.18 5.81 39.83
CA SER C 132 -37.59 6.99 40.44
C SER C 132 -36.51 6.76 41.51
N ARG C 133 -36.13 5.52 41.79
CA ARG C 133 -35.14 5.31 42.86
C ARG C 133 -33.75 4.96 42.30
N GLY C 134 -33.61 4.93 40.98
CA GLY C 134 -32.42 4.39 40.37
C GLY C 134 -31.24 5.33 40.31
N VAL C 135 -30.72 5.70 41.48
CA VAL C 135 -29.51 6.54 41.54
C VAL C 135 -28.44 5.86 42.37
N THR C 136 -27.24 6.44 42.34
CA THR C 136 -26.03 5.85 42.91
C THR C 136 -25.02 6.89 43.27
N ASN C 137 -24.30 6.68 44.38
CA ASN C 137 -23.18 7.52 44.73
C ASN C 137 -22.00 7.43 43.75
N ALA C 138 -22.02 6.44 42.85
CA ALA C 138 -20.96 6.35 41.82
C ALA C 138 -21.17 7.41 40.76
N CYS C 139 -22.40 7.91 40.64
CA CYS C 139 -22.70 8.89 39.60
C CYS C 139 -23.25 10.21 40.13
N PRO C 140 -22.41 10.96 40.86
CA PRO C 140 -22.83 12.29 41.30
C PRO C 140 -22.94 13.29 40.15
N SER C 141 -23.85 14.25 40.28
CA SER C 141 -23.79 15.43 39.43
C SER C 141 -22.90 16.40 40.18
N TYR C 142 -22.86 17.66 39.78
CA TYR C 142 -22.05 18.61 40.52
C TYR C 142 -22.84 19.11 41.76
N THR C 143 -24.13 18.79 41.84
CA THR C 143 -24.97 19.31 42.91
C THR C 143 -25.65 18.23 43.74
N ILE C 144 -25.72 17.01 43.22
CA ILE C 144 -26.37 15.89 43.89
C ILE C 144 -25.36 14.74 44.05
N ASP C 145 -25.21 14.24 45.27
CA ASP C 145 -24.28 13.16 45.54
C ASP C 145 -24.66 11.83 44.88
N SER C 146 -25.96 11.55 44.77
CA SER C 146 -26.43 10.35 44.07
C SER C 146 -27.36 10.68 42.90
N SER C 147 -26.98 10.21 41.72
CA SER C 147 -27.66 10.50 40.47
C SER C 147 -27.42 9.32 39.50
N PHE C 148 -27.85 9.48 38.26
CA PHE C 148 -27.63 8.47 37.23
C PHE C 148 -27.49 9.11 35.86
N TYR C 149 -27.04 8.31 34.88
CA TYR C 149 -27.03 8.74 33.48
C TYR C 149 -28.37 9.33 33.06
N ARG C 150 -28.32 10.40 32.28
CA ARG C 150 -29.53 11.08 31.85
C ARG C 150 -30.27 10.31 30.78
N ASN C 151 -29.57 9.38 30.14
CA ASN C 151 -30.13 8.71 28.98
C ASN C 151 -30.66 7.31 29.34
N LEU C 152 -30.55 6.93 30.60
CA LEU C 152 -30.91 5.59 31.02
C LEU C 152 -31.76 5.65 32.30
N VAL C 153 -32.58 4.63 32.54
CA VAL C 153 -33.30 4.51 33.82
C VAL C 153 -32.95 3.18 34.50
N TRP C 154 -32.46 3.28 35.73
CA TRP C 154 -32.17 2.11 36.53
C TRP C 154 -33.45 1.72 37.27
N ILE C 155 -34.18 0.79 36.66
CA ILE C 155 -35.46 0.36 37.17
C ILE C 155 -35.26 -0.59 38.33
N VAL C 156 -36.11 -0.47 39.34
CA VAL C 156 -36.05 -1.35 40.50
C VAL C 156 -37.46 -1.73 40.93
N LYS C 157 -37.58 -2.81 41.66
CA LYS C 157 -38.88 -3.28 42.11
C LYS C 157 -39.55 -2.31 43.08
N THR C 158 -40.87 -2.28 43.00
CA THR C 158 -41.72 -1.45 43.82
C THR C 158 -41.63 -1.91 45.28
N ASP C 159 -42.21 -1.12 46.18
CA ASP C 159 -42.17 -1.43 47.60
C ASP C 159 -42.79 -2.82 47.77
N SER C 160 -43.68 -3.18 46.86
CA SER C 160 -44.32 -4.48 46.85
C SER C 160 -43.26 -5.52 46.50
N ALA C 161 -43.55 -6.76 46.82
CA ALA C 161 -42.64 -7.90 46.62
C ALA C 161 -42.17 -8.29 45.22
N THR C 162 -43.03 -8.23 44.21
CA THR C 162 -42.62 -8.70 42.88
C THR C 162 -42.34 -7.69 41.76
N TYR C 163 -41.33 -8.02 40.96
CA TYR C 163 -40.93 -7.23 39.81
C TYR C 163 -41.58 -7.98 38.64
N PRO C 164 -42.65 -7.32 38.04
CA PRO C 164 -43.30 -8.08 36.96
C PRO C 164 -42.69 -7.96 35.57
N VAL C 165 -43.09 -8.81 34.65
CA VAL C 165 -42.56 -8.65 33.30
C VAL C 165 -42.91 -7.26 32.82
N ILE C 166 -41.92 -6.50 32.37
CA ILE C 166 -42.15 -5.18 31.79
C ILE C 166 -41.83 -5.23 30.30
N LYS C 167 -42.51 -4.40 29.52
CA LYS C 167 -42.38 -4.43 28.08
C LYS C 167 -42.44 -3.03 27.51
N GLY C 168 -41.74 -2.82 26.41
CA GLY C 168 -41.80 -1.55 25.75
C GLY C 168 -41.54 -1.73 24.27
N THR C 169 -42.18 -0.89 23.48
CA THR C 169 -41.97 -0.87 22.06
C THR C 169 -41.73 0.57 21.59
N TYR C 170 -40.78 0.72 20.68
CA TYR C 170 -40.63 1.99 19.96
C TYR C 170 -40.54 1.73 18.46
N ASN C 171 -41.35 2.41 17.67
CA ASN C 171 -41.33 2.20 16.22
C ASN C 171 -40.69 3.38 15.52
N ASN C 172 -39.58 3.18 14.80
CA ASN C 172 -38.91 4.32 14.22
C ASN C 172 -39.60 4.66 12.90
N THR C 173 -40.57 5.56 13.01
CA THR C 173 -41.35 6.01 11.88
C THR C 173 -40.68 7.22 11.23
N GLY C 174 -39.54 7.61 11.81
CA GLY C 174 -38.73 8.72 11.33
C GLY C 174 -37.88 8.41 10.10
N THR C 175 -37.26 9.44 9.53
CA THR C 175 -36.38 9.24 8.41
C THR C 175 -34.90 9.07 8.82
N GLN C 176 -34.62 9.15 10.11
CA GLN C 176 -33.24 9.16 10.58
C GLN C 176 -32.98 7.94 11.49
N PRO C 177 -31.76 7.39 11.44
CA PRO C 177 -31.41 6.28 12.34
C PRO C 177 -31.34 6.78 13.79
N ILE C 178 -31.63 5.89 14.75
CA ILE C 178 -31.61 6.25 16.16
C ILE C 178 -30.53 5.51 16.93
N LEU C 179 -29.61 6.26 17.53
CA LEU C 179 -28.58 5.68 18.38
C LEU C 179 -29.06 5.61 19.82
N TYR C 180 -29.14 4.42 20.40
CA TYR C 180 -29.69 4.25 21.75
C TYR C 180 -28.88 3.26 22.57
N PHE C 181 -29.22 3.19 23.86
CA PHE C 181 -28.37 2.58 24.87
C PHE C 181 -29.22 1.86 25.89
N TRP C 182 -28.69 0.78 26.43
CA TRP C 182 -29.31 0.10 27.57
C TRP C 182 -28.21 -0.59 28.34
N GLY C 183 -28.60 -1.30 29.38
CA GLY C 183 -27.62 -2.00 30.17
C GLY C 183 -28.19 -3.14 30.98
N VAL C 184 -27.30 -3.93 31.56
CA VAL C 184 -27.72 -5.00 32.45
C VAL C 184 -26.98 -4.95 33.78
N HIS C 185 -27.73 -4.83 34.86
CA HIS C 185 -27.09 -4.76 36.17
C HIS C 185 -26.73 -6.15 36.69
N HIS C 186 -25.48 -6.28 37.11
CA HIS C 186 -24.90 -7.48 37.71
C HIS C 186 -24.59 -7.24 39.19
N PRO C 187 -25.54 -7.51 40.10
CA PRO C 187 -25.27 -7.28 41.53
C PRO C 187 -24.06 -8.06 42.05
N LEU C 188 -23.42 -7.57 43.11
CA LEU C 188 -22.27 -8.27 43.66
C LEU C 188 -22.67 -9.48 44.52
N ASP C 189 -23.90 -9.52 45.00
CA ASP C 189 -24.32 -10.69 45.75
C ASP C 189 -25.82 -10.89 45.61
N THR C 190 -26.28 -12.05 46.07
CA THR C 190 -27.65 -12.45 45.92
C THR C 190 -28.60 -11.60 46.78
N THR C 191 -28.06 -10.95 47.82
CA THR C 191 -28.87 -10.11 48.69
C THR C 191 -29.25 -8.80 48.02
N VAL C 192 -28.30 -8.20 47.30
CA VAL C 192 -28.63 -7.03 46.47
C VAL C 192 -29.60 -7.44 45.37
N GLN C 193 -29.38 -8.61 44.77
CA GLN C 193 -30.21 -9.03 43.66
C GLN C 193 -31.66 -9.13 44.12
N ASP C 194 -31.88 -9.79 45.26
CA ASP C 194 -33.21 -9.91 45.85
C ASP C 194 -33.81 -8.60 46.36
N ASN C 195 -33.01 -7.71 46.93
CA ASN C 195 -33.53 -6.42 47.36
C ASN C 195 -34.08 -5.57 46.21
N LEU C 196 -33.25 -5.40 45.18
CA LEU C 196 -33.59 -4.61 43.98
C LEU C 196 -34.63 -5.26 43.06
N TYR C 197 -34.54 -6.57 42.90
CA TYR C 197 -35.32 -7.31 41.93
C TYR C 197 -35.96 -8.49 42.66
N GLY C 198 -36.95 -9.11 42.05
CA GLY C 198 -37.59 -10.24 42.71
C GLY C 198 -36.70 -11.47 42.74
N SER C 199 -37.13 -12.49 43.48
CA SER C 199 -36.46 -13.78 43.44
C SER C 199 -36.70 -14.45 42.07
N GLY C 200 -35.83 -15.39 41.70
CA GLY C 200 -36.00 -16.13 40.46
C GLY C 200 -35.10 -15.67 39.34
N ASP C 201 -34.96 -16.51 38.32
CA ASP C 201 -34.10 -16.20 37.19
C ASP C 201 -34.60 -14.92 36.49
N LYS C 202 -33.68 -14.00 36.21
CA LYS C 202 -34.07 -12.74 35.57
C LYS C 202 -33.51 -12.65 34.17
N TYR C 203 -34.17 -11.90 33.30
CA TYR C 203 -33.66 -11.72 31.94
C TYR C 203 -33.87 -10.33 31.37
N VAL C 204 -33.01 -9.96 30.44
CA VAL C 204 -33.24 -8.77 29.61
C VAL C 204 -33.26 -9.23 28.17
N ARG C 205 -34.36 -8.95 27.47
CA ARG C 205 -34.44 -9.36 26.09
C ARG C 205 -34.88 -8.21 25.21
N MET C 206 -34.21 -8.09 24.07
CA MET C 206 -34.58 -7.06 23.12
C MET C 206 -34.46 -7.60 21.71
N GLY C 207 -35.32 -7.10 20.83
CA GLY C 207 -35.22 -7.48 19.44
C GLY C 207 -35.78 -6.41 18.54
N THR C 208 -35.27 -6.40 17.30
CA THR C 208 -35.84 -5.60 16.23
C THR C 208 -36.05 -6.53 15.06
N GLU C 209 -36.34 -5.99 13.88
CA GLU C 209 -36.46 -6.81 12.68
C GLU C 209 -35.13 -7.50 12.40
N SER C 210 -34.02 -6.79 12.58
CA SER C 210 -32.69 -7.34 12.28
C SER C 210 -31.80 -7.73 13.47
N MET C 211 -32.05 -7.17 14.66
CA MET C 211 -31.35 -7.52 15.91
C MET C 211 -32.02 -8.50 16.87
N ASN C 212 -31.21 -9.29 17.60
CA ASN C 212 -31.64 -9.99 18.79
C ASN C 212 -30.65 -9.86 19.94
N PHE C 213 -31.18 -9.62 21.14
CA PHE C 213 -30.36 -9.54 22.35
C PHE C 213 -30.96 -10.33 23.52
N ALA C 214 -30.16 -11.13 24.22
CA ALA C 214 -30.62 -11.77 25.44
C ALA C 214 -29.51 -11.80 26.47
N LYS C 215 -29.81 -11.41 27.71
CA LYS C 215 -28.81 -11.49 28.77
C LYS C 215 -29.43 -11.73 30.17
N SER C 216 -28.63 -12.36 31.03
CA SER C 216 -29.06 -12.54 32.41
C SER C 216 -27.97 -12.06 33.37
N PRO C 217 -28.35 -11.77 34.61
CA PRO C 217 -27.35 -11.23 35.56
C PRO C 217 -26.25 -12.24 35.93
N GLU C 218 -25.01 -11.74 35.95
CA GLU C 218 -23.84 -12.52 36.33
C GLU C 218 -23.41 -12.07 37.72
N ILE C 219 -24.00 -12.68 38.74
CA ILE C 219 -23.86 -12.23 40.11
C ILE C 219 -22.53 -12.65 40.73
N ALA C 220 -21.71 -11.68 41.09
CA ALA C 220 -20.43 -11.89 41.76
C ALA C 220 -19.83 -10.56 42.20
N ALA C 221 -18.88 -10.61 43.13
CA ALA C 221 -18.21 -9.41 43.60
C ALA C 221 -16.91 -9.15 42.84
N ARG C 222 -16.84 -8.01 42.18
CA ARG C 222 -15.66 -7.56 41.46
C ARG C 222 -14.96 -6.53 42.32
N PRO C 223 -13.66 -6.28 42.08
CA PRO C 223 -12.93 -5.30 42.89
C PRO C 223 -13.64 -3.95 42.89
N ALA C 224 -13.60 -3.24 44.00
CA ALA C 224 -14.33 -1.99 44.12
C ALA C 224 -13.84 -0.95 43.13
N VAL C 225 -14.77 -0.29 42.44
CA VAL C 225 -14.46 0.81 41.53
C VAL C 225 -15.50 1.91 41.76
N ASN C 226 -15.05 3.09 42.19
CA ASN C 226 -15.97 4.10 42.72
C ASN C 226 -16.88 3.48 43.78
N ASP C 227 -16.29 2.69 44.67
CA ASP C 227 -16.99 2.08 45.80
C ASP C 227 -18.02 1.01 45.35
N GLN C 228 -18.01 0.64 44.08
CA GLN C 228 -18.95 -0.39 43.62
C GLN C 228 -18.26 -1.73 43.32
N ARG C 229 -18.72 -2.79 43.96
CA ARG C 229 -18.33 -4.15 43.62
C ARG C 229 -19.31 -4.83 42.63
N SER C 230 -20.48 -4.22 42.42
CA SER C 230 -21.35 -4.63 41.34
C SER C 230 -20.88 -4.05 39.99
N ARG C 231 -21.54 -4.46 38.90
CA ARG C 231 -21.24 -3.93 37.57
C ARG C 231 -22.49 -3.70 36.75
N ILE C 232 -22.36 -2.83 35.76
CA ILE C 232 -23.33 -2.72 34.67
C ILE C 232 -22.66 -3.04 33.32
N ASP C 233 -23.31 -3.91 32.57
CA ASP C 233 -22.97 -4.17 31.16
C ASP C 233 -23.70 -3.14 30.32
N TYR C 234 -22.99 -2.27 29.60
CA TYR C 234 -23.69 -1.29 28.78
C TYR C 234 -23.71 -1.76 27.33
N TYR C 235 -24.76 -1.40 26.61
CA TYR C 235 -24.89 -1.78 25.20
C TYR C 235 -25.36 -0.59 24.38
N TRP C 236 -25.13 -0.64 23.08
CA TRP C 236 -25.65 0.37 22.17
C TRP C 236 -26.09 -0.31 20.86
N SER C 237 -27.00 0.31 20.14
CA SER C 237 -27.41 -0.16 18.82
C SER C 237 -27.97 0.98 18.05
N VAL C 238 -28.26 0.73 16.78
CA VAL C 238 -28.84 1.73 15.91
C VAL C 238 -30.13 1.17 15.32
N LEU C 239 -31.23 1.86 15.62
CA LEU C 239 -32.55 1.51 15.14
C LEU C 239 -32.73 2.16 13.78
N ARG C 240 -32.86 1.35 12.73
CA ARG C 240 -32.92 1.86 11.38
C ARG C 240 -34.26 2.51 11.12
N PRO C 241 -34.33 3.43 10.14
CA PRO C 241 -35.63 3.98 9.74
C PRO C 241 -36.58 2.83 9.37
N GLY C 242 -37.81 2.88 9.87
CA GLY C 242 -38.76 1.81 9.62
C GLY C 242 -38.68 0.60 10.56
N GLU C 243 -37.64 0.52 11.38
CA GLU C 243 -37.51 -0.60 12.31
C GLU C 243 -38.24 -0.35 13.63
N THR C 244 -38.52 -1.42 14.35
CA THR C 244 -39.23 -1.37 15.62
C THR C 244 -38.36 -2.06 16.67
N LEU C 245 -38.36 -1.52 17.89
CA LEU C 245 -37.65 -2.15 18.99
C LEU C 245 -38.62 -2.66 20.04
N ASN C 246 -38.52 -3.94 20.38
CA ASN C 246 -39.28 -4.48 21.50
C ASN C 246 -38.33 -4.72 22.67
N VAL C 247 -38.74 -4.30 23.86
CA VAL C 247 -37.96 -4.54 25.07
C VAL C 247 -38.80 -5.32 26.06
N GLU C 248 -38.20 -6.32 26.70
CA GLU C 248 -38.93 -7.21 27.61
C GLU C 248 -37.96 -7.66 28.70
N SER C 249 -38.33 -7.48 29.96
CA SER C 249 -37.47 -7.84 31.08
C SER C 249 -38.29 -8.15 32.31
N ASN C 250 -37.74 -8.96 33.19
CA ASN C 250 -38.35 -9.17 34.50
C ASN C 250 -37.39 -8.78 35.61
N GLY C 251 -36.35 -8.00 35.27
CA GLY C 251 -35.37 -7.57 36.25
C GLY C 251 -34.00 -7.29 35.69
N ASN C 252 -33.23 -6.47 36.42
CA ASN C 252 -31.85 -6.11 36.08
C ASN C 252 -31.69 -5.28 34.81
N LEU C 253 -32.80 -4.75 34.29
CA LEU C 253 -32.72 -3.91 33.11
C LEU C 253 -32.33 -2.46 33.46
N ILE C 254 -31.29 -1.93 32.84
CA ILE C 254 -31.08 -0.50 32.82
C ILE C 254 -31.66 -0.01 31.49
N ALA C 255 -32.86 0.55 31.57
CA ALA C 255 -33.67 0.87 30.40
C ALA C 255 -33.15 2.06 29.58
N PRO C 256 -33.38 2.02 28.27
CA PRO C 256 -33.17 3.21 27.45
C PRO C 256 -34.17 4.27 27.88
N TRP C 257 -33.77 5.53 27.91
CA TRP C 257 -34.70 6.58 28.29
C TRP C 257 -34.74 7.54 27.13
N TYR C 258 -33.63 8.26 26.98
CA TYR C 258 -33.43 9.19 25.89
C TYR C 258 -32.45 8.58 24.89
N ALA C 259 -32.63 8.91 23.61
CA ALA C 259 -31.78 8.42 22.54
C ALA C 259 -31.47 9.54 21.55
N TYR C 260 -30.75 9.24 20.47
CA TYR C 260 -30.39 10.28 19.51
C TYR C 260 -30.77 9.97 18.07
N LYS C 261 -31.54 10.84 17.44
CA LYS C 261 -31.64 10.81 15.99
C LYS C 261 -30.27 11.21 15.45
N PHE C 262 -29.72 10.38 14.57
CA PHE C 262 -28.34 10.51 14.18
C PHE C 262 -28.23 10.92 12.71
N VAL C 263 -27.47 11.96 12.43
CA VAL C 263 -27.25 12.38 11.05
C VAL C 263 -25.82 12.13 10.59
N SER C 264 -25.68 11.39 9.49
CA SER C 264 -24.37 11.02 8.95
C SER C 264 -23.87 12.02 7.91
N LYS C 268 -16.12 13.10 5.47
CA LYS C 268 -15.34 12.36 6.45
C LYS C 268 -15.33 13.08 7.78
N GLY C 269 -15.51 12.34 8.87
CA GLY C 269 -15.49 12.93 10.19
C GLY C 269 -14.24 12.56 10.95
N ALA C 270 -13.98 13.26 12.05
CA ALA C 270 -12.82 12.99 12.88
C ALA C 270 -13.07 13.25 14.36
N VAL C 271 -12.39 12.45 15.16
CA VAL C 271 -12.27 12.70 16.57
C VAL C 271 -10.80 12.95 16.87
N PHE C 272 -10.49 14.16 17.33
CA PHE C 272 -9.12 14.51 17.71
C PHE C 272 -8.95 14.47 19.24
N LYS C 273 -8.00 13.68 19.71
CA LYS C 273 -7.58 13.74 21.10
C LYS C 273 -6.43 14.73 21.19
N SER C 274 -6.71 15.88 21.80
CA SER C 274 -5.76 16.97 21.81
C SER C 274 -6.01 18.00 22.92
N ASP C 275 -4.90 18.61 23.35
CA ASP C 275 -4.79 19.80 24.22
C ASP C 275 -5.21 21.15 23.65
N LEU C 276 -5.14 21.28 22.32
CA LEU C 276 -5.14 22.58 21.67
C LEU C 276 -6.43 23.34 21.85
N PRO C 277 -6.34 24.67 21.91
CA PRO C 277 -7.54 25.48 22.10
C PRO C 277 -8.33 25.64 20.82
N ILE C 278 -9.64 25.72 20.98
CA ILE C 278 -10.56 26.06 19.91
C ILE C 278 -10.76 27.58 19.95
N GLU C 279 -10.45 28.26 18.83
CA GLU C 279 -10.50 29.73 18.79
C GLU C 279 -11.53 30.21 17.75
N ASN C 280 -11.88 31.50 17.80
CA ASN C 280 -12.86 32.07 16.87
C ASN C 280 -12.21 32.40 15.51
N CYS C 281 -11.95 31.32 14.81
CA CYS C 281 -11.13 31.28 13.63
C CYS C 281 -11.67 30.28 12.60
N ASP C 282 -11.31 30.48 11.34
CA ASP C 282 -11.78 29.63 10.24
C ASP C 282 -10.64 28.97 9.48
N ALA C 283 -10.86 27.73 9.07
CA ALA C 283 -9.83 26.98 8.35
C ALA C 283 -10.41 26.18 7.23
N THR C 284 -9.54 25.87 6.27
CA THR C 284 -9.91 24.98 5.19
C THR C 284 -9.23 23.63 5.42
N CYS C 285 -8.19 23.61 6.25
CA CYS C 285 -7.43 22.40 6.51
C CYS C 285 -7.05 22.34 7.97
N GLN C 286 -7.56 21.34 8.66
CA GLN C 286 -7.32 21.21 10.09
C GLN C 286 -6.62 19.90 10.42
N THR C 287 -5.41 19.95 10.95
CA THR C 287 -4.80 18.71 11.39
C THR C 287 -4.94 18.60 12.90
N ILE C 288 -4.62 17.44 13.43
CA ILE C 288 -4.68 17.23 14.88
C ILE C 288 -3.65 18.07 15.66
N THR C 289 -2.63 18.58 14.98
CA THR C 289 -1.61 19.37 15.67
C THR C 289 -1.70 20.84 15.27
N GLY C 290 -2.68 21.15 14.43
CA GLY C 290 -2.91 22.54 14.09
C GLY C 290 -3.40 22.77 12.68
N VAL C 291 -3.76 24.03 12.40
CA VAL C 291 -4.24 24.50 11.10
C VAL C 291 -3.13 24.74 10.07
N LEU C 292 -3.36 24.26 8.86
CA LEU C 292 -2.50 24.55 7.71
C LEU C 292 -3.17 25.62 6.89
N ARG C 293 -2.46 26.72 6.69
CA ARG C 293 -2.98 27.78 5.86
C ARG C 293 -1.96 28.01 4.77
N THR C 294 -2.10 27.24 3.68
CA THR C 294 -1.05 27.10 2.69
C THR C 294 -1.58 26.76 1.32
N ASN C 295 -0.71 26.90 0.33
CA ASN C 295 -1.01 26.45 -1.02
C ASN C 295 0.02 25.43 -1.49
N LYS C 296 0.89 24.99 -0.57
CA LYS C 296 1.93 24.01 -0.90
C LYS C 296 1.33 22.61 -1.14
N THR C 297 2.06 21.77 -1.87
CA THR C 297 1.57 20.47 -2.31
C THR C 297 1.74 19.38 -1.25
N PHE C 298 2.81 19.49 -0.47
CA PHE C 298 3.14 18.52 0.58
C PHE C 298 3.15 19.21 1.96
N GLN C 299 3.03 18.41 3.00
CA GLN C 299 3.20 18.89 4.37
C GLN C 299 3.75 17.78 5.25
N ASN C 300 4.60 18.17 6.19
CA ASN C 300 5.15 17.25 7.15
C ASN C 300 4.56 17.49 8.55
N VAL C 301 3.42 18.15 8.61
CA VAL C 301 2.80 18.46 9.90
C VAL C 301 2.12 17.22 10.49
N SER C 302 1.13 16.64 9.81
CA SER C 302 0.45 15.48 10.36
C SER C 302 -0.33 14.72 9.31
N PRO C 303 -0.43 13.39 9.45
CA PRO C 303 -1.24 12.54 8.57
C PRO C 303 -2.72 12.54 8.95
N LEU C 304 -3.02 13.18 10.08
CA LEU C 304 -4.37 13.13 10.63
C LEU C 304 -5.03 14.49 10.47
N TRP C 305 -6.05 14.58 9.63
CA TRP C 305 -6.68 15.87 9.40
C TRP C 305 -8.11 15.73 8.94
N ILE C 306 -8.74 16.90 8.74
CA ILE C 306 -10.09 16.99 8.22
C ILE C 306 -10.07 18.22 7.29
N GLY C 307 -10.96 18.26 6.31
CA GLY C 307 -10.90 19.31 5.32
C GLY C 307 -10.01 18.97 4.14
N GLU C 308 -9.53 20.01 3.45
CA GLU C 308 -8.71 19.81 2.26
C GLU C 308 -7.25 20.14 2.55
N CYS C 309 -6.43 19.11 2.67
CA CYS C 309 -5.04 19.31 3.11
C CYS C 309 -4.09 18.77 2.04
N PRO C 310 -2.84 19.24 2.06
CA PRO C 310 -1.86 18.64 1.16
C PRO C 310 -1.37 17.29 1.70
N LYS C 311 -0.71 16.56 0.81
CA LYS C 311 -0.19 15.24 1.11
C LYS C 311 0.82 15.24 2.24
N TYR C 312 0.66 14.29 3.16
CA TYR C 312 1.61 14.12 4.26
C TYR C 312 2.79 13.26 3.81
N VAL C 313 4.00 13.70 4.16
CA VAL C 313 5.25 12.99 3.87
C VAL C 313 6.21 13.26 5.02
N LYS C 314 7.28 12.47 5.15
CA LYS C 314 8.20 12.68 6.27
C LYS C 314 9.32 13.70 5.92
N SER C 315 9.31 14.20 4.69
CA SER C 315 10.39 15.06 4.19
C SER C 315 10.52 16.41 4.92
N GLU C 316 11.74 16.91 5.02
CA GLU C 316 12.01 18.22 5.63
C GLU C 316 11.81 19.35 4.63
N SER C 317 12.05 19.06 3.36
CA SER C 317 11.95 20.05 2.31
C SER C 317 11.84 19.35 0.96
N LEU C 318 11.00 19.86 0.06
CA LEU C 318 10.93 19.35 -1.30
C LEU C 318 11.07 20.48 -2.31
N ARG C 319 12.30 20.94 -2.51
CA ARG C 319 12.47 22.14 -3.33
C ARG C 319 12.86 21.79 -4.77
N LEU C 320 12.03 22.26 -5.71
CA LEU C 320 12.22 22.01 -7.12
C LEU C 320 13.03 23.12 -7.80
N ALA C 321 14.12 22.77 -8.48
CA ALA C 321 14.81 23.76 -9.29
C ALA C 321 13.87 24.23 -10.39
N THR C 322 13.79 25.53 -10.62
CA THR C 322 13.09 25.99 -11.81
C THR C 322 14.05 26.78 -12.72
N GLY C 323 14.91 27.57 -12.10
CA GLY C 323 15.94 28.28 -12.82
C GLY C 323 17.16 27.38 -12.99
N LEU C 324 18.29 28.01 -13.26
CA LEU C 324 19.48 27.27 -13.65
C LEU C 324 20.58 27.40 -12.61
N ARG C 325 21.66 26.65 -12.78
CA ARG C 325 22.76 26.74 -11.85
C ARG C 325 23.23 28.18 -11.80
N ASN C 326 23.32 28.71 -10.59
CA ASN C 326 23.67 30.12 -10.36
C ASN C 326 25.18 30.29 -10.28
N VAL C 327 25.78 30.93 -11.28
CA VAL C 327 27.24 31.12 -11.28
C VAL C 327 27.58 32.60 -11.49
N PRO C 328 27.24 33.44 -10.50
CA PRO C 328 27.47 34.88 -10.61
C PRO C 328 28.95 35.26 -10.61
N GLN C 329 29.29 36.34 -11.31
CA GLN C 329 30.67 36.77 -11.39
C GLN C 329 31.16 37.17 -10.00
N ILE C 330 32.41 36.83 -9.72
CA ILE C 330 32.98 37.15 -8.42
C ILE C 330 33.47 38.60 -8.40
N ALA C 331 32.97 39.34 -7.42
CA ALA C 331 33.30 40.74 -7.23
C ALA C 331 34.05 40.90 -5.94
N THR C 332 35.16 41.63 -6.00
CA THR C 332 35.99 41.85 -4.83
C THR C 332 35.96 43.31 -4.37
N GLY D 1 28.36 20.26 -16.96
CA GLY D 1 26.96 19.98 -16.66
C GLY D 1 26.91 19.03 -17.83
N ILE D 2 25.81 18.39 -18.21
CA ILE D 2 25.93 17.34 -19.26
C ILE D 2 26.08 17.79 -20.73
N PHE D 3 25.55 18.96 -21.08
CA PHE D 3 25.79 19.52 -22.43
C PHE D 3 27.04 20.38 -22.44
N GLY D 4 27.65 20.59 -21.29
CA GLY D 4 28.99 21.14 -21.23
C GLY D 4 29.11 22.65 -21.32
N ALA D 5 28.00 23.35 -21.34
CA ALA D 5 28.03 24.81 -21.54
C ALA D 5 27.99 25.56 -20.20
N ILE D 6 26.88 25.42 -19.47
CA ILE D 6 26.73 26.06 -18.16
C ILE D 6 27.78 25.53 -17.19
N ALA D 7 28.48 26.48 -16.57
CA ALA D 7 29.61 26.20 -15.70
C ALA D 7 30.51 25.19 -16.36
N GLY D 8 30.72 25.36 -17.66
CA GLY D 8 31.54 24.44 -18.44
C GLY D 8 32.40 25.24 -19.38
N PHE D 9 32.14 25.18 -20.68
CA PHE D 9 32.96 25.94 -21.61
C PHE D 9 32.52 27.43 -21.64
N ILE D 10 31.40 27.71 -20.99
CA ILE D 10 31.00 29.08 -20.60
C ILE D 10 31.03 29.14 -19.07
N GLU D 11 32.11 29.72 -18.56
CA GLU D 11 32.52 29.49 -17.17
C GLU D 11 31.55 30.08 -16.15
N GLY D 12 30.91 31.20 -16.46
CA GLY D 12 30.03 31.85 -15.51
C GLY D 12 28.79 32.45 -16.13
N GLY D 13 27.83 32.80 -15.28
CA GLY D 13 26.61 33.43 -15.73
C GLY D 13 26.78 34.96 -15.71
N TRP D 14 25.70 35.65 -16.09
CA TRP D 14 25.68 37.11 -16.23
C TRP D 14 24.63 37.75 -15.34
N THR D 15 25.08 38.42 -14.28
CA THR D 15 24.17 39.15 -13.41
C THR D 15 23.60 40.38 -14.10
N GLY D 16 24.30 40.90 -15.11
CA GLY D 16 23.79 42.04 -15.86
C GLY D 16 22.73 41.68 -16.89
N MET D 17 22.52 40.38 -17.15
CA MET D 17 21.43 39.97 -18.03
C MET D 17 20.19 39.63 -17.20
N ILE D 18 19.28 40.60 -17.04
CA ILE D 18 18.19 40.44 -16.07
C ILE D 18 16.81 40.16 -16.68
N ASP D 19 16.71 40.08 -17.99
CA ASP D 19 15.41 39.93 -18.59
C ASP D 19 15.20 38.58 -19.27
N GLY D 20 15.99 37.59 -18.91
CA GLY D 20 15.75 36.24 -19.39
C GLY D 20 16.81 35.29 -18.89
N TRP D 21 16.56 33.99 -19.08
CA TRP D 21 17.53 32.92 -18.76
C TRP D 21 18.76 32.75 -19.66
N TYR D 22 18.56 32.86 -20.97
CA TYR D 22 19.62 32.65 -21.95
C TYR D 22 19.71 33.85 -22.88
N GLY D 23 20.93 34.18 -23.27
CA GLY D 23 21.14 35.45 -23.91
C GLY D 23 22.41 35.69 -24.70
N TYR D 24 22.49 36.94 -25.19
CA TYR D 24 23.68 37.42 -25.87
C TYR D 24 24.35 38.62 -25.18
N HIS D 25 25.67 38.60 -25.16
CA HIS D 25 26.46 39.78 -24.85
C HIS D 25 27.16 40.24 -26.13
N HIS D 26 27.10 41.53 -26.44
CA HIS D 26 27.75 42.05 -27.64
C HIS D 26 28.63 43.24 -27.28
N GLU D 27 29.69 43.47 -28.03
CA GLU D 27 30.39 44.75 -27.96
C GLU D 27 30.67 45.27 -29.37
N ASN D 28 30.30 46.54 -29.55
CA ASN D 28 30.22 47.29 -30.82
C ASN D 28 31.05 48.55 -30.78
N SER D 29 31.38 49.14 -31.93
CA SER D 29 31.87 50.53 -31.85
C SER D 29 30.69 51.43 -31.37
N GLN D 30 29.45 50.96 -31.49
CA GLN D 30 28.30 51.71 -30.98
C GLN D 30 27.91 51.39 -29.53
N GLY D 31 28.64 50.50 -28.86
CA GLY D 31 28.32 50.18 -27.48
C GLY D 31 28.30 48.70 -27.17
N SER D 32 27.85 48.36 -25.97
CA SER D 32 27.79 46.95 -25.52
C SER D 32 26.63 46.69 -24.59
N GLY D 33 26.32 45.42 -24.37
CA GLY D 33 25.27 45.07 -23.44
C GLY D 33 24.90 43.60 -23.36
N TYR D 34 23.93 43.33 -22.49
CA TYR D 34 23.40 41.99 -22.24
C TYR D 34 21.93 41.97 -22.57
N ALA D 35 21.55 41.16 -23.56
CA ALA D 35 20.15 41.00 -24.00
C ALA D 35 19.70 39.52 -24.08
N ALA D 36 18.63 39.19 -23.37
CA ALA D 36 18.08 37.84 -23.37
C ALA D 36 17.56 37.47 -24.75
N ASP D 37 17.63 36.18 -25.08
CA ASP D 37 16.96 35.65 -26.24
C ASP D 37 15.56 35.19 -25.82
N ARG D 38 14.56 35.95 -26.24
CA ARG D 38 13.21 35.85 -25.66
C ARG D 38 12.55 34.53 -25.98
N GLU D 39 12.76 34.05 -27.20
CA GLU D 39 12.09 32.86 -27.65
C GLU D 39 12.50 31.60 -26.88
N SER D 40 13.81 31.41 -26.71
CA SER D 40 14.27 30.24 -25.99
C SER D 40 14.00 30.38 -24.49
N THR D 41 14.06 31.62 -24.00
CA THR D 41 13.76 31.86 -22.61
C THR D 41 12.29 31.54 -22.30
N GLN D 42 11.37 32.03 -23.14
CA GLN D 42 9.95 31.82 -22.90
C GLN D 42 9.56 30.37 -23.06
N LYS D 43 10.10 29.68 -24.08
CA LYS D 43 9.84 28.27 -24.29
C LYS D 43 10.25 27.46 -23.05
N ALA D 44 11.41 27.81 -22.49
CA ALA D 44 11.90 27.17 -21.28
C ALA D 44 10.97 27.45 -20.09
N ILE D 45 10.58 28.69 -19.90
CA ILE D 45 9.61 29.01 -18.83
C ILE D 45 8.28 28.25 -18.95
N ASP D 46 7.72 28.15 -20.16
CA ASP D 46 6.50 27.37 -20.39
C ASP D 46 6.72 25.90 -20.04
N GLY D 47 7.84 25.33 -20.48
CA GLY D 47 8.14 23.94 -20.21
C GLY D 47 8.30 23.69 -18.72
N ILE D 48 9.08 24.54 -18.05
CA ILE D 48 9.38 24.33 -16.63
C ILE D 48 8.16 24.58 -15.78
N THR D 49 7.34 25.56 -16.17
CA THR D 49 6.04 25.80 -15.48
C THR D 49 5.10 24.60 -15.63
N ASN D 50 5.09 24.03 -16.83
CA ASN D 50 4.28 22.86 -17.07
C ASN D 50 4.75 21.70 -16.23
N LYS D 51 6.05 21.54 -16.11
CA LYS D 51 6.60 20.44 -15.32
C LYS D 51 6.16 20.59 -13.85
N VAL D 52 6.37 21.77 -13.29
CA VAL D 52 5.95 22.05 -11.94
C VAL D 52 4.45 21.76 -11.77
N ASN D 53 3.61 22.24 -12.70
CA ASN D 53 2.16 22.03 -12.57
C ASN D 53 1.75 20.57 -12.75
N SER D 54 2.46 19.85 -13.60
CA SER D 54 2.15 18.45 -13.79
C SER D 54 2.44 17.67 -12.52
N ILE D 55 3.55 18.00 -11.88
CA ILE D 55 3.94 17.30 -10.65
C ILE D 55 2.95 17.60 -9.55
N ILE D 56 2.61 18.88 -9.42
CA ILE D 56 1.60 19.27 -8.45
C ILE D 56 0.29 18.52 -8.74
N ASN D 57 -0.09 18.46 -10.02
CA ASN D 57 -1.34 17.77 -10.36
C ASN D 57 -1.32 16.28 -10.00
N LYS D 58 -0.22 15.61 -10.34
CA LYS D 58 -0.05 14.19 -10.08
C LYS D 58 0.00 13.90 -8.58
N MET D 59 0.45 14.86 -7.80
CA MET D 59 0.60 14.67 -6.36
C MET D 59 -0.66 15.08 -5.58
N ASN D 60 -1.75 15.35 -6.28
CA ASN D 60 -2.88 15.98 -5.64
C ASN D 60 -3.90 14.99 -5.05
N THR D 61 -3.47 13.76 -4.80
CA THR D 61 -4.33 12.79 -4.12
C THR D 61 -3.69 12.63 -2.71
N GLN D 62 -4.49 12.39 -1.68
CA GLN D 62 -3.93 12.15 -0.34
C GLN D 62 -4.34 10.80 0.22
N PHE D 63 -3.39 10.03 0.76
CA PHE D 63 -3.76 8.92 1.62
C PHE D 63 -4.23 9.49 2.97
N GLU D 64 -5.27 8.92 3.54
CA GLU D 64 -5.78 9.46 4.79
C GLU D 64 -5.75 8.47 5.94
N ALA D 65 -4.92 8.77 6.93
CA ALA D 65 -4.83 7.97 8.12
C ALA D 65 -6.07 8.24 9.02
N VAL D 66 -6.39 7.31 9.91
CA VAL D 66 -7.59 7.50 10.74
C VAL D 66 -7.36 7.33 12.23
N ASP D 67 -8.27 7.89 12.99
CA ASP D 67 -8.17 7.97 14.42
C ASP D 67 -8.74 6.77 15.20
N HIS D 68 -9.02 5.64 14.55
CA HIS D 68 -9.74 4.55 15.20
C HIS D 68 -9.00 3.94 16.38
N GLU D 69 -9.76 3.55 17.39
CA GLU D 69 -9.23 2.88 18.55
C GLU D 69 -9.36 1.36 18.39
N PHE D 70 -8.47 0.62 19.03
CA PHE D 70 -8.55 -0.84 19.04
C PHE D 70 -8.46 -1.39 20.44
N SER D 71 -9.20 -2.45 20.76
CA SER D 71 -9.22 -2.97 22.12
C SER D 71 -8.01 -3.85 22.40
N ASN D 72 -7.95 -4.42 23.60
CA ASN D 72 -6.84 -5.32 23.97
C ASN D 72 -6.95 -6.73 23.38
N LEU D 73 -8.04 -6.98 22.65
CA LEU D 73 -8.14 -8.19 21.81
C LEU D 73 -8.05 -7.83 20.31
N GLU D 74 -7.54 -6.65 20.00
CA GLU D 74 -7.42 -6.21 18.60
C GLU D 74 -5.99 -5.78 18.23
N ARG D 75 -5.02 -6.45 18.84
CA ARG D 75 -3.64 -6.13 18.59
C ARG D 75 -3.28 -6.39 17.12
N ARG D 76 -3.77 -7.49 16.56
CA ARG D 76 -3.46 -7.86 15.19
C ARG D 76 -4.02 -6.84 14.18
N ILE D 77 -5.31 -6.50 14.30
CA ILE D 77 -5.81 -5.55 13.32
C ILE D 77 -5.32 -4.10 13.57
N GLY D 78 -5.07 -3.72 14.83
CA GLY D 78 -4.49 -2.41 15.14
C GLY D 78 -3.12 -2.27 14.49
N ASN D 79 -2.31 -3.32 14.59
CA ASN D 79 -0.99 -3.33 13.98
C ASN D 79 -1.06 -3.42 12.44
N LEU D 80 -2.11 -4.06 11.94
CA LEU D 80 -2.34 -4.09 10.51
C LEU D 80 -2.55 -2.65 10.04
N ASN D 81 -3.47 -1.94 10.69
CA ASN D 81 -3.73 -0.54 10.35
C ASN D 81 -2.49 0.35 10.40
N LYS D 82 -1.65 0.15 11.41
CA LYS D 82 -0.39 0.93 11.53
C LYS D 82 0.59 0.64 10.40
N ARG D 83 0.77 -0.64 10.10
CA ARG D 83 1.70 -1.04 9.03
C ARG D 83 1.21 -0.54 7.67
N MET D 84 -0.10 -0.58 7.49
CA MET D 84 -0.69 -0.06 6.26
C MET D 84 -0.46 1.44 6.10
N GLU D 85 -0.82 2.21 7.14
CA GLU D 85 -0.67 3.65 7.09
C GLU D 85 0.81 4.05 6.95
N ASP D 86 1.71 3.45 7.74
CA ASP D 86 3.13 3.70 7.59
C ASP D 86 3.65 3.29 6.20
N GLY D 87 3.06 2.23 5.64
CA GLY D 87 3.44 1.72 4.35
C GLY D 87 3.17 2.75 3.26
N PHE D 88 1.98 3.34 3.25
CA PHE D 88 1.69 4.34 2.24
C PHE D 88 2.52 5.60 2.49
N LEU D 89 2.72 5.94 3.75
CA LEU D 89 3.60 7.07 4.07
C LEU D 89 5.00 6.87 3.48
N ASP D 90 5.55 5.69 3.63
CA ASP D 90 6.90 5.45 3.10
C ASP D 90 6.99 5.47 1.58
N VAL D 91 5.94 5.00 0.93
CA VAL D 91 5.86 4.97 -0.53
C VAL D 91 5.74 6.38 -1.09
N TRP D 92 4.90 7.21 -0.48
CA TRP D 92 4.73 8.60 -0.96
C TRP D 92 5.95 9.47 -0.65
N THR D 93 6.58 9.26 0.50
CA THR D 93 7.77 10.02 0.85
C THR D 93 8.89 9.70 -0.16
N TYR D 94 8.99 8.41 -0.47
CA TYR D 94 9.93 7.95 -1.48
C TYR D 94 9.59 8.57 -2.85
N ASN D 95 8.34 8.45 -3.29
CA ASN D 95 7.95 8.99 -4.58
C ASN D 95 8.34 10.49 -4.72
N ALA D 96 8.04 11.29 -3.70
CA ALA D 96 8.28 12.72 -3.74
C ALA D 96 9.78 13.08 -3.70
N GLU D 97 10.51 12.45 -2.77
CA GLU D 97 11.94 12.73 -2.65
C GLU D 97 12.75 12.30 -3.87
N LEU D 98 12.48 11.11 -4.41
CA LEU D 98 13.19 10.65 -5.60
C LEU D 98 12.87 11.51 -6.80
N LEU D 99 11.59 11.80 -6.97
CA LEU D 99 11.14 12.61 -8.09
C LEU D 99 11.84 13.97 -8.07
N VAL D 100 11.97 14.58 -6.90
CA VAL D 100 12.60 15.89 -6.83
C VAL D 100 14.07 15.83 -7.25
N LEU D 101 14.79 14.83 -6.78
CA LEU D 101 16.21 14.68 -7.12
C LEU D 101 16.41 14.47 -8.62
N LEU D 102 15.54 13.65 -9.19
CA LEU D 102 15.63 13.31 -10.60
C LEU D 102 15.24 14.50 -11.46
N GLU D 103 14.17 15.21 -11.07
CA GLU D 103 13.71 16.27 -11.92
C GLU D 103 14.68 17.45 -11.85
N ASN D 104 15.32 17.66 -10.71
CA ASN D 104 16.29 18.74 -10.61
C ASN D 104 17.50 18.50 -11.50
N GLU D 105 17.97 17.25 -11.53
CA GLU D 105 19.05 16.86 -12.44
C GLU D 105 18.69 17.23 -13.87
N ARG D 106 17.50 16.79 -14.25
CA ARG D 106 17.06 16.93 -15.64
C ARG D 106 16.71 18.39 -15.99
N THR D 107 16.22 19.14 -15.01
CA THR D 107 15.92 20.54 -15.25
C THR D 107 17.23 21.30 -15.52
N LEU D 108 18.26 21.02 -14.74
CA LEU D 108 19.54 21.72 -14.96
C LEU D 108 20.12 21.37 -16.34
N ASP D 109 19.94 20.11 -16.76
CA ASP D 109 20.40 19.65 -18.08
C ASP D 109 19.71 20.37 -19.20
N LEU D 110 18.41 20.58 -19.04
CA LEU D 110 17.60 21.30 -20.03
C LEU D 110 18.10 22.74 -20.20
N HIS D 111 18.43 23.39 -19.09
CA HIS D 111 19.00 24.74 -19.16
C HIS D 111 20.34 24.72 -19.88
N ASP D 112 21.15 23.73 -19.55
CA ASP D 112 22.47 23.55 -20.17
C ASP D 112 22.33 23.33 -21.69
N ALA D 113 21.38 22.50 -22.09
CA ALA D 113 21.12 22.23 -23.53
C ALA D 113 20.68 23.48 -24.29
N ASN D 114 19.79 24.25 -23.66
CA ASN D 114 19.27 25.45 -24.30
C ASN D 114 20.37 26.48 -24.54
N VAL D 115 21.29 26.61 -23.57
CA VAL D 115 22.47 27.46 -23.77
C VAL D 115 23.39 26.92 -24.89
N LYS D 116 23.70 25.63 -24.82
CA LYS D 116 24.49 24.96 -25.85
C LYS D 116 23.93 25.18 -27.26
N ASN D 117 22.62 25.00 -27.39
CA ASN D 117 21.96 25.16 -28.67
C ASN D 117 21.99 26.59 -29.23
N LEU D 118 21.86 27.60 -28.37
CA LEU D 118 22.06 28.97 -28.86
C LEU D 118 23.47 29.17 -29.35
N TYR D 119 24.44 28.70 -28.59
CA TYR D 119 25.83 28.85 -28.98
C TYR D 119 26.09 28.18 -30.35
N GLU D 120 25.52 26.99 -30.59
CA GLU D 120 25.72 26.31 -31.87
C GLU D 120 25.07 27.09 -33.01
N LYS D 121 23.91 27.66 -32.77
CA LYS D 121 23.18 28.45 -33.75
C LYS D 121 24.02 29.66 -34.26
N VAL D 122 24.74 30.31 -33.37
CA VAL D 122 25.56 31.45 -33.77
C VAL D 122 26.80 30.96 -34.51
N LYS D 123 27.50 29.99 -33.92
CA LYS D 123 28.71 29.45 -34.55
C LYS D 123 28.52 29.00 -36.01
N SER D 124 27.37 28.42 -36.33
CA SER D 124 27.17 27.95 -37.71
C SER D 124 26.88 29.12 -38.68
N GLN D 125 26.23 30.17 -38.17
CA GLN D 125 26.02 31.37 -38.96
C GLN D 125 27.33 32.08 -39.30
N LEU D 126 28.20 32.23 -38.31
CA LEU D 126 29.39 33.06 -38.49
C LEU D 126 30.49 32.38 -39.31
N ARG D 127 30.63 31.06 -39.15
CA ARG D 127 31.69 30.32 -39.83
C ARG D 127 33.05 30.97 -39.58
N ASP D 128 33.85 31.11 -40.63
CA ASP D 128 35.18 31.70 -40.46
C ASP D 128 35.20 33.25 -40.55
N ASN D 129 34.03 33.89 -40.63
CA ASN D 129 33.91 35.36 -40.51
C ASN D 129 34.12 35.84 -39.06
N ALA D 130 34.23 34.89 -38.15
CA ALA D 130 34.54 35.22 -36.77
C ALA D 130 35.54 34.22 -36.22
N ASN D 131 36.27 34.68 -35.23
CA ASN D 131 37.22 33.86 -34.49
C ASN D 131 36.58 33.45 -33.17
N ASP D 132 36.64 32.16 -32.86
CA ASP D 132 36.18 31.71 -31.58
C ASP D 132 37.26 32.01 -30.56
N LEU D 133 36.96 32.95 -29.65
CA LEU D 133 37.72 33.03 -28.42
C LEU D 133 37.10 31.93 -27.58
N GLY D 134 37.57 31.73 -26.36
CA GLY D 134 36.89 30.79 -25.48
C GLY D 134 35.64 31.41 -24.87
N ASN D 135 35.05 30.67 -23.94
CA ASN D 135 33.96 31.15 -23.12
C ASN D 135 32.69 31.49 -23.89
N GLY D 136 32.49 30.86 -25.04
CA GLY D 136 31.28 31.08 -25.80
C GLY D 136 31.25 32.45 -26.49
N CYS D 137 32.41 33.07 -26.67
CA CYS D 137 32.50 34.37 -27.33
C CYS D 137 33.09 34.28 -28.74
N PHE D 138 32.56 35.10 -29.65
CA PHE D 138 33.11 35.19 -31.01
C PHE D 138 33.61 36.61 -31.31
N GLU D 139 34.82 36.71 -31.87
CA GLU D 139 35.29 38.01 -32.34
C GLU D 139 35.18 38.08 -33.85
N PHE D 140 34.36 38.99 -34.33
CA PHE D 140 34.19 39.20 -35.75
C PHE D 140 35.50 39.63 -36.44
N TRP D 141 35.69 39.18 -37.69
CA TRP D 141 36.83 39.58 -38.51
C TRP D 141 36.47 40.81 -39.34
N HIS D 142 35.27 41.31 -39.12
CA HIS D 142 34.73 42.43 -39.87
C HIS D 142 34.02 43.37 -38.92
N LYS D 143 33.65 44.56 -39.38
CA LYS D 143 32.88 45.47 -38.53
C LYS D 143 31.48 44.91 -38.41
N CYS D 144 31.00 44.77 -37.17
CA CYS D 144 29.67 44.24 -36.96
C CYS D 144 28.71 45.27 -36.36
N ASP D 145 27.71 45.63 -37.16
CA ASP D 145 26.73 46.67 -36.86
C ASP D 145 25.77 46.26 -35.77
N ASN D 146 25.05 47.21 -35.19
CA ASN D 146 23.94 46.85 -34.30
C ASN D 146 22.94 46.06 -35.12
N GLU D 147 22.74 46.52 -36.35
CA GLU D 147 21.88 45.88 -37.33
C GLU D 147 22.45 44.50 -37.66
N CYS D 148 23.77 44.41 -37.81
CA CYS D 148 24.44 43.13 -38.00
C CYS D 148 24.31 42.22 -36.76
N MET D 149 24.47 42.81 -35.58
CA MET D 149 24.28 42.03 -34.34
C MET D 149 22.87 41.46 -34.28
N GLU D 150 21.86 42.25 -34.65
CA GLU D 150 20.49 41.78 -34.57
C GLU D 150 20.29 40.63 -35.55
N SER D 151 20.96 40.69 -36.70
CA SER D 151 20.83 39.65 -37.71
C SER D 151 21.39 38.34 -37.17
N VAL D 152 22.47 38.40 -36.40
CA VAL D 152 23.02 37.17 -35.84
C VAL D 152 22.05 36.58 -34.83
N LYS D 153 21.45 37.45 -34.01
CA LYS D 153 20.53 37.01 -32.98
C LYS D 153 19.25 36.41 -33.57
N ASN D 154 18.73 37.01 -34.62
CA ASN D 154 17.48 36.51 -35.17
C ASN D 154 17.68 35.47 -36.27
N GLY D 155 18.94 35.10 -36.52
CA GLY D 155 19.25 34.04 -37.48
C GLY D 155 19.28 34.39 -38.96
N THR D 156 19.35 35.68 -39.29
CA THR D 156 19.43 36.15 -40.69
C THR D 156 20.82 36.65 -41.15
N TYR D 157 21.87 36.31 -40.40
CA TYR D 157 23.20 36.87 -40.64
C TYR D 157 23.64 36.60 -42.08
N ASP D 158 24.17 37.64 -42.75
CA ASP D 158 24.59 37.53 -44.15
C ASP D 158 26.07 37.23 -44.21
N TYR D 159 26.43 35.97 -44.31
CA TYR D 159 27.83 35.59 -44.39
C TYR D 159 28.50 36.06 -45.70
N PRO D 160 27.80 35.95 -46.87
CA PRO D 160 28.47 36.47 -48.07
C PRO D 160 28.82 37.96 -47.96
N LYS D 161 27.91 38.74 -47.40
CA LYS D 161 28.09 40.19 -47.32
C LYS D 161 29.41 40.62 -46.66
N TYR D 162 29.94 39.80 -45.75
CA TYR D 162 31.17 40.21 -45.06
C TYR D 162 32.36 39.29 -45.31
N GLN D 163 32.19 38.31 -46.18
CA GLN D 163 33.25 37.35 -46.51
C GLN D 163 34.58 38.03 -46.93
N LYS D 164 34.50 38.98 -47.86
CA LYS D 164 35.72 39.58 -48.39
C LYS D 164 36.43 40.42 -47.32
N GLU D 165 35.68 41.27 -46.62
CA GLU D 165 36.25 42.04 -45.52
C GLU D 165 36.95 41.14 -44.49
N SER D 166 36.27 40.06 -44.10
CA SER D 166 36.79 39.12 -43.11
C SER D 166 38.09 38.47 -43.55
N LYS D 167 38.11 37.92 -44.76
CA LYS D 167 39.30 37.23 -45.27
C LYS D 167 40.50 38.18 -45.30
N LEU D 168 40.26 39.39 -45.77
CA LEU D 168 41.32 40.40 -45.82
C LEU D 168 41.86 40.71 -44.44
N ASN D 169 40.95 40.78 -43.47
CA ASN D 169 41.34 41.01 -42.09
C ASN D 169 41.99 39.77 -41.48
N ARG D 170 41.34 38.63 -41.68
CA ARG D 170 41.78 37.36 -41.08
C ARG D 170 43.26 37.10 -41.24
N GLN D 171 43.77 37.23 -42.46
CA GLN D 171 45.16 36.91 -42.70
C GLN D 171 45.92 38.12 -43.20
N GLY D 172 45.55 39.29 -42.70
CA GLY D 172 46.40 40.45 -42.71
C GLY D 172 47.19 40.57 -41.43
N PRO E 3 22.38 27.28 -56.29
CA PRO E 3 22.75 26.59 -57.53
C PRO E 3 23.41 25.23 -57.31
N GLY E 4 24.16 25.07 -56.22
CA GLY E 4 24.85 23.81 -55.99
C GLY E 4 23.90 22.68 -55.57
N ASP E 5 24.32 21.45 -55.82
CA ASP E 5 23.62 20.28 -55.34
C ASP E 5 23.54 20.33 -53.80
N LYS E 6 22.55 19.66 -53.23
CA LYS E 6 22.34 19.70 -51.77
C LYS E 6 22.02 18.33 -51.22
N ILE E 7 22.44 18.07 -49.98
CA ILE E 7 21.88 16.94 -49.23
C ILE E 7 21.52 17.51 -47.86
N CYS E 8 20.33 17.15 -47.38
CA CYS E 8 19.72 17.68 -46.15
C CYS E 8 19.44 16.53 -45.22
N ILE E 9 19.58 16.76 -43.92
CA ILE E 9 19.24 15.77 -42.90
C ILE E 9 17.92 16.17 -42.28
N GLY E 10 17.04 15.20 -42.06
CA GLY E 10 15.67 15.50 -41.69
C GLY E 10 14.98 14.33 -41.01
N TYR E 11 13.68 14.52 -40.75
CA TYR E 11 12.91 13.54 -40.00
C TYR E 11 11.49 13.41 -40.53
N HIS E 12 10.91 12.25 -40.27
CA HIS E 12 9.54 11.92 -40.68
C HIS E 12 8.47 12.88 -40.19
N ALA E 13 7.48 13.11 -41.05
CA ALA E 13 6.22 13.74 -40.67
C ALA E 13 5.10 12.96 -41.37
N ASN E 14 3.88 13.07 -40.86
CA ASN E 14 2.72 12.39 -41.45
C ASN E 14 1.39 13.09 -41.10
N ASN E 15 0.25 12.49 -41.47
CA ASN E 15 -1.04 13.14 -41.26
C ASN E 15 -1.62 12.95 -39.84
N SER E 16 -0.87 12.34 -38.93
CA SER E 16 -1.34 12.12 -37.56
C SER E 16 -1.80 13.39 -36.89
N THR E 17 -2.92 13.29 -36.17
CA THR E 17 -3.34 14.35 -35.26
C THR E 17 -3.56 13.75 -33.88
N THR E 18 -2.90 12.62 -33.63
CA THR E 18 -2.84 11.98 -32.33
C THR E 18 -1.80 12.64 -31.41
N GLN E 19 -2.24 13.03 -30.21
CA GLN E 19 -1.40 13.76 -29.31
C GLN E 19 -1.05 13.03 -28.02
N VAL E 20 0.09 13.42 -27.45
CA VAL E 20 0.46 12.91 -26.12
C VAL E 20 0.80 14.12 -25.24
N ASP E 21 0.93 13.86 -23.94
CA ASP E 21 1.44 14.88 -23.02
C ASP E 21 2.80 14.46 -22.54
N THR E 22 3.65 15.42 -22.21
CA THR E 22 4.95 15.15 -21.59
C THR E 22 5.01 16.03 -20.36
N LEU E 23 6.02 15.85 -19.53
CA LEU E 23 6.22 16.79 -18.39
C LEU E 23 6.37 18.25 -18.82
N LEU E 24 6.95 18.46 -19.99
CA LEU E 24 7.29 19.82 -20.43
C LEU E 24 6.15 20.48 -21.21
N GLU E 25 5.36 19.65 -21.88
CA GLU E 25 4.38 20.16 -22.83
C GLU E 25 3.17 19.27 -22.97
N LYS E 26 1.99 19.88 -22.96
CA LYS E 26 0.75 19.16 -23.21
C LYS E 26 0.39 19.22 -24.70
N ASN E 27 -0.43 18.27 -25.13
CA ASN E 27 -1.01 18.23 -26.48
C ASN E 27 0.04 18.26 -27.60
N VAL E 28 1.03 17.39 -27.52
CA VAL E 28 2.05 17.34 -28.57
C VAL E 28 1.71 16.30 -29.63
N THR E 29 1.44 16.76 -30.84
CA THR E 29 1.16 15.82 -31.93
C THR E 29 2.42 15.05 -32.28
N VAL E 30 2.27 13.75 -32.41
CA VAL E 30 3.38 12.84 -32.58
C VAL E 30 3.04 11.83 -33.72
N THR E 31 4.06 11.41 -34.47
CA THR E 31 3.85 10.61 -35.68
C THR E 31 3.33 9.20 -35.40
N HIS E 32 3.74 8.64 -34.27
CA HIS E 32 3.38 7.28 -33.88
C HIS E 32 3.25 7.22 -32.36
N SER E 33 2.27 6.47 -31.89
CA SER E 33 2.08 6.34 -30.45
C SER E 33 1.29 5.07 -30.15
N VAL E 34 1.22 4.68 -28.87
CA VAL E 34 0.47 3.50 -28.44
C VAL E 34 -0.36 3.82 -27.20
N GLU E 35 -1.65 3.53 -27.26
CA GLU E 35 -2.54 3.72 -26.11
C GLU E 35 -2.44 2.49 -25.19
N LEU E 36 -2.02 2.67 -23.95
CA LEU E 36 -1.81 1.52 -23.06
C LEU E 36 -3.05 1.20 -22.24
N LEU E 37 -4.06 2.08 -22.27
CA LEU E 37 -5.23 1.92 -21.40
C LEU E 37 -6.48 1.51 -22.18
N GLU E 38 -7.24 0.57 -21.63
CA GLU E 38 -8.53 0.14 -22.20
C GLU E 38 -9.73 0.73 -21.47
N ASN E 39 -10.64 1.38 -22.20
CA ASN E 39 -11.80 1.96 -21.53
C ASN E 39 -13.12 1.41 -22.05
N GLN E 40 -13.06 0.31 -22.81
CA GLN E 40 -14.26 -0.26 -23.42
C GLN E 40 -14.49 -1.67 -22.89
N LYS E 41 -15.75 -2.10 -22.90
CA LYS E 41 -16.16 -3.35 -22.28
C LYS E 41 -17.46 -3.90 -22.88
N GLU E 42 -17.65 -5.21 -22.79
CA GLU E 42 -18.94 -5.79 -23.19
C GLU E 42 -19.80 -5.89 -21.93
N LYS E 43 -20.94 -5.19 -21.93
CA LYS E 43 -21.84 -5.17 -20.77
C LYS E 43 -22.61 -6.49 -20.60
N ARG E 44 -21.90 -7.55 -20.25
CA ARG E 44 -22.50 -8.87 -20.08
C ARG E 44 -21.56 -9.77 -19.30
N PHE E 45 -22.06 -10.92 -18.87
CA PHE E 45 -21.24 -11.92 -18.19
C PHE E 45 -21.01 -13.10 -19.11
N CYS E 46 -19.76 -13.56 -19.16
CA CYS E 46 -19.38 -14.67 -20.02
C CYS E 46 -18.76 -15.77 -19.22
N LYS E 47 -18.49 -16.87 -19.90
CA LYS E 47 -17.76 -17.97 -19.32
C LYS E 47 -16.32 -17.55 -19.10
N ILE E 48 -15.70 -18.09 -18.05
CA ILE E 48 -14.28 -17.92 -17.82
C ILE E 48 -13.64 -19.29 -17.82
N MET E 49 -12.59 -19.47 -18.62
CA MET E 49 -11.92 -20.75 -18.74
C MET E 49 -12.91 -21.84 -19.17
N ASN E 50 -13.84 -21.44 -20.04
CA ASN E 50 -14.86 -22.30 -20.63
C ASN E 50 -15.88 -22.77 -19.60
N LYS E 51 -15.95 -22.07 -18.46
CA LYS E 51 -16.87 -22.47 -17.39
C LYS E 51 -17.87 -21.38 -17.05
N ALA E 52 -19.15 -21.77 -17.06
CA ALA E 52 -20.24 -20.83 -16.86
C ALA E 52 -20.27 -20.32 -15.42
N PRO E 53 -20.81 -19.11 -15.21
CA PRO E 53 -21.00 -18.65 -13.83
C PRO E 53 -22.33 -19.19 -13.26
N LEU E 54 -22.54 -19.03 -11.95
CA LEU E 54 -23.80 -19.45 -11.34
C LEU E 54 -24.72 -18.25 -11.25
N ASP E 55 -25.87 -18.34 -11.90
CA ASP E 55 -26.86 -17.28 -11.83
C ASP E 55 -27.80 -17.62 -10.66
N LEU E 56 -27.78 -16.80 -9.61
CA LEU E 56 -28.61 -17.08 -8.44
C LEU E 56 -30.06 -16.62 -8.67
N LYS E 57 -30.27 -15.84 -9.74
CA LYS E 57 -31.60 -15.43 -10.18
C LYS E 57 -32.37 -14.67 -9.10
N ASP E 58 -33.50 -15.24 -8.66
CA ASP E 58 -34.33 -14.56 -7.65
C ASP E 58 -33.91 -14.90 -6.22
N CYS E 59 -32.80 -15.62 -6.06
CA CYS E 59 -32.33 -16.04 -4.74
C CYS E 59 -31.06 -15.29 -4.33
N THR E 60 -30.95 -14.97 -3.04
CA THR E 60 -29.72 -14.46 -2.47
C THR E 60 -28.84 -15.65 -2.19
N ILE E 61 -27.58 -15.43 -1.80
CA ILE E 61 -26.73 -16.56 -1.43
C ILE E 61 -27.30 -17.38 -0.26
N GLU E 62 -27.86 -16.69 0.72
CA GLU E 62 -28.53 -17.33 1.85
C GLU E 62 -29.68 -18.23 1.38
N GLY E 63 -30.55 -17.71 0.51
CA GLY E 63 -31.69 -18.47 0.03
C GLY E 63 -31.25 -19.77 -0.65
N TRP E 64 -30.22 -19.63 -1.48
CA TRP E 64 -29.58 -20.77 -2.16
C TRP E 64 -29.06 -21.83 -1.20
N ILE E 65 -28.07 -21.52 -0.34
CA ILE E 65 -27.43 -22.64 0.36
C ILE E 65 -28.17 -23.14 1.61
N LEU E 66 -29.16 -22.39 2.11
CA LEU E 66 -30.02 -22.89 3.19
C LEU E 66 -31.10 -23.78 2.59
N GLY E 67 -31.44 -23.51 1.34
CA GLY E 67 -32.41 -24.32 0.63
C GLY E 67 -33.83 -23.77 0.77
N ASN E 68 -33.94 -22.45 0.73
CA ASN E 68 -35.23 -21.78 0.65
C ASN E 68 -36.09 -22.51 -0.40
N PRO E 69 -37.32 -22.90 -0.03
CA PRO E 69 -38.22 -23.66 -0.91
C PRO E 69 -38.42 -23.03 -2.28
N LYS E 70 -38.29 -21.70 -2.39
CA LYS E 70 -38.47 -21.06 -3.71
C LYS E 70 -37.19 -21.03 -4.56
N CYS E 71 -36.11 -21.56 -4.01
CA CYS E 71 -34.84 -21.61 -4.69
C CYS E 71 -34.54 -22.99 -5.25
N ASP E 72 -35.59 -23.80 -5.41
CA ASP E 72 -35.43 -25.21 -5.78
C ASP E 72 -34.74 -25.37 -7.14
N LEU E 73 -34.93 -24.44 -8.04
CA LEU E 73 -34.27 -24.54 -9.36
C LEU E 73 -32.75 -24.58 -9.18
N LEU E 74 -32.23 -23.84 -8.21
CA LEU E 74 -30.83 -23.91 -7.81
C LEU E 74 -30.45 -25.24 -7.17
N LEU E 75 -31.40 -25.92 -6.53
CA LEU E 75 -31.08 -27.03 -5.62
C LEU E 75 -30.31 -28.21 -6.25
N GLY E 76 -29.29 -28.70 -5.55
CA GLY E 76 -28.64 -29.95 -5.89
C GLY E 76 -27.12 -30.04 -6.06
N ASP E 77 -26.55 -29.68 -7.20
CA ASP E 77 -25.09 -29.72 -7.37
C ASP E 77 -24.78 -28.52 -8.21
N GLN E 78 -23.63 -27.90 -7.99
CA GLN E 78 -23.27 -26.74 -8.79
C GLN E 78 -21.77 -26.65 -8.95
N SER E 79 -21.34 -26.19 -10.12
CA SER E 79 -19.94 -25.88 -10.37
C SER E 79 -19.93 -24.52 -11.06
N TRP E 80 -18.98 -23.65 -10.70
CA TRP E 80 -19.04 -22.28 -11.20
C TRP E 80 -17.67 -21.64 -11.30
N SER E 81 -17.56 -20.70 -12.24
CA SER E 81 -16.33 -19.95 -12.42
C SER E 81 -16.39 -18.67 -11.60
N TYR E 82 -17.60 -18.24 -11.25
CA TYR E 82 -17.87 -17.11 -10.37
C TYR E 82 -19.37 -17.05 -10.15
N ILE E 83 -19.80 -16.31 -9.13
CA ILE E 83 -21.22 -16.21 -8.79
C ILE E 83 -21.80 -14.86 -9.15
N VAL E 84 -22.99 -14.88 -9.74
CA VAL E 84 -23.76 -13.66 -9.96
C VAL E 84 -25.01 -13.64 -9.05
N GLU E 85 -25.00 -12.73 -8.06
CA GLU E 85 -26.18 -12.47 -7.22
C GLU E 85 -26.87 -11.22 -7.72
N ARG E 86 -28.16 -11.32 -8.00
CA ARG E 86 -28.95 -10.21 -8.49
C ARG E 86 -29.39 -9.30 -7.33
N PRO E 87 -29.26 -7.98 -7.51
CA PRO E 87 -29.44 -7.05 -6.40
C PRO E 87 -30.84 -7.12 -5.77
N ASN E 88 -31.87 -7.25 -6.60
CA ASN E 88 -33.25 -7.29 -6.10
C ASN E 88 -33.78 -8.69 -5.77
N ALA E 89 -32.91 -9.71 -5.80
CA ALA E 89 -33.32 -11.08 -5.48
C ALA E 89 -34.12 -11.11 -4.18
N GLN E 90 -35.24 -11.82 -4.20
CA GLN E 90 -36.15 -11.72 -3.07
C GLN E 90 -36.15 -12.96 -2.16
N ASN E 91 -35.67 -14.09 -2.65
CA ASN E 91 -35.70 -15.28 -1.84
C ASN E 91 -34.42 -15.53 -1.02
N GLY E 92 -34.48 -15.21 0.27
CA GLY E 92 -33.35 -15.43 1.17
C GLY E 92 -33.76 -16.20 2.42
N ILE E 93 -33.50 -15.58 3.56
CA ILE E 93 -33.96 -16.12 4.84
C ILE E 93 -35.45 -15.82 4.97
N CYS E 94 -36.26 -16.87 4.87
CA CYS E 94 -37.72 -16.72 4.81
C CYS E 94 -38.32 -16.70 6.22
N TYR E 95 -37.85 -17.57 7.11
CA TYR E 95 -38.21 -17.50 8.53
C TYR E 95 -37.23 -16.53 9.24
N PRO E 96 -37.74 -15.42 9.84
CA PRO E 96 -36.88 -14.34 10.33
C PRO E 96 -35.85 -14.80 11.34
N GLY E 97 -34.68 -14.18 11.28
CA GLY E 97 -33.60 -14.59 12.14
C GLY E 97 -32.29 -14.18 11.51
N VAL E 98 -31.21 -14.36 12.25
CA VAL E 98 -29.88 -13.96 11.84
C VAL E 98 -29.07 -15.17 11.42
N LEU E 99 -28.45 -15.09 10.24
CA LEU E 99 -27.46 -16.09 9.90
C LEU E 99 -26.10 -15.60 10.43
N ASN E 100 -25.70 -16.20 11.54
CA ASN E 100 -24.47 -15.85 12.20
C ASN E 100 -23.19 -16.04 11.36
N GLU E 101 -22.25 -15.11 11.52
CA GLU E 101 -21.02 -15.03 10.73
C GLU E 101 -21.31 -15.08 9.23
N LEU E 102 -22.27 -14.27 8.82
CA LEU E 102 -22.71 -14.23 7.43
C LEU E 102 -21.65 -13.79 6.45
N GLU E 103 -20.91 -12.75 6.80
CA GLU E 103 -19.95 -12.16 5.88
C GLU E 103 -18.84 -13.15 5.63
N GLU E 104 -18.51 -13.86 6.69
CA GLU E 104 -17.44 -14.82 6.63
C GLU E 104 -17.89 -16.09 5.84
N LEU E 105 -19.19 -16.43 5.96
CA LEU E 105 -19.80 -17.47 5.10
C LEU E 105 -19.72 -17.09 3.62
N LYS E 106 -20.14 -15.88 3.29
CA LYS E 106 -20.13 -15.34 1.92
C LYS E 106 -18.68 -15.45 1.39
N ALA E 107 -17.69 -15.11 2.21
CA ALA E 107 -16.29 -15.22 1.81
C ALA E 107 -15.82 -16.65 1.51
N PHE E 108 -16.23 -17.59 2.36
CA PHE E 108 -15.88 -19.00 2.18
C PHE E 108 -16.53 -19.56 0.90
N ILE E 109 -17.81 -19.27 0.69
CA ILE E 109 -18.51 -19.73 -0.48
C ILE E 109 -17.85 -19.15 -1.74
N GLY E 110 -17.44 -17.89 -1.67
CA GLY E 110 -16.80 -17.20 -2.78
C GLY E 110 -15.52 -17.89 -3.22
N SER E 111 -14.80 -18.43 -2.24
CA SER E 111 -13.57 -19.20 -2.42
C SER E 111 -13.76 -20.54 -3.15
N GLY E 112 -14.97 -21.08 -3.14
CA GLY E 112 -15.29 -22.33 -3.80
C GLY E 112 -15.41 -22.35 -5.31
N GLU E 113 -15.28 -23.52 -5.91
CA GLU E 113 -15.62 -23.71 -7.33
C GLU E 113 -16.77 -24.70 -7.56
N ARG E 114 -17.14 -25.47 -6.54
CA ARG E 114 -18.17 -26.51 -6.70
C ARG E 114 -18.65 -27.03 -5.34
N VAL E 115 -19.94 -27.35 -5.29
CA VAL E 115 -20.49 -28.08 -4.16
C VAL E 115 -21.32 -29.27 -4.65
N GLU E 116 -21.26 -30.34 -3.87
CA GLU E 116 -22.10 -31.52 -4.07
C GLU E 116 -23.02 -31.70 -2.85
N ARG E 117 -24.31 -31.60 -3.10
CA ARG E 117 -25.32 -31.73 -2.04
C ARG E 117 -25.54 -33.18 -1.73
N PHE E 118 -25.69 -33.49 -0.44
CA PHE E 118 -25.95 -34.87 -0.02
C PHE E 118 -26.65 -34.85 1.32
N GLU E 119 -27.35 -35.94 1.64
CA GLU E 119 -28.02 -36.10 2.95
C GLU E 119 -26.99 -36.43 4.04
N MET E 120 -26.76 -35.49 4.95
CA MET E 120 -25.80 -35.70 6.04
C MET E 120 -26.46 -36.42 7.24
N PHE E 121 -27.69 -36.05 7.55
CA PHE E 121 -28.43 -36.67 8.65
C PHE E 121 -29.83 -37.06 8.17
N PRO E 122 -30.04 -38.34 7.84
CA PRO E 122 -31.42 -38.73 7.47
C PRO E 122 -32.37 -38.48 8.65
N LYS E 123 -33.64 -38.22 8.37
CA LYS E 123 -34.56 -37.86 9.45
C LYS E 123 -34.66 -38.94 10.54
N SER E 124 -34.39 -40.20 10.16
CA SER E 124 -34.39 -41.34 11.07
C SER E 124 -33.32 -41.24 12.14
N THR E 125 -32.43 -40.26 12.01
CA THR E 125 -31.35 -40.06 12.97
C THR E 125 -31.89 -39.77 14.36
N TRP E 126 -32.98 -39.00 14.41
CA TRP E 126 -33.48 -38.48 15.68
C TRP E 126 -34.66 -39.29 16.17
N ALA E 127 -34.49 -39.96 17.30
CA ALA E 127 -35.49 -40.91 17.75
C ALA E 127 -36.47 -40.26 18.70
N GLY E 128 -37.74 -40.65 18.59
CA GLY E 128 -38.73 -40.21 19.55
C GLY E 128 -39.40 -38.90 19.20
N VAL E 129 -38.97 -38.28 18.11
CA VAL E 129 -39.47 -36.97 17.71
C VAL E 129 -40.17 -36.98 16.37
N ASP E 130 -40.95 -35.93 16.11
CA ASP E 130 -41.61 -35.74 14.83
C ASP E 130 -40.72 -34.93 13.88
N THR E 131 -40.51 -35.48 12.69
CA THR E 131 -39.71 -34.84 11.64
C THR E 131 -40.58 -34.39 10.46
N SER E 132 -41.84 -34.82 10.43
CA SER E 132 -42.74 -34.50 9.31
C SER E 132 -43.57 -33.23 9.44
N ARG E 133 -43.42 -32.52 10.56
CA ARG E 133 -44.32 -31.39 10.85
C ARG E 133 -43.64 -30.00 10.81
N GLY E 134 -42.34 -29.98 10.55
CA GLY E 134 -41.56 -28.76 10.68
C GLY E 134 -41.68 -27.75 9.54
N VAL E 135 -42.90 -27.27 9.28
CA VAL E 135 -43.16 -26.32 8.21
C VAL E 135 -43.78 -25.04 8.74
N THR E 136 -43.82 -24.00 7.92
CA THR E 136 -44.29 -22.67 8.34
C THR E 136 -44.80 -21.89 7.15
N ASN E 137 -45.82 -21.06 7.39
CA ASN E 137 -46.33 -20.17 6.36
C ASN E 137 -45.37 -19.01 6.03
N ALA E 138 -44.27 -18.91 6.77
CA ALA E 138 -43.25 -17.93 6.44
C ALA E 138 -42.35 -18.44 5.30
N CYS E 139 -42.36 -19.76 5.09
CA CYS E 139 -41.50 -20.38 4.08
C CYS E 139 -42.28 -21.20 3.06
N PRO E 140 -43.08 -20.54 2.22
CA PRO E 140 -43.84 -21.29 1.21
C PRO E 140 -42.94 -21.73 0.05
N SER E 141 -43.30 -22.82 -0.62
CA SER E 141 -42.71 -23.11 -1.92
C SER E 141 -43.63 -22.49 -2.94
N TYR E 142 -43.37 -22.70 -4.22
CA TYR E 142 -44.30 -22.17 -5.24
C TYR E 142 -45.59 -22.99 -5.31
N THR E 143 -45.60 -24.18 -4.70
CA THR E 143 -46.77 -25.07 -4.74
C THR E 143 -47.50 -25.31 -3.38
N ILE E 144 -46.83 -25.02 -2.27
CA ILE E 144 -47.49 -25.16 -0.98
C ILE E 144 -47.24 -23.93 -0.11
N ASP E 145 -48.29 -23.54 0.62
CA ASP E 145 -48.24 -22.35 1.47
C ASP E 145 -47.26 -22.51 2.62
N SER E 146 -47.20 -23.70 3.20
CA SER E 146 -46.30 -23.97 4.33
C SER E 146 -45.26 -25.01 4.03
N SER E 147 -44.01 -24.64 4.21
CA SER E 147 -42.87 -25.49 3.87
C SER E 147 -41.71 -25.04 4.74
N PHE E 148 -40.51 -25.54 4.43
CA PHE E 148 -39.32 -25.20 5.18
C PHE E 148 -38.09 -25.37 4.30
N TYR E 149 -36.94 -24.93 4.79
CA TYR E 149 -35.67 -25.04 4.06
C TYR E 149 -35.39 -26.50 3.72
N ARG E 150 -34.88 -26.74 2.52
CA ARG E 150 -34.60 -28.10 2.08
C ARG E 150 -33.43 -28.71 2.84
N ASN E 151 -32.57 -27.88 3.41
CA ASN E 151 -31.35 -28.40 4.00
C ASN E 151 -31.44 -28.54 5.52
N LEU E 152 -32.62 -28.25 6.06
CA LEU E 152 -32.81 -28.25 7.49
C LEU E 152 -34.07 -29.03 7.85
N VAL E 153 -34.11 -29.58 9.07
CA VAL E 153 -35.36 -30.17 9.58
C VAL E 153 -35.74 -29.49 10.90
N TRP E 154 -36.91 -28.86 10.89
CA TRP E 154 -37.52 -28.30 12.08
C TRP E 154 -38.19 -29.41 12.89
N ILE E 155 -37.44 -29.98 13.83
CA ILE E 155 -37.91 -31.09 14.66
C ILE E 155 -38.86 -30.62 15.76
N VAL E 156 -40.00 -31.31 15.84
CA VAL E 156 -41.05 -30.96 16.78
C VAL E 156 -41.45 -32.17 17.64
N LYS E 157 -42.13 -31.89 18.75
CA LYS E 157 -42.62 -32.92 19.67
C LYS E 157 -43.55 -33.91 18.99
N THR E 158 -43.40 -35.18 19.33
CA THR E 158 -44.37 -36.19 18.95
C THR E 158 -45.72 -35.87 19.64
N ASP E 159 -46.82 -36.44 19.16
CA ASP E 159 -48.10 -36.10 19.77
C ASP E 159 -48.03 -36.35 21.28
N SER E 160 -47.33 -37.37 21.72
CA SER E 160 -47.22 -37.62 23.15
C SER E 160 -45.79 -37.95 23.61
N ALA E 161 -45.57 -37.85 24.92
CA ALA E 161 -44.30 -38.18 25.56
C ALA E 161 -43.23 -37.11 25.71
N THR E 162 -43.47 -35.91 25.26
CA THR E 162 -42.48 -34.85 25.41
C THR E 162 -41.36 -35.04 24.39
N TYR E 163 -40.32 -34.23 24.52
CA TYR E 163 -39.19 -34.25 23.62
C TYR E 163 -38.01 -34.92 24.31
N PRO E 164 -37.57 -36.06 23.80
CA PRO E 164 -36.44 -36.78 24.43
C PRO E 164 -35.10 -36.21 24.04
N VAL E 165 -34.03 -36.63 24.72
CA VAL E 165 -32.71 -36.30 24.23
C VAL E 165 -32.55 -36.98 22.86
N ILE E 166 -32.23 -36.20 21.83
CA ILE E 166 -31.95 -36.77 20.51
C ILE E 166 -30.47 -36.58 20.16
N LYS E 167 -29.95 -37.49 19.34
CA LYS E 167 -28.51 -37.56 19.11
C LYS E 167 -28.22 -38.00 17.68
N GLY E 168 -27.16 -37.44 17.11
CA GLY E 168 -26.77 -37.83 15.77
C GLY E 168 -25.29 -37.63 15.59
N THR E 169 -24.67 -38.44 14.73
CA THR E 169 -23.27 -38.22 14.44
C THR E 169 -23.04 -38.39 12.96
N TYR E 170 -21.90 -37.88 12.53
CA TYR E 170 -21.50 -37.93 11.16
C TYR E 170 -19.98 -37.83 11.15
N ASN E 171 -19.37 -38.86 10.58
CA ASN E 171 -17.93 -39.00 10.47
C ASN E 171 -17.56 -38.70 9.02
N ASN E 172 -16.73 -37.68 8.78
CA ASN E 172 -16.41 -37.30 7.40
C ASN E 172 -15.26 -38.15 6.93
N THR E 173 -15.58 -39.14 6.09
CA THR E 173 -14.60 -40.10 5.54
C THR E 173 -14.08 -39.65 4.18
N GLY E 174 -14.68 -38.59 3.66
CA GLY E 174 -14.40 -38.09 2.33
C GLY E 174 -13.08 -37.37 2.23
N THR E 175 -12.70 -37.08 0.99
CA THR E 175 -11.64 -36.15 0.64
C THR E 175 -11.93 -34.68 0.99
N GLN E 176 -13.20 -34.29 0.85
CA GLN E 176 -13.61 -32.90 0.84
C GLN E 176 -14.22 -32.35 2.13
N PRO E 177 -13.98 -31.04 2.40
CA PRO E 177 -14.62 -30.44 3.58
C PRO E 177 -16.12 -30.42 3.38
N ILE E 178 -16.89 -30.44 4.47
CA ILE E 178 -18.33 -30.37 4.35
C ILE E 178 -18.87 -29.07 4.95
N LEU E 179 -19.61 -28.32 4.14
CA LEU E 179 -20.29 -27.12 4.60
C LEU E 179 -21.70 -27.51 5.02
N TYR E 180 -22.06 -27.23 6.27
CA TYR E 180 -23.39 -27.61 6.77
C TYR E 180 -23.96 -26.51 7.64
N PHE E 181 -25.25 -26.63 7.90
CA PHE E 181 -26.03 -25.59 8.56
C PHE E 181 -26.92 -26.16 9.66
N TRP E 182 -27.23 -25.36 10.68
CA TRP E 182 -28.23 -25.75 11.68
C TRP E 182 -28.81 -24.51 12.31
N GLY E 183 -29.75 -24.70 13.23
CA GLY E 183 -30.45 -23.59 13.83
C GLY E 183 -30.93 -23.89 15.25
N VAL E 184 -31.32 -22.82 15.93
CA VAL E 184 -31.94 -22.87 17.24
C VAL E 184 -33.17 -21.99 17.12
N HIS E 185 -34.33 -22.57 17.39
CA HIS E 185 -35.60 -21.85 17.39
C HIS E 185 -35.85 -21.07 18.67
N HIS E 186 -36.32 -19.83 18.55
CA HIS E 186 -36.58 -18.96 19.71
C HIS E 186 -38.02 -18.52 19.68
N PRO E 187 -38.90 -19.25 20.41
CA PRO E 187 -40.34 -18.95 20.38
C PRO E 187 -40.65 -17.56 20.96
N LEU E 188 -41.70 -16.96 20.44
CA LEU E 188 -42.20 -15.69 20.97
C LEU E 188 -42.71 -15.85 22.41
N ASP E 189 -43.31 -17.01 22.71
CA ASP E 189 -44.05 -17.37 23.94
C ASP E 189 -43.55 -18.61 24.65
N THR E 190 -43.81 -18.71 25.96
CA THR E 190 -43.66 -19.97 26.65
C THR E 190 -44.74 -20.97 26.16
N THR E 191 -45.82 -20.44 25.59
CA THR E 191 -46.88 -21.29 25.07
C THR E 191 -46.43 -22.08 23.84
N VAL E 192 -45.82 -21.36 22.89
CA VAL E 192 -45.24 -21.99 21.71
C VAL E 192 -44.14 -22.94 22.14
N GLN E 193 -43.31 -22.50 23.08
CA GLN E 193 -42.25 -23.36 23.60
C GLN E 193 -42.82 -24.69 24.09
N ASP E 194 -43.87 -24.61 24.92
CA ASP E 194 -44.48 -25.81 25.50
C ASP E 194 -45.16 -26.68 24.45
N ASN E 195 -45.85 -26.09 23.49
CA ASN E 195 -46.54 -26.92 22.53
C ASN E 195 -45.58 -27.64 21.57
N LEU E 196 -44.51 -26.96 21.16
CA LEU E 196 -43.58 -27.55 20.18
C LEU E 196 -42.57 -28.49 20.81
N TYR E 197 -42.08 -28.11 21.99
CA TYR E 197 -41.03 -28.83 22.66
C TYR E 197 -41.60 -29.19 24.01
N GLY E 198 -40.84 -29.80 24.89
CA GLY E 198 -41.46 -30.06 26.19
C GLY E 198 -41.59 -28.85 27.10
N SER E 199 -41.83 -29.14 28.37
CA SER E 199 -41.48 -28.19 29.40
C SER E 199 -40.07 -28.58 29.75
N GLY E 200 -39.40 -27.76 30.54
CA GLY E 200 -38.05 -28.06 30.95
C GLY E 200 -37.01 -27.26 30.18
N ASP E 201 -35.84 -27.12 30.77
CA ASP E 201 -34.75 -26.38 30.18
C ASP E 201 -34.14 -27.12 28.98
N LYS E 202 -34.26 -26.49 27.81
CA LYS E 202 -33.79 -27.04 26.54
C LYS E 202 -32.42 -26.52 26.14
N TYR E 203 -31.69 -27.33 25.37
CA TYR E 203 -30.37 -26.96 24.87
C TYR E 203 -30.15 -27.59 23.48
N VAL E 204 -29.23 -27.01 22.74
CA VAL E 204 -28.74 -27.60 21.51
C VAL E 204 -27.21 -27.58 21.60
N ARG E 205 -26.62 -28.77 21.56
CA ARG E 205 -25.18 -28.90 21.71
C ARG E 205 -24.52 -29.63 20.55
N MET E 206 -23.41 -29.07 20.07
CA MET E 206 -22.68 -29.69 18.97
C MET E 206 -21.20 -29.60 19.16
N GLY E 207 -20.47 -30.55 18.57
CA GLY E 207 -19.03 -30.62 18.76
C GLY E 207 -18.34 -31.52 17.76
N THR E 208 -17.12 -31.13 17.43
CA THR E 208 -16.23 -31.91 16.61
C THR E 208 -14.92 -32.02 17.37
N GLU E 209 -13.88 -32.50 16.70
CA GLU E 209 -12.53 -32.52 17.28
C GLU E 209 -11.99 -31.11 17.53
N SER E 210 -12.54 -30.11 16.85
CA SER E 210 -11.98 -28.75 16.97
C SER E 210 -13.01 -27.63 17.18
N MET E 211 -14.29 -27.98 17.28
CA MET E 211 -15.35 -26.99 17.43
C MET E 211 -16.32 -27.40 18.55
N ASN E 212 -16.77 -26.42 19.32
CA ASN E 212 -17.79 -26.57 20.35
C ASN E 212 -18.92 -25.57 20.16
N PHE E 213 -20.16 -26.04 20.24
CA PHE E 213 -21.33 -25.17 20.16
C PHE E 213 -22.29 -25.51 21.30
N ALA E 214 -22.89 -24.48 21.88
CA ALA E 214 -23.92 -24.66 22.91
C ALA E 214 -24.83 -23.45 22.91
N LYS E 215 -26.14 -23.71 22.88
CA LYS E 215 -27.14 -22.65 22.87
C LYS E 215 -28.43 -23.16 23.47
N SER E 216 -29.12 -22.29 24.21
CA SER E 216 -30.45 -22.62 24.70
C SER E 216 -31.40 -21.51 24.24
N PRO E 217 -32.70 -21.78 24.22
CA PRO E 217 -33.61 -20.79 23.64
C PRO E 217 -33.80 -19.51 24.48
N GLU E 218 -34.12 -18.44 23.77
CA GLU E 218 -34.27 -17.09 24.31
C GLU E 218 -35.66 -16.59 23.92
N ILE E 219 -36.62 -16.86 24.80
CA ILE E 219 -38.01 -16.62 24.48
C ILE E 219 -38.42 -15.17 24.69
N ALA E 220 -38.85 -14.53 23.61
CA ALA E 220 -39.39 -13.18 23.67
C ALA E 220 -40.11 -12.89 22.36
N ALA E 221 -41.06 -11.99 22.38
CA ALA E 221 -41.71 -11.56 21.15
C ALA E 221 -40.90 -10.47 20.46
N ARG E 222 -40.38 -10.80 19.27
CA ARG E 222 -39.69 -9.85 18.43
C ARG E 222 -40.71 -9.20 17.49
N PRO E 223 -40.37 -8.05 16.89
CA PRO E 223 -41.31 -7.47 15.92
C PRO E 223 -41.66 -8.48 14.82
N ALA E 224 -42.86 -8.42 14.29
CA ALA E 224 -43.33 -9.43 13.35
C ALA E 224 -42.64 -9.31 11.99
N VAL E 225 -42.00 -10.37 11.53
CA VAL E 225 -41.44 -10.40 10.17
C VAL E 225 -41.99 -11.63 9.46
N ASN E 226 -42.60 -11.45 8.30
CA ASN E 226 -43.32 -12.54 7.63
C ASN E 226 -44.30 -13.20 8.60
N ASP E 227 -45.03 -12.35 9.34
CA ASP E 227 -45.97 -12.72 10.39
C ASP E 227 -45.38 -13.53 11.55
N GLN E 228 -44.05 -13.57 11.65
CA GLN E 228 -43.41 -14.30 12.73
C GLN E 228 -42.80 -13.34 13.77
N ARG E 229 -43.19 -13.54 15.03
CA ARG E 229 -42.60 -12.79 16.12
C ARG E 229 -41.56 -13.67 16.82
N SER E 230 -41.54 -14.96 16.47
CA SER E 230 -40.46 -15.83 16.88
C SER E 230 -39.26 -15.63 15.96
N ARG E 231 -38.13 -16.23 16.30
CA ARG E 231 -36.93 -16.15 15.46
C ARG E 231 -36.16 -17.48 15.42
N ILE E 232 -35.39 -17.68 14.35
CA ILE E 232 -34.38 -18.73 14.33
C ILE E 232 -33.00 -18.10 14.28
N ASP E 233 -32.12 -18.56 15.16
CA ASP E 233 -30.70 -18.29 15.00
C ASP E 233 -30.15 -19.37 14.10
N TYR E 234 -29.66 -18.98 12.93
CA TYR E 234 -29.03 -19.94 12.02
C TYR E 234 -27.51 -19.98 12.20
N TYR E 235 -26.92 -21.15 11.96
CA TYR E 235 -25.47 -21.32 12.08
C TYR E 235 -24.88 -22.11 10.92
N TRP E 236 -23.59 -21.89 10.65
CA TRP E 236 -22.91 -22.69 9.62
C TRP E 236 -21.56 -23.10 10.16
N SER E 237 -21.04 -24.20 9.67
CA SER E 237 -19.67 -24.57 9.98
C SER E 237 -19.10 -25.43 8.84
N VAL E 238 -17.84 -25.83 9.01
CA VAL E 238 -17.19 -26.67 8.01
C VAL E 238 -16.52 -27.87 8.68
N LEU E 239 -17.01 -29.06 8.34
CA LEU E 239 -16.50 -30.30 8.90
C LEU E 239 -15.31 -30.76 8.04
N ARG E 240 -14.11 -30.67 8.59
CA ARG E 240 -12.89 -31.00 7.82
C ARG E 240 -12.82 -32.48 7.46
N PRO E 241 -12.07 -32.82 6.41
CA PRO E 241 -11.90 -34.25 6.11
C PRO E 241 -11.39 -34.99 7.34
N GLY E 242 -12.00 -36.12 7.66
CA GLY E 242 -11.56 -36.89 8.82
C GLY E 242 -12.18 -36.48 10.16
N GLU E 243 -12.94 -35.39 10.19
CA GLU E 243 -13.58 -34.94 11.45
C GLU E 243 -14.96 -35.54 11.62
N THR E 244 -15.34 -35.84 12.86
CA THR E 244 -16.69 -36.30 13.19
C THR E 244 -17.51 -35.18 13.86
N LEU E 245 -18.80 -35.08 13.51
CA LEU E 245 -19.70 -34.15 14.18
C LEU E 245 -20.69 -34.88 15.11
N ASN E 246 -20.76 -34.50 16.39
CA ASN E 246 -21.79 -35.02 17.30
C ASN E 246 -22.89 -33.99 17.54
N VAL E 247 -24.15 -34.40 17.43
CA VAL E 247 -25.28 -33.51 17.68
C VAL E 247 -26.09 -34.01 18.89
N GLU E 248 -26.38 -33.13 19.83
CA GLU E 248 -27.25 -33.47 20.94
C GLU E 248 -28.19 -32.33 21.29
N SER E 249 -29.49 -32.62 21.30
CA SER E 249 -30.47 -31.63 21.68
C SER E 249 -31.64 -32.16 22.53
N ASN E 250 -31.99 -31.34 23.52
CA ASN E 250 -33.24 -31.35 24.30
C ASN E 250 -34.54 -30.97 23.58
N GLY E 251 -34.41 -30.00 22.69
CA GLY E 251 -35.50 -29.44 21.90
C GLY E 251 -34.99 -28.15 21.27
N ASN E 252 -35.83 -27.46 20.50
CA ASN E 252 -35.46 -26.21 19.82
C ASN E 252 -34.37 -26.35 18.75
N LEU E 253 -33.96 -27.57 18.46
CA LEU E 253 -32.99 -27.80 17.38
C LEU E 253 -33.62 -27.75 16.00
N ILE E 254 -33.07 -26.89 15.14
CA ILE E 254 -33.33 -26.99 13.73
C ILE E 254 -32.15 -27.77 13.16
N ALA E 255 -32.41 -29.02 12.78
CA ALA E 255 -31.36 -29.98 12.49
C ALA E 255 -30.73 -29.81 11.10
N PRO E 256 -29.42 -30.06 11.01
CA PRO E 256 -28.81 -30.20 9.68
C PRO E 256 -29.50 -31.38 9.00
N TRP E 257 -29.83 -31.28 7.73
CA TRP E 257 -30.44 -32.40 7.01
C TRP E 257 -29.55 -32.73 5.82
N TYR E 258 -29.52 -31.81 4.84
CA TYR E 258 -28.59 -31.92 3.73
C TYR E 258 -27.43 -30.95 3.94
N ALA E 259 -26.26 -31.31 3.43
CA ALA E 259 -25.08 -30.42 3.47
C ALA E 259 -24.32 -30.51 2.14
N TYR E 260 -23.15 -29.87 2.07
CA TYR E 260 -22.38 -29.83 0.82
C TYR E 260 -20.94 -30.29 0.93
N LYS E 261 -20.54 -31.21 0.06
CA LYS E 261 -19.13 -31.45 -0.17
C LYS E 261 -18.65 -30.23 -0.92
N PHE E 262 -17.58 -29.62 -0.44
CA PHE E 262 -17.17 -28.32 -0.96
C PHE E 262 -15.78 -28.41 -1.55
N VAL E 263 -15.61 -27.98 -2.81
CA VAL E 263 -14.26 -27.92 -3.36
C VAL E 263 -13.83 -26.49 -3.63
N SER E 264 -12.63 -26.19 -3.13
CA SER E 264 -11.96 -24.92 -3.35
C SER E 264 -11.15 -24.93 -4.64
N LYS E 267 -7.83 -20.55 -6.19
CA LYS E 267 -7.52 -19.48 -7.13
C LYS E 267 -8.12 -18.16 -6.65
N LYS E 268 -8.64 -17.38 -7.59
CA LYS E 268 -9.37 -16.16 -7.30
C LYS E 268 -10.87 -16.40 -7.51
N GLY E 269 -11.67 -16.10 -6.50
CA GLY E 269 -13.10 -16.30 -6.60
C GLY E 269 -13.81 -14.96 -6.66
N ALA E 270 -15.04 -14.98 -7.16
CA ALA E 270 -15.78 -13.75 -7.38
C ALA E 270 -17.27 -14.01 -7.17
N VAL E 271 -17.87 -13.19 -6.30
CA VAL E 271 -19.30 -13.04 -6.20
C VAL E 271 -19.64 -11.66 -6.72
N PHE E 272 -20.17 -11.58 -7.93
CA PHE E 272 -20.54 -10.29 -8.53
C PHE E 272 -21.99 -9.97 -8.22
N LYS E 273 -22.25 -8.82 -7.61
CA LYS E 273 -23.62 -8.35 -7.42
C LYS E 273 -23.99 -7.44 -8.59
N SER E 274 -24.77 -7.95 -9.52
CA SER E 274 -25.01 -7.24 -10.76
C SER E 274 -26.29 -7.69 -11.43
N ASP E 275 -26.81 -6.87 -12.33
CA ASP E 275 -28.04 -7.19 -13.06
C ASP E 275 -27.75 -7.50 -14.52
N LEU E 276 -26.46 -7.49 -14.87
CA LEU E 276 -26.02 -7.73 -16.26
C LEU E 276 -26.45 -9.12 -16.73
N PRO E 277 -26.77 -9.26 -18.03
CA PRO E 277 -27.16 -10.57 -18.56
C PRO E 277 -26.00 -11.54 -18.68
N ILE E 278 -26.26 -12.83 -18.48
CA ILE E 278 -25.30 -13.88 -18.75
C ILE E 278 -25.56 -14.43 -20.14
N GLU E 279 -24.55 -14.37 -21.01
CA GLU E 279 -24.74 -14.76 -22.39
C GLU E 279 -23.82 -15.91 -22.77
N ASN E 280 -24.16 -16.59 -23.86
CA ASN E 280 -23.44 -17.79 -24.24
C ASN E 280 -22.19 -17.41 -25.00
N CYS E 281 -21.27 -16.78 -24.29
CA CYS E 281 -20.08 -16.24 -24.90
C CYS E 281 -18.95 -16.64 -23.98
N ASP E 282 -17.75 -16.22 -24.31
CA ASP E 282 -16.67 -16.83 -23.60
C ASP E 282 -15.57 -15.78 -23.53
N ALA E 283 -14.83 -15.71 -22.43
CA ALA E 283 -14.03 -14.51 -22.15
C ALA E 283 -12.80 -14.93 -21.38
N THR E 284 -11.81 -14.05 -21.37
CA THR E 284 -10.60 -14.26 -20.61
C THR E 284 -10.58 -13.39 -19.34
N CYS E 285 -11.29 -12.27 -19.39
CA CYS E 285 -11.25 -11.26 -18.34
C CYS E 285 -12.63 -10.74 -18.10
N GLN E 286 -13.19 -11.08 -16.95
CA GLN E 286 -14.53 -10.68 -16.59
C GLN E 286 -14.52 -9.69 -15.43
N THR E 287 -15.09 -8.54 -15.67
CA THR E 287 -15.23 -7.47 -14.70
C THR E 287 -16.67 -7.46 -14.15
N ILE E 288 -16.88 -6.90 -12.96
CA ILE E 288 -18.23 -6.80 -12.40
C ILE E 288 -19.18 -5.98 -13.30
N THR E 289 -18.61 -5.11 -14.12
CA THR E 289 -19.38 -4.29 -15.06
C THR E 289 -19.21 -4.74 -16.53
N GLY E 290 -18.52 -5.85 -16.76
CA GLY E 290 -18.44 -6.38 -18.11
C GLY E 290 -17.14 -7.05 -18.55
N VAL E 291 -17.16 -7.60 -19.76
CA VAL E 291 -15.99 -8.29 -20.31
C VAL E 291 -15.01 -7.29 -20.90
N LEU E 292 -13.72 -7.48 -20.61
CA LEU E 292 -12.66 -6.80 -21.33
C LEU E 292 -12.07 -7.81 -22.30
N ARG E 293 -12.07 -7.46 -23.58
CA ARG E 293 -11.41 -8.25 -24.59
C ARG E 293 -10.36 -7.37 -25.21
N THR E 294 -9.12 -7.49 -24.73
CA THR E 294 -8.13 -6.46 -24.98
C THR E 294 -6.72 -6.99 -24.74
N ASN E 295 -5.73 -6.36 -25.38
CA ASN E 295 -4.34 -6.67 -25.08
C ASN E 295 -3.68 -5.52 -24.34
N LYS E 296 -4.48 -4.55 -23.95
CA LYS E 296 -3.91 -3.38 -23.30
C LYS E 296 -3.47 -3.69 -21.85
N THR E 297 -2.52 -2.89 -21.35
CA THR E 297 -1.86 -3.05 -20.04
C THR E 297 -2.69 -2.52 -18.88
N PHE E 298 -3.41 -1.43 -19.14
CA PHE E 298 -4.24 -0.79 -18.14
C PHE E 298 -5.70 -0.76 -18.58
N GLN E 299 -6.58 -0.65 -17.60
CA GLN E 299 -8.01 -0.45 -17.86
C GLN E 299 -8.65 0.45 -16.81
N ASN E 300 -9.62 1.27 -17.23
CA ASN E 300 -10.32 2.13 -16.30
C ASN E 300 -11.75 1.65 -16.06
N VAL E 301 -12.00 0.36 -16.28
CA VAL E 301 -13.36 -0.16 -16.22
C VAL E 301 -13.80 -0.50 -14.78
N SER E 302 -13.07 -1.39 -14.11
CA SER E 302 -13.37 -1.73 -12.72
C SER E 302 -12.22 -2.45 -12.01
N PRO E 303 -12.06 -2.17 -10.70
CA PRO E 303 -11.10 -2.88 -9.84
C PRO E 303 -11.55 -4.31 -9.46
N LEU E 304 -12.78 -4.67 -9.81
CA LEU E 304 -13.35 -5.96 -9.38
C LEU E 304 -13.49 -6.90 -10.57
N TRP E 305 -12.71 -7.98 -10.59
CA TRP E 305 -12.67 -8.86 -11.75
C TRP E 305 -12.18 -10.23 -11.40
N ILE E 306 -12.45 -11.16 -12.31
CA ILE E 306 -11.88 -12.50 -12.28
C ILE E 306 -11.27 -12.78 -13.67
N GLY E 307 -10.26 -13.64 -13.73
CA GLY E 307 -9.52 -13.92 -14.95
C GLY E 307 -8.22 -13.14 -15.01
N GLU E 308 -7.61 -13.04 -16.19
CA GLU E 308 -6.41 -12.24 -16.39
C GLU E 308 -6.77 -10.89 -16.98
N CYS E 309 -6.77 -9.85 -16.14
CA CYS E 309 -7.27 -8.56 -16.55
C CYS E 309 -6.13 -7.54 -16.49
N PRO E 310 -6.23 -6.45 -17.25
CA PRO E 310 -5.21 -5.40 -17.16
C PRO E 310 -5.36 -4.68 -15.82
N LYS E 311 -4.31 -3.98 -15.38
CA LYS E 311 -4.36 -3.22 -14.12
C LYS E 311 -5.30 -2.05 -14.13
N TYR E 312 -6.07 -1.93 -13.05
CA TYR E 312 -7.04 -0.88 -12.91
C TYR E 312 -6.33 0.41 -12.46
N VAL E 313 -6.63 1.51 -13.15
CA VAL E 313 -6.15 2.86 -12.79
C VAL E 313 -7.29 3.82 -13.10
N LYS E 314 -7.26 5.01 -12.49
CA LYS E 314 -8.34 5.97 -12.67
C LYS E 314 -8.14 6.84 -13.92
N SER E 315 -7.05 6.59 -14.65
CA SER E 315 -6.68 7.39 -15.81
C SER E 315 -7.71 7.28 -16.94
N GLU E 316 -7.84 8.32 -17.75
CA GLU E 316 -8.73 8.28 -18.91
C GLU E 316 -8.00 7.80 -20.18
N SER E 317 -6.71 8.11 -20.24
CA SER E 317 -5.83 7.72 -21.34
C SER E 317 -4.38 7.63 -20.86
N LEU E 318 -3.66 6.61 -21.31
CA LEU E 318 -2.23 6.48 -21.03
C LEU E 318 -1.47 6.28 -22.36
N ARG E 319 -1.29 7.34 -23.12
CA ARG E 319 -0.72 7.16 -24.44
C ARG E 319 0.77 7.48 -24.45
N LEU E 320 1.55 6.50 -24.88
CA LEU E 320 3.00 6.58 -24.95
C LEU E 320 3.42 6.99 -26.34
N ALA E 321 4.24 8.03 -26.45
CA ALA E 321 4.82 8.37 -27.74
C ALA E 321 5.78 7.26 -28.12
N THR E 322 5.75 6.85 -29.40
CA THR E 322 6.78 5.94 -29.88
C THR E 322 7.56 6.64 -31.04
N GLY E 323 6.82 7.39 -31.86
CA GLY E 323 7.35 8.22 -32.93
C GLY E 323 7.82 9.59 -32.46
N LEU E 324 8.18 10.43 -33.39
CA LEU E 324 8.64 11.77 -33.02
C LEU E 324 7.59 12.89 -33.12
N ARG E 325 7.98 14.07 -32.66
CA ARG E 325 7.14 15.24 -32.76
C ARG E 325 6.72 15.46 -34.24
N ASN E 326 5.41 15.54 -34.49
CA ASN E 326 4.92 15.58 -35.88
C ASN E 326 4.90 17.02 -36.38
N VAL E 327 5.75 17.34 -37.35
CA VAL E 327 5.81 18.72 -37.86
C VAL E 327 5.71 18.77 -39.38
N PRO E 328 4.51 18.45 -39.91
CA PRO E 328 4.26 18.41 -41.36
C PRO E 328 4.22 19.81 -41.95
N GLN E 329 4.46 19.92 -43.26
CA GLN E 329 4.27 21.20 -43.94
C GLN E 329 2.92 21.32 -44.62
N GLY F 1 14.07 21.56 -29.13
CA GLY F 1 13.72 20.33 -28.46
C GLY F 1 15.08 20.32 -27.83
N ILE F 2 15.44 19.42 -26.90
CA ILE F 2 16.73 19.50 -26.17
C ILE F 2 18.06 19.39 -26.95
N PHE F 3 18.08 18.56 -27.99
CA PHE F 3 19.23 18.47 -28.87
C PHE F 3 19.14 19.48 -30.00
N GLY F 4 18.01 20.18 -30.08
CA GLY F 4 17.91 21.38 -30.90
C GLY F 4 17.68 21.19 -32.38
N ALA F 5 17.56 19.94 -32.84
CA ALA F 5 17.33 19.67 -34.25
C ALA F 5 15.87 19.63 -34.63
N ILE F 6 15.07 18.79 -33.96
CA ILE F 6 13.67 18.64 -34.30
C ILE F 6 12.92 19.89 -33.82
N ALA F 7 12.08 20.43 -34.71
CA ALA F 7 11.40 21.71 -34.46
C ALA F 7 12.38 22.77 -33.99
N GLY F 8 13.59 22.73 -34.52
CA GLY F 8 14.69 23.53 -34.03
C GLY F 8 15.40 24.06 -35.26
N PHE F 9 16.69 23.77 -35.40
CA PHE F 9 17.40 24.32 -36.53
C PHE F 9 16.94 23.59 -37.80
N ILE F 10 16.36 22.40 -37.65
CA ILE F 10 15.62 21.76 -38.76
C ILE F 10 14.14 21.99 -38.47
N GLU F 11 13.57 22.97 -39.13
CA GLU F 11 12.35 23.61 -38.67
C GLU F 11 11.11 22.74 -38.81
N GLY F 12 11.13 21.85 -39.79
CA GLY F 12 9.96 21.03 -40.05
C GLY F 12 10.34 19.62 -40.39
N GLY F 13 9.35 18.74 -40.38
CA GLY F 13 9.60 17.37 -40.80
C GLY F 13 9.27 17.21 -42.27
N TRP F 14 9.38 15.97 -42.75
CA TRP F 14 9.20 15.67 -44.17
C TRP F 14 8.09 14.64 -44.37
N THR F 15 6.90 15.08 -44.77
CA THR F 15 5.83 14.13 -45.11
C THR F 15 6.20 13.21 -46.27
N GLY F 16 7.23 13.63 -47.01
CA GLY F 16 7.68 12.91 -48.18
C GLY F 16 8.56 11.72 -47.86
N MET F 17 9.18 11.72 -46.67
CA MET F 17 10.04 10.60 -46.27
C MET F 17 9.22 9.57 -45.49
N ILE F 18 8.75 8.55 -46.22
CA ILE F 18 7.72 7.63 -45.76
C ILE F 18 8.26 6.40 -45.06
N ASP F 19 9.48 6.01 -45.40
CA ASP F 19 9.99 4.70 -45.01
C ASP F 19 10.95 4.72 -43.83
N GLY F 20 10.99 5.82 -43.11
CA GLY F 20 11.87 5.93 -41.97
C GLY F 20 11.52 7.08 -41.06
N TRP F 21 12.16 7.11 -39.89
CA TRP F 21 12.00 8.20 -38.95
C TRP F 21 12.96 9.34 -39.25
N TYR F 22 14.21 8.97 -39.54
CA TYR F 22 15.29 9.90 -39.85
C TYR F 22 15.86 9.57 -41.22
N GLY F 23 16.44 10.56 -41.89
CA GLY F 23 17.01 10.32 -43.22
C GLY F 23 17.44 11.55 -43.99
N TYR F 24 17.42 11.44 -45.32
CA TYR F 24 18.00 12.47 -46.18
C TYR F 24 17.14 12.96 -47.33
N HIS F 25 17.22 14.27 -47.59
CA HIS F 25 16.66 14.88 -48.79
C HIS F 25 17.82 15.42 -49.62
N HIS F 26 17.88 15.00 -50.88
CA HIS F 26 18.94 15.49 -51.75
C HIS F 26 18.33 16.23 -52.90
N GLU F 27 19.11 17.12 -53.51
CA GLU F 27 18.76 17.68 -54.80
C GLU F 27 20.04 17.74 -55.66
N ASN F 28 19.90 17.34 -56.90
CA ASN F 28 20.99 17.46 -57.88
C ASN F 28 20.41 17.48 -59.28
N SER F 29 21.28 17.60 -60.31
CA SER F 29 20.82 17.72 -61.70
C SER F 29 19.91 16.56 -62.15
N GLN F 30 20.04 15.40 -61.54
CA GLN F 30 19.24 14.23 -61.91
C GLN F 30 17.88 14.17 -61.23
N GLY F 31 17.69 14.98 -60.19
CA GLY F 31 16.42 15.04 -59.49
C GLY F 31 16.52 15.39 -58.01
N SER F 32 15.46 15.09 -57.26
CA SER F 32 15.45 15.32 -55.82
C SER F 32 14.63 14.21 -55.17
N GLY F 33 14.85 13.99 -53.89
CA GLY F 33 14.07 12.96 -53.22
C GLY F 33 14.47 12.70 -51.79
N TYR F 34 13.87 11.66 -51.23
CA TYR F 34 13.99 11.30 -49.82
C TYR F 34 14.47 9.88 -49.65
N ALA F 35 15.25 9.65 -48.61
CA ALA F 35 15.73 8.32 -48.27
C ALA F 35 15.95 8.21 -46.75
N ALA F 36 15.31 7.22 -46.13
CA ALA F 36 15.48 6.95 -44.72
C ALA F 36 16.87 6.43 -44.46
N ASP F 37 17.43 6.78 -43.30
CA ASP F 37 18.64 6.14 -42.82
C ASP F 37 18.17 4.90 -42.06
N ARG F 38 18.34 3.75 -42.70
CA ARG F 38 17.82 2.46 -42.25
C ARG F 38 18.40 2.05 -40.91
N GLU F 39 19.70 2.28 -40.73
CA GLU F 39 20.36 1.80 -39.51
C GLU F 39 19.93 2.57 -38.26
N SER F 40 19.95 3.91 -38.30
CA SER F 40 19.54 4.64 -37.11
C SER F 40 18.03 4.46 -36.86
N THR F 41 17.23 4.42 -37.93
CA THR F 41 15.80 4.22 -37.79
C THR F 41 15.51 2.87 -37.12
N GLN F 42 16.18 1.82 -37.56
CA GLN F 42 15.97 0.51 -36.97
C GLN F 42 16.48 0.44 -35.54
N LYS F 43 17.65 1.04 -35.29
CA LYS F 43 18.20 1.08 -33.94
C LYS F 43 17.24 1.82 -32.98
N ALA F 44 16.60 2.90 -33.45
CA ALA F 44 15.57 3.61 -32.67
C ALA F 44 14.33 2.74 -32.40
N ILE F 45 13.79 2.14 -33.47
CA ILE F 45 12.64 1.23 -33.35
C ILE F 45 12.94 0.15 -32.32
N ASP F 46 14.16 -0.38 -32.34
CA ASP F 46 14.55 -1.44 -31.40
C ASP F 46 14.55 -0.93 -29.95
N GLY F 47 15.13 0.26 -29.73
CA GLY F 47 15.17 0.85 -28.40
C GLY F 47 13.77 1.23 -27.94
N ILE F 48 13.00 1.89 -28.79
CA ILE F 48 11.65 2.28 -28.42
C ILE F 48 10.79 1.03 -28.13
N THR F 49 10.91 -0.01 -28.95
CA THR F 49 10.18 -1.23 -28.68
C THR F 49 10.55 -1.85 -27.34
N ASN F 50 11.85 -1.92 -27.07
CA ASN F 50 12.29 -2.42 -25.78
C ASN F 50 11.72 -1.62 -24.60
N LYS F 51 11.65 -0.30 -24.74
CA LYS F 51 11.14 0.57 -23.69
C LYS F 51 9.67 0.31 -23.43
N VAL F 52 8.89 0.33 -24.50
CA VAL F 52 7.48 -0.03 -24.43
C VAL F 52 7.29 -1.38 -23.76
N ASN F 53 8.09 -2.38 -24.17
CA ASN F 53 7.92 -3.72 -23.64
C ASN F 53 8.36 -3.85 -22.18
N SER F 54 9.38 -3.09 -21.80
CA SER F 54 9.83 -3.02 -20.40
C SER F 54 8.74 -2.42 -19.53
N ILE F 55 8.10 -1.36 -20.02
CA ILE F 55 7.07 -0.69 -19.24
C ILE F 55 5.88 -1.62 -19.05
N ILE F 56 5.47 -2.31 -20.10
CA ILE F 56 4.37 -3.27 -20.00
C ILE F 56 4.72 -4.40 -19.02
N ASN F 57 5.93 -4.93 -19.14
CA ASN F 57 6.37 -6.01 -18.27
C ASN F 57 6.42 -5.62 -16.79
N LYS F 58 6.99 -4.46 -16.47
CA LYS F 58 7.00 -3.95 -15.08
C LYS F 58 5.60 -3.65 -14.54
N MET F 59 4.67 -3.35 -15.44
CA MET F 59 3.29 -3.04 -15.06
C MET F 59 2.38 -4.28 -15.01
N ASN F 60 2.98 -5.45 -15.18
CA ASN F 60 2.26 -6.71 -15.28
C ASN F 60 1.45 -7.17 -14.04
N THR F 61 1.94 -6.88 -12.85
CA THR F 61 1.22 -7.26 -11.65
C THR F 61 -0.08 -6.46 -11.45
N GLN F 62 -1.03 -7.03 -10.73
CA GLN F 62 -2.27 -6.31 -10.45
C GLN F 62 -2.55 -6.32 -8.95
N PHE F 63 -3.02 -5.21 -8.41
CA PHE F 63 -3.58 -5.24 -7.08
C PHE F 63 -5.04 -5.67 -7.20
N GLU F 64 -5.47 -6.60 -6.35
CA GLU F 64 -6.84 -7.07 -6.49
C GLU F 64 -7.75 -6.59 -5.36
N ALA F 65 -8.77 -5.81 -5.73
CA ALA F 65 -9.86 -5.43 -4.82
C ALA F 65 -10.77 -6.63 -4.66
N VAL F 66 -11.45 -6.75 -3.52
CA VAL F 66 -12.27 -7.96 -3.29
C VAL F 66 -13.78 -7.87 -3.07
N ASP F 67 -14.31 -6.74 -2.61
CA ASP F 67 -15.75 -6.68 -2.24
C ASP F 67 -16.24 -7.80 -1.31
N HIS F 68 -15.52 -8.05 -0.23
CA HIS F 68 -16.07 -8.81 0.88
C HIS F 68 -17.14 -7.94 1.49
N GLU F 69 -18.05 -8.53 2.24
CA GLU F 69 -19.07 -7.75 2.95
C GLU F 69 -18.60 -7.49 4.38
N PHE F 70 -19.13 -6.45 5.02
CA PHE F 70 -18.78 -6.18 6.42
C PHE F 70 -20.04 -5.83 7.18
N SER F 71 -20.13 -6.30 8.42
CA SER F 71 -21.35 -6.16 9.21
C SER F 71 -21.45 -4.76 9.80
N ASN F 72 -22.54 -4.50 10.52
CA ASN F 72 -22.69 -3.18 11.17
C ASN F 72 -21.88 -3.04 12.47
N LEU F 73 -21.11 -4.07 12.81
CA LEU F 73 -20.04 -3.98 13.82
C LEU F 73 -18.63 -4.07 13.21
N GLU F 74 -18.51 -3.80 11.92
CA GLU F 74 -17.22 -3.90 11.24
C GLU F 74 -16.92 -2.65 10.42
N ARG F 75 -17.37 -1.50 10.91
CA ARG F 75 -17.13 -0.23 10.28
C ARG F 75 -15.62 0.03 10.16
N ARG F 76 -14.88 -0.24 11.23
CA ARG F 76 -13.44 0.01 11.21
C ARG F 76 -12.70 -0.87 10.18
N ILE F 77 -12.92 -2.18 10.18
CA ILE F 77 -12.19 -2.99 9.20
C ILE F 77 -12.73 -2.77 7.79
N GLY F 78 -14.04 -2.49 7.68
CA GLY F 78 -14.63 -2.14 6.41
C GLY F 78 -13.93 -0.93 5.81
N ASN F 79 -13.83 0.14 6.60
CA ASN F 79 -13.14 1.37 6.20
C ASN F 79 -11.63 1.13 5.94
N LEU F 80 -11.02 0.25 6.73
CA LEU F 80 -9.61 -0.10 6.55
C LEU F 80 -9.37 -0.67 5.14
N ASN F 81 -10.25 -1.59 4.75
CA ASN F 81 -10.15 -2.22 3.44
C ASN F 81 -10.31 -1.22 2.29
N LYS F 82 -11.27 -0.32 2.46
CA LYS F 82 -11.56 0.73 1.51
C LYS F 82 -10.32 1.62 1.32
N ARG F 83 -9.82 2.17 2.43
CA ARG F 83 -8.64 3.02 2.41
C ARG F 83 -7.45 2.27 1.86
N MET F 84 -7.32 0.99 2.19
CA MET F 84 -6.24 0.17 1.64
C MET F 84 -6.33 0.09 0.09
N GLU F 85 -7.50 -0.30 -0.42
CA GLU F 85 -7.69 -0.47 -1.85
C GLU F 85 -7.63 0.88 -2.60
N ASP F 86 -8.18 1.93 -2.01
CA ASP F 86 -8.06 3.24 -2.62
C ASP F 86 -6.62 3.74 -2.58
N GLY F 87 -5.87 3.34 -1.55
CA GLY F 87 -4.48 3.76 -1.43
C GLY F 87 -3.63 3.16 -2.54
N PHE F 88 -3.82 1.86 -2.80
CA PHE F 88 -3.04 1.24 -3.89
C PHE F 88 -3.46 1.73 -5.27
N LEU F 89 -4.77 1.93 -5.44
CA LEU F 89 -5.28 2.56 -6.65
C LEU F 89 -4.60 3.91 -6.93
N ASP F 90 -4.51 4.75 -5.90
CA ASP F 90 -3.88 6.05 -6.07
C ASP F 90 -2.39 5.94 -6.39
N VAL F 91 -1.68 5.00 -5.76
CA VAL F 91 -0.26 4.80 -6.04
C VAL F 91 -0.01 4.32 -7.48
N TRP F 92 -0.80 3.38 -7.99
CA TRP F 92 -0.59 2.88 -9.34
C TRP F 92 -1.02 3.91 -10.39
N THR F 93 -2.07 4.68 -10.08
CA THR F 93 -2.54 5.70 -11.00
C THR F 93 -1.49 6.77 -11.16
N TYR F 94 -0.92 7.14 -10.02
CA TYR F 94 0.23 8.03 -10.01
C TYR F 94 1.40 7.40 -10.77
N ASN F 95 1.81 6.18 -10.43
CA ASN F 95 2.97 5.59 -11.11
C ASN F 95 2.82 5.60 -12.62
N ALA F 96 1.66 5.15 -13.09
CA ALA F 96 1.41 5.04 -14.53
C ALA F 96 1.40 6.42 -15.20
N GLU F 97 0.67 7.39 -14.64
CA GLU F 97 0.55 8.68 -15.28
C GLU F 97 1.86 9.48 -15.29
N LEU F 98 2.62 9.43 -14.19
CA LEU F 98 3.90 10.13 -14.16
C LEU F 98 4.90 9.47 -15.12
N LEU F 99 4.93 8.15 -15.12
CA LEU F 99 5.86 7.43 -15.99
C LEU F 99 5.60 7.78 -17.47
N VAL F 100 4.33 7.85 -17.86
CA VAL F 100 4.01 8.21 -19.25
C VAL F 100 4.46 9.65 -19.60
N LEU F 101 4.25 10.60 -18.70
CA LEU F 101 4.69 11.97 -18.94
C LEU F 101 6.19 12.07 -19.04
N LEU F 102 6.89 11.39 -18.14
CA LEU F 102 8.35 11.39 -18.13
C LEU F 102 8.91 10.73 -19.36
N GLU F 103 8.34 9.58 -19.72
CA GLU F 103 8.91 8.78 -20.79
C GLU F 103 8.61 9.42 -22.13
N ASN F 104 7.45 10.06 -22.27
CA ASN F 104 7.17 10.80 -23.48
C ASN F 104 8.18 11.95 -23.70
N GLU F 105 8.52 12.69 -22.64
CA GLU F 105 9.55 13.72 -22.74
C GLU F 105 10.88 13.16 -23.20
N ARG F 106 11.29 12.04 -22.63
CA ARG F 106 12.59 11.47 -22.99
C ARG F 106 12.59 10.85 -24.41
N THR F 107 11.48 10.24 -24.82
CA THR F 107 11.42 9.67 -26.16
C THR F 107 11.50 10.74 -27.24
N LEU F 108 10.86 11.88 -27.02
CA LEU F 108 10.98 12.95 -27.97
C LEU F 108 12.43 13.42 -28.04
N ASP F 109 13.11 13.47 -26.89
CA ASP F 109 14.52 13.90 -26.89
C ASP F 109 15.43 12.89 -27.60
N LEU F 110 15.09 11.63 -27.48
CA LEU F 110 15.84 10.56 -28.13
C LEU F 110 15.83 10.74 -29.65
N HIS F 111 14.64 10.91 -30.20
CA HIS F 111 14.48 11.18 -31.63
C HIS F 111 15.30 12.41 -32.02
N ASP F 112 15.22 13.46 -31.21
CA ASP F 112 15.96 14.71 -31.45
C ASP F 112 17.47 14.44 -31.48
N ALA F 113 17.98 13.67 -30.52
CA ALA F 113 19.41 13.31 -30.53
C ALA F 113 19.83 12.53 -31.79
N ASN F 114 18.96 11.64 -32.25
CA ASN F 114 19.27 10.74 -33.36
C ASN F 114 19.37 11.55 -34.64
N VAL F 115 18.48 12.54 -34.78
CA VAL F 115 18.54 13.42 -35.95
C VAL F 115 19.80 14.25 -35.94
N LYS F 116 20.10 14.84 -34.78
CA LYS F 116 21.30 15.62 -34.58
C LYS F 116 22.58 14.79 -34.84
N ASN F 117 22.62 13.56 -34.36
CA ASN F 117 23.79 12.71 -34.56
C ASN F 117 23.96 12.35 -36.05
N LEU F 118 22.85 12.25 -36.77
CA LEU F 118 22.91 11.98 -38.21
C LEU F 118 23.45 13.19 -38.98
N TYR F 119 23.00 14.37 -38.57
CA TYR F 119 23.47 15.61 -39.13
C TYR F 119 24.98 15.76 -38.93
N GLU F 120 25.47 15.45 -37.74
CA GLU F 120 26.90 15.57 -37.47
C GLU F 120 27.73 14.50 -38.20
N LYS F 121 27.11 13.35 -38.46
CA LYS F 121 27.72 12.27 -39.23
C LYS F 121 28.05 12.74 -40.66
N VAL F 122 27.07 13.34 -41.32
CA VAL F 122 27.28 13.90 -42.65
C VAL F 122 28.26 15.07 -42.65
N LYS F 123 28.03 16.02 -41.76
CA LYS F 123 28.89 17.18 -41.61
C LYS F 123 30.39 16.79 -41.57
N SER F 124 30.72 15.78 -40.77
CA SER F 124 32.12 15.42 -40.62
C SER F 124 32.69 14.68 -41.84
N GLN F 125 31.82 14.06 -42.64
CA GLN F 125 32.26 13.50 -43.92
C GLN F 125 32.62 14.60 -44.91
N LEU F 126 31.73 15.59 -45.01
CA LEU F 126 31.80 16.57 -46.10
C LEU F 126 32.94 17.56 -45.94
N ARG F 127 33.23 17.92 -44.69
CA ARG F 127 34.26 18.90 -44.38
C ARG F 127 33.98 20.19 -45.11
N ASP F 128 34.96 20.72 -45.84
CA ASP F 128 34.77 21.98 -46.56
C ASP F 128 34.41 21.81 -48.04
N ASN F 129 34.22 20.57 -48.49
CA ASN F 129 33.65 20.27 -49.81
C ASN F 129 32.17 20.65 -49.91
N ALA F 130 31.62 21.17 -48.82
CA ALA F 130 30.25 21.66 -48.79
C ALA F 130 30.07 22.76 -47.76
N ASN F 131 29.08 23.58 -47.99
CA ASN F 131 28.68 24.63 -47.07
C ASN F 131 27.51 24.18 -46.18
N ASP F 132 27.68 24.32 -44.86
CA ASP F 132 26.63 24.00 -43.90
C ASP F 132 25.74 25.22 -43.81
N LEU F 133 24.53 25.10 -44.35
CA LEU F 133 23.55 26.16 -44.22
C LEU F 133 22.93 26.03 -42.80
N GLY F 134 22.12 26.98 -42.37
CA GLY F 134 21.63 26.91 -40.99
C GLY F 134 20.79 25.70 -40.60
N ASN F 135 20.16 25.15 -41.63
CA ASN F 135 18.98 24.34 -41.53
C ASN F 135 19.11 22.81 -41.64
N GLY F 136 20.30 22.25 -41.46
CA GLY F 136 20.52 20.82 -41.62
C GLY F 136 20.82 20.46 -43.08
N CYS F 137 20.97 21.49 -43.93
CA CYS F 137 21.25 21.27 -45.35
C CYS F 137 22.70 21.64 -45.67
N PHE F 138 23.30 20.88 -46.58
CA PHE F 138 24.66 21.15 -47.04
C PHE F 138 24.65 21.40 -48.55
N GLU F 139 25.16 22.55 -48.97
CA GLU F 139 25.27 22.86 -50.39
C GLU F 139 26.69 22.51 -50.85
N PHE F 140 26.82 21.53 -51.75
CA PHE F 140 28.13 21.06 -52.23
C PHE F 140 28.89 22.12 -53.04
N TRP F 141 30.21 22.14 -52.89
CA TRP F 141 31.08 23.01 -53.68
C TRP F 141 31.51 22.28 -54.94
N HIS F 142 30.97 21.10 -55.16
CA HIS F 142 31.23 20.32 -56.37
C HIS F 142 29.94 19.72 -56.90
N LYS F 143 30.05 18.96 -57.99
CA LYS F 143 28.88 18.30 -58.55
C LYS F 143 28.68 16.94 -57.89
N CYS F 144 27.52 16.76 -57.27
CA CYS F 144 27.25 15.52 -56.57
C CYS F 144 26.16 14.68 -57.26
N ASP F 145 26.65 13.60 -57.86
CA ASP F 145 25.96 12.59 -58.63
C ASP F 145 25.11 11.71 -57.73
N ASN F 146 24.21 10.90 -58.30
CA ASN F 146 23.39 10.01 -57.49
C ASN F 146 24.29 9.04 -56.74
N GLU F 147 25.35 8.55 -57.41
CA GLU F 147 26.38 7.75 -56.76
C GLU F 147 27.01 8.51 -55.60
N CYS F 148 27.31 9.77 -55.86
CA CYS F 148 27.94 10.62 -54.87
C CYS F 148 27.03 10.81 -53.64
N MET F 149 25.73 11.00 -53.86
CA MET F 149 24.75 11.14 -52.77
C MET F 149 24.65 9.84 -51.98
N GLU F 150 24.65 8.72 -52.69
CA GLU F 150 24.62 7.41 -52.07
C GLU F 150 25.82 7.21 -51.16
N SER F 151 27.00 7.63 -51.62
CA SER F 151 28.21 7.47 -50.83
C SER F 151 28.09 8.26 -49.51
N VAL F 152 27.52 9.46 -49.59
CA VAL F 152 27.25 10.24 -48.39
C VAL F 152 26.30 9.49 -47.43
N LYS F 153 25.19 9.00 -47.96
CA LYS F 153 24.21 8.29 -47.15
C LYS F 153 24.81 7.02 -46.58
N ASN F 154 25.80 6.48 -47.29
CA ASN F 154 26.49 5.23 -46.96
C ASN F 154 27.59 5.33 -45.92
N GLY F 155 28.10 6.54 -45.70
CA GLY F 155 29.27 6.74 -44.88
C GLY F 155 30.55 6.50 -45.67
N THR F 156 30.45 6.31 -46.99
CA THR F 156 31.65 6.09 -47.78
C THR F 156 32.02 7.25 -48.71
N TYR F 157 31.62 8.47 -48.35
CA TYR F 157 31.96 9.64 -49.17
C TYR F 157 33.47 9.88 -49.28
N ASP F 158 33.93 10.23 -50.48
CA ASP F 158 35.35 10.37 -50.75
C ASP F 158 35.72 11.85 -50.82
N TYR F 159 36.21 12.41 -49.70
CA TYR F 159 36.59 13.82 -49.66
C TYR F 159 37.78 14.16 -50.58
N PRO F 160 38.87 13.36 -50.54
CA PRO F 160 39.97 13.75 -51.44
C PRO F 160 39.56 13.78 -52.91
N LYS F 161 38.69 12.85 -53.31
CA LYS F 161 38.19 12.74 -54.68
C LYS F 161 37.61 14.03 -55.22
N TYR F 162 37.01 14.82 -54.33
CA TYR F 162 36.39 16.08 -54.77
C TYR F 162 37.03 17.33 -54.19
N GLN F 163 38.15 17.19 -53.50
CA GLN F 163 38.70 18.33 -52.77
C GLN F 163 39.12 19.48 -53.71
N LYS F 164 39.81 19.17 -54.81
CA LYS F 164 40.31 20.22 -55.70
C LYS F 164 39.18 20.94 -56.44
N GLU F 165 38.19 20.18 -56.90
CA GLU F 165 37.03 20.74 -57.57
C GLU F 165 36.31 21.70 -56.62
N SER F 166 36.23 21.33 -55.35
CA SER F 166 35.54 22.14 -54.34
C SER F 166 36.28 23.43 -54.04
N LYS F 167 37.60 23.35 -53.95
CA LYS F 167 38.42 24.53 -53.66
C LYS F 167 38.25 25.59 -54.75
N LEU F 168 38.29 25.13 -55.99
CA LEU F 168 38.12 26.01 -57.16
C LEU F 168 36.92 26.91 -57.01
N ASN F 169 35.78 26.32 -56.65
CA ASN F 169 34.52 27.05 -56.55
C ASN F 169 34.34 27.68 -55.17
N ARG F 170 34.93 27.07 -54.15
CA ARG F 170 34.87 27.62 -52.80
C ARG F 170 35.58 28.97 -52.75
N GLN F 171 36.42 29.24 -53.75
CA GLN F 171 37.11 30.51 -53.88
C GLN F 171 36.84 31.16 -55.23
N GLY F 172 36.29 30.38 -56.17
CA GLY F 172 35.96 30.90 -57.49
C GLY F 172 34.78 31.84 -57.49
C1 NAG G . -15.58 -44.81 35.72
C2 NAG G . -14.23 -44.09 35.60
C3 NAG G . -14.02 -43.44 34.24
C4 NAG G . -14.37 -44.39 33.10
C5 NAG G . -15.75 -45.00 33.33
C6 NAG G . -16.08 -46.02 32.25
C7 NAG G . -12.93 -42.63 37.01
C8 NAG G . -12.93 -41.35 37.79
N2 NAG G . -14.12 -43.11 36.65
O1 NAG G . -15.53 -45.65 36.87
O3 NAG G . -12.64 -43.06 34.12
O4 NAG G . -14.39 -43.72 31.86
O5 NAG G . -15.84 -45.62 34.60
O6 NAG G . -15.30 -47.21 32.43
O7 NAG G . -11.90 -43.22 36.73
C1 GAL G . -13.08 -43.60 31.26
C2 GAL G . -13.22 -43.65 29.75
C3 GAL G . -11.85 -43.61 29.08
C4 GAL G . -11.05 -42.42 29.59
C5 GAL G . -11.09 -42.36 31.11
C6 GAL G . -10.44 -41.08 31.63
O2 GAL G . -13.92 -44.82 29.37
O3 GAL G . -12.01 -43.51 27.68
O4 GAL G . -11.57 -41.23 29.07
O5 GAL G . -12.42 -42.40 31.59
O6 GAL G . -10.18 -41.28 33.00
C1 SIA G . -8.70 -39.54 32.68
C2 SIA G . -9.72 -40.09 33.69
C3 SIA G . -9.25 -40.50 35.07
C4 SIA G . -9.04 -39.31 35.99
C5 SIA G . -10.26 -38.41 35.99
C6 SIA G . -10.67 -38.05 34.56
C7 SIA G . -11.87 -37.12 34.47
C8 SIA G . -12.42 -37.13 33.04
C9 SIA G . -13.66 -36.32 32.82
C10 SIA G . -10.91 -36.53 37.31
C11 SIA G . -10.48 -35.38 38.10
N5 SIA G . -9.96 -37.22 36.71
O1A SIA G . -7.51 -39.87 32.84
O1B SIA G . -9.08 -38.78 31.79
O4 SIA G . -8.62 -39.65 37.31
O6 SIA G . -10.83 -39.20 33.74
O7 SIA G . -12.85 -37.53 35.41
O8 SIA G . -11.41 -36.68 32.18
O9 SIA G . -14.33 -36.87 31.69
O10 SIA G . -12.08 -36.84 37.21
C1 NAG H . 21.34 -11.17 -20.29
C2 NAG H . 20.21 -10.85 -19.31
C3 NAG H . 19.53 -12.13 -18.84
C4 NAG H . 19.10 -12.95 -20.06
C5 NAG H . 20.23 -13.09 -21.07
C6 NAG H . 19.78 -13.58 -22.42
C7 NAG H . 21.80 -9.53 -18.01
C8 NAG H . 21.59 -8.20 -17.36
N2 NAG H . 20.76 -10.34 -18.07
O3 NAG H . 18.35 -11.84 -18.09
O4 NAG H . 18.62 -14.21 -19.58
O5 NAG H . 20.80 -11.85 -21.40
O6 NAG H . 20.63 -12.88 -23.34
O7 NAG H . 22.86 -9.87 -18.48
C1 NAG I . -4.51 -3.51 45.67
C2 NAG I . -5.86 -3.23 46.34
C3 NAG I . -5.99 -1.77 46.76
C4 NAG I . -4.76 -1.35 47.55
C5 NAG I . -3.52 -1.61 46.72
C6 NAG I . -2.38 -1.41 47.70
C7 NAG I . -8.06 -4.16 46.30
C8 NAG I . -9.30 -4.42 45.53
N2 NAG I . -7.06 -3.62 45.64
O3 NAG I . -7.18 -1.62 47.51
O4 NAG I . -4.89 0.03 47.90
O5 NAG I . -3.43 -2.97 46.39
O6 NAG I . -2.57 -2.29 48.82
O7 NAG I . -7.98 -4.45 47.47
C1 NAG J . -3.74 9.30 -43.24
C2 NAG J . -4.94 9.24 -44.19
C3 NAG J . -5.39 7.81 -44.48
C4 NAG J . -4.19 6.99 -44.90
C5 NAG J . -3.12 7.06 -43.83
C6 NAG J . -1.89 6.34 -44.31
C7 NAG J . -6.85 10.83 -43.87
C8 NAG J . -6.34 12.22 -43.66
N2 NAG J . -6.04 9.84 -43.47
O3 NAG J . -6.33 7.87 -45.56
O4 NAG J . -4.59 5.64 -45.11
O5 NAG J . -2.72 8.39 -43.62
O6 NAG J . -1.19 7.26 -45.14
O7 NAG J . -7.97 10.64 -44.32
C1 NAG K . -14.39 -42.15 12.11
C2 NAG K . -13.73 -42.46 13.46
C3 NAG K . -12.22 -42.64 13.33
C4 NAG K . -11.93 -43.62 12.21
C5 NAG K . -12.57 -43.13 10.91
C6 NAG K . -12.18 -44.18 9.88
C7 NAG K . -14.56 -41.69 15.59
C8 NAG K . -13.86 -41.22 16.81
N2 NAG K . -13.97 -41.43 14.44
O3 NAG K . -11.85 -43.22 14.56
O4 NAG K . -10.53 -43.79 12.06
O5 NAG K . -13.97 -43.02 11.10
O6 NAG K . -13.18 -45.18 9.73
O7 NAG K . -15.61 -42.25 15.69
C1 NAG L . 27.16 2.41 -51.19
C2 NAG L . 26.25 1.21 -51.47
C3 NAG L . 26.59 0.53 -52.79
C4 NAG L . 26.68 1.56 -53.90
C5 NAG L . 27.69 2.64 -53.53
C6 NAG L . 27.79 3.78 -54.49
C7 NAG L . 26.49 0.20 -49.17
C8 NAG L . 27.67 1.02 -48.75
N2 NAG L . 26.23 0.17 -50.47
O3 NAG L . 25.68 -0.52 -53.13
O4 NAG L . 26.93 0.86 -55.11
O5 NAG L . 27.30 3.26 -52.32
O6 NAG L . 28.48 4.77 -53.73
O7 NAG L . 25.82 -0.42 -48.37
#